data_3GD5
#
_entry.id   3GD5
#
_cell.length_a   99.563
_cell.length_b   142.423
_cell.length_c   149.273
_cell.angle_alpha   90.00
_cell.angle_beta   90.00
_cell.angle_gamma   90.00
#
_symmetry.space_group_name_H-M   'P 21 21 21'
#
loop_
_entity.id
_entity.type
_entity.pdbx_description
1 polymer 'Ornithine carbamoyltransferase'
2 water water
#
_entity_poly.entity_id   1
_entity_poly.type   'polypeptide(L)'
_entity_poly.pdbx_seq_one_letter_code
;MSLSASLGATRFRPDLLSLDDLDEAQLHALLTLAHQLKRGERVANLHGKVLGLVFLKASTRTRVSFTVAMYQLGGQVIDL
SPSNTQVGRGEPVRDTARVLGRYVDGLAIRTFAQTELEEYAHYAGIPVINALTDHEHPCQVVADLLTIRENFGRLAGLKL
AYVGDGNNVAHSLLLGCAKVGMSIAVATPEGFTPDPAVSARASEIAGRTGAEVQILRDPFEAARGAHILYTDVWTSMGQE
AETQHRLQLFEQYQINAALLNCAAAEAIVLHCLPAHRGEEITDEVMEGPRSRIWDEAENRLHAQKAVLAALMGGREGHHH
HHH
;
_entity_poly.pdbx_strand_id   A,B,C,D,E,F
#
# COMPACT_ATOMS: atom_id res chain seq x y z
N THR A 10 -34.06 -9.84 -36.87
CA THR A 10 -34.20 -8.45 -36.36
C THR A 10 -32.83 -7.79 -36.30
N ARG A 11 -32.79 -6.49 -36.55
CA ARG A 11 -31.55 -5.72 -36.51
C ARG A 11 -31.44 -5.08 -35.13
N PHE A 12 -30.21 -4.96 -34.63
CA PHE A 12 -29.99 -4.35 -33.33
C PHE A 12 -29.16 -3.10 -33.54
N ARG A 13 -29.09 -2.25 -32.52
CA ARG A 13 -28.27 -1.05 -32.61
C ARG A 13 -26.83 -1.57 -32.43
N PRO A 14 -25.84 -0.70 -32.66
CA PRO A 14 -24.44 -1.12 -32.51
C PRO A 14 -24.05 -1.57 -31.11
N ASP A 15 -24.53 -0.85 -30.09
CA ASP A 15 -24.19 -1.14 -28.71
C ASP A 15 -25.35 -1.56 -27.80
N LEU A 16 -24.99 -2.02 -26.61
CA LEU A 16 -25.97 -2.39 -25.58
C LEU A 16 -25.45 -1.74 -24.31
N LEU A 17 -25.71 -0.44 -24.20
CA LEU A 17 -25.29 0.38 -23.06
C LEU A 17 -26.35 0.42 -21.99
N SER A 18 -27.60 0.39 -22.44
CA SER A 18 -28.77 0.45 -21.58
C SER A 18 -29.76 -0.57 -22.11
N LEU A 19 -30.57 -1.14 -21.23
CA LEU A 19 -31.55 -2.11 -21.69
C LEU A 19 -32.51 -1.40 -22.66
N ASP A 20 -32.59 -0.07 -22.51
CA ASP A 20 -33.46 0.73 -23.37
C ASP A 20 -32.90 0.92 -24.77
N ASP A 21 -31.83 0.21 -25.09
CA ASP A 21 -31.23 0.29 -26.42
C ASP A 21 -31.92 -0.75 -27.27
N LEU A 22 -32.75 -1.56 -26.63
CA LEU A 22 -33.49 -2.61 -27.30
C LEU A 22 -34.95 -2.27 -27.14
N ASP A 23 -35.70 -2.21 -28.23
CA ASP A 23 -37.13 -1.96 -28.12
C ASP A 23 -37.73 -3.33 -27.77
N GLU A 24 -39.04 -3.40 -27.61
CA GLU A 24 -39.68 -4.67 -27.26
C GLU A 24 -39.32 -5.77 -28.25
N ALA A 25 -39.30 -5.45 -29.53
CA ALA A 25 -38.99 -6.43 -30.57
C ALA A 25 -37.56 -6.97 -30.50
N GLN A 26 -36.61 -6.09 -30.27
CA GLN A 26 -35.22 -6.51 -30.21
C GLN A 26 -34.94 -7.37 -28.97
N LEU A 27 -35.62 -7.05 -27.87
CA LEU A 27 -35.43 -7.81 -26.64
C LEU A 27 -35.88 -9.25 -26.81
N HIS A 28 -37.03 -9.44 -27.44
CA HIS A 28 -37.55 -10.79 -27.65
C HIS A 28 -36.63 -11.61 -28.56
N ALA A 29 -36.16 -10.99 -29.64
CA ALA A 29 -35.27 -11.67 -30.57
C ALA A 29 -34.04 -12.17 -29.78
N LEU A 30 -33.47 -11.27 -29.00
CA LEU A 30 -32.31 -11.57 -28.18
C LEU A 30 -32.61 -12.77 -27.29
N LEU A 31 -33.72 -12.69 -26.56
CA LEU A 31 -34.14 -13.77 -25.67
C LEU A 31 -34.33 -15.08 -26.43
N THR A 32 -34.88 -14.99 -27.63
CA THR A 32 -35.09 -16.19 -28.45
C THR A 32 -33.74 -16.75 -28.88
N LEU A 33 -32.85 -15.88 -29.31
CA LEU A 33 -31.51 -16.32 -29.73
C LEU A 33 -30.80 -17.03 -28.58
N ALA A 34 -30.86 -16.43 -27.39
CA ALA A 34 -30.22 -17.02 -26.23
C ALA A 34 -30.76 -18.43 -25.99
N HIS A 35 -32.08 -18.56 -26.01
CA HIS A 35 -32.71 -19.87 -25.80
C HIS A 35 -32.29 -20.88 -26.86
N GLN A 36 -32.34 -20.47 -28.12
CA GLN A 36 -31.97 -21.37 -29.19
C GLN A 36 -30.52 -21.79 -29.05
N LEU A 37 -29.67 -20.83 -28.69
CA LEU A 37 -28.26 -21.11 -28.52
C LEU A 37 -28.06 -22.07 -27.35
N LYS A 38 -28.80 -21.83 -26.28
CA LYS A 38 -28.69 -22.67 -25.10
C LYS A 38 -29.09 -24.12 -25.39
N ARG A 39 -30.18 -24.32 -26.15
CA ARG A 39 -30.67 -25.64 -26.45
C ARG A 39 -30.03 -26.31 -27.66
N GLY A 40 -29.17 -25.58 -28.36
CA GLY A 40 -28.52 -26.14 -29.53
C GLY A 40 -29.42 -26.15 -30.75
N GLU A 41 -30.50 -25.38 -30.67
CA GLU A 41 -31.46 -25.28 -31.77
C GLU A 41 -30.92 -24.22 -32.74
N ARG A 42 -29.77 -23.68 -32.40
CA ARG A 42 -29.13 -22.65 -33.21
C ARG A 42 -27.63 -22.72 -32.92
N VAL A 43 -26.83 -22.17 -33.82
CA VAL A 43 -25.39 -22.18 -33.64
C VAL A 43 -24.77 -20.92 -34.21
N ALA A 44 -24.07 -20.16 -33.37
CA ALA A 44 -23.40 -18.93 -33.79
C ALA A 44 -21.90 -19.17 -33.76
N ASN A 45 -21.13 -18.21 -34.27
CA ASN A 45 -19.69 -18.35 -34.30
C ASN A 45 -18.99 -17.03 -34.53
N LEU A 46 -18.04 -16.70 -33.65
CA LEU A 46 -17.29 -15.46 -33.77
C LEU A 46 -15.82 -15.76 -33.97
N HIS A 47 -15.54 -16.85 -34.67
CA HIS A 47 -14.18 -17.26 -34.95
C HIS A 47 -13.41 -16.13 -35.63
N GLY A 48 -12.18 -15.91 -35.19
CA GLY A 48 -11.36 -14.86 -35.75
C GLY A 48 -11.56 -13.53 -35.06
N LYS A 49 -12.50 -13.47 -34.11
CA LYS A 49 -12.75 -12.22 -33.39
C LYS A 49 -12.28 -12.24 -31.94
N VAL A 50 -11.95 -11.06 -31.43
CA VAL A 50 -11.47 -10.93 -30.06
C VAL A 50 -12.32 -9.93 -29.30
N LEU A 51 -12.72 -10.33 -28.11
CA LEU A 51 -13.53 -9.48 -27.24
C LEU A 51 -12.60 -8.97 -26.14
N GLY A 52 -12.62 -7.67 -25.92
CA GLY A 52 -11.80 -7.09 -24.88
C GLY A 52 -12.67 -6.78 -23.69
N LEU A 53 -12.15 -7.05 -22.49
CA LEU A 53 -12.88 -6.80 -21.25
C LEU A 53 -12.19 -5.67 -20.51
N VAL A 54 -12.84 -4.52 -20.38
CA VAL A 54 -12.24 -3.41 -19.65
C VAL A 54 -13.08 -3.13 -18.41
N PHE A 55 -12.67 -3.73 -17.30
CA PHE A 55 -13.37 -3.58 -16.05
C PHE A 55 -12.63 -2.63 -15.13
N LEU A 56 -13.19 -1.44 -14.94
CA LEU A 56 -12.57 -0.46 -14.06
C LEU A 56 -12.73 -0.91 -12.63
N LYS A 57 -13.49 -1.98 -12.45
CA LYS A 57 -13.73 -2.57 -11.14
C LYS A 57 -13.78 -4.07 -11.38
N ALA A 58 -12.89 -4.80 -10.72
CA ALA A 58 -12.82 -6.25 -10.89
C ALA A 58 -14.16 -6.92 -10.63
N SER A 59 -14.44 -7.97 -11.40
CA SER A 59 -15.66 -8.75 -11.24
C SER A 59 -15.43 -10.10 -11.91
N THR A 60 -14.92 -11.05 -11.13
CA THR A 60 -14.64 -12.38 -11.63
C THR A 60 -15.90 -13.02 -12.17
N ARG A 61 -17.01 -12.75 -11.50
CA ARG A 61 -18.31 -13.28 -11.89
C ARG A 61 -18.60 -12.84 -13.32
N THR A 62 -18.55 -11.53 -13.54
CA THR A 62 -18.82 -11.02 -14.86
C THR A 62 -17.77 -11.48 -15.85
N ARG A 63 -16.50 -11.41 -15.44
CA ARG A 63 -15.42 -11.81 -16.33
C ARG A 63 -15.51 -13.25 -16.79
N VAL A 64 -15.86 -14.17 -15.89
CA VAL A 64 -15.97 -15.58 -16.28
C VAL A 64 -17.17 -15.83 -17.21
N SER A 65 -18.33 -15.27 -16.87
CA SER A 65 -19.51 -15.47 -17.71
C SER A 65 -19.29 -14.91 -19.12
N PHE A 66 -18.65 -13.76 -19.24
CA PHE A 66 -18.38 -13.19 -20.56
C PHE A 66 -17.34 -13.98 -21.35
N THR A 67 -16.27 -14.41 -20.67
CA THR A 67 -15.18 -15.14 -21.30
C THR A 67 -15.57 -16.54 -21.78
N VAL A 68 -16.34 -17.28 -20.98
CA VAL A 68 -16.76 -18.59 -21.41
C VAL A 68 -17.76 -18.43 -22.55
N ALA A 69 -18.56 -17.35 -22.52
CA ALA A 69 -19.53 -17.11 -23.57
C ALA A 69 -18.81 -16.94 -24.90
N MET A 70 -17.81 -16.05 -24.93
CA MET A 70 -17.05 -15.84 -26.15
C MET A 70 -16.31 -17.11 -26.57
N TYR A 71 -15.82 -17.88 -25.61
CA TYR A 71 -15.13 -19.13 -25.97
C TYR A 71 -16.09 -20.13 -26.63
N GLN A 72 -17.32 -20.17 -26.18
CA GLN A 72 -18.28 -21.09 -26.77
C GLN A 72 -18.73 -20.65 -28.15
N LEU A 73 -18.46 -19.40 -28.48
CA LEU A 73 -18.80 -18.86 -29.79
C LEU A 73 -17.59 -19.02 -30.72
N GLY A 74 -16.50 -19.54 -30.16
CA GLY A 74 -15.30 -19.75 -30.95
C GLY A 74 -14.37 -18.55 -31.10
N GLY A 75 -14.56 -17.53 -30.27
CA GLY A 75 -13.70 -16.37 -30.37
C GLY A 75 -12.69 -16.32 -29.24
N GLN A 76 -11.85 -15.29 -29.24
CA GLN A 76 -10.86 -15.11 -28.19
C GLN A 76 -11.27 -13.96 -27.28
N VAL A 77 -10.62 -13.88 -26.12
CA VAL A 77 -10.91 -12.84 -25.13
C VAL A 77 -9.62 -12.26 -24.54
N ILE A 78 -9.63 -10.96 -24.26
CA ILE A 78 -8.47 -10.31 -23.64
C ILE A 78 -8.94 -9.35 -22.56
N ASP A 79 -8.32 -9.46 -21.37
CA ASP A 79 -8.66 -8.56 -20.27
C ASP A 79 -7.74 -7.36 -20.39
N LEU A 80 -8.31 -6.17 -20.49
CA LEU A 80 -7.53 -4.93 -20.63
C LEU A 80 -7.71 -3.99 -19.43
N GLU A 91 -4.23 8.15 -19.04
CA GLU A 91 -4.51 8.28 -20.46
C GLU A 91 -6.00 8.52 -20.70
N PRO A 92 -6.34 9.54 -21.52
CA PRO A 92 -7.75 9.82 -21.79
C PRO A 92 -8.42 8.66 -22.52
N VAL A 93 -9.69 8.41 -22.19
CA VAL A 93 -10.43 7.31 -22.81
C VAL A 93 -10.52 7.38 -24.33
N ARG A 94 -10.60 8.59 -24.88
CA ARG A 94 -10.70 8.71 -26.33
C ARG A 94 -9.45 8.15 -27.02
N ASP A 95 -8.31 8.22 -26.35
CA ASP A 95 -7.08 7.69 -26.94
C ASP A 95 -7.08 6.17 -26.79
N THR A 96 -7.34 5.70 -25.57
CA THR A 96 -7.36 4.26 -25.33
C THR A 96 -8.46 3.56 -26.12
N ALA A 97 -9.61 4.22 -26.31
CA ALA A 97 -10.71 3.60 -27.05
C ALA A 97 -10.33 3.45 -28.53
N ARG A 98 -9.75 4.49 -29.09
CA ARG A 98 -9.35 4.48 -30.48
C ARG A 98 -8.29 3.43 -30.78
N VAL A 99 -7.35 3.23 -29.87
CA VAL A 99 -6.31 2.22 -30.06
C VAL A 99 -6.92 0.82 -29.93
N LEU A 100 -7.77 0.63 -28.93
CA LEU A 100 -8.42 -0.65 -28.69
C LEU A 100 -9.27 -1.05 -29.90
N GLY A 101 -9.90 -0.04 -30.50
CA GLY A 101 -10.72 -0.29 -31.66
C GLY A 101 -9.91 -0.82 -32.83
N ARG A 102 -8.60 -0.64 -32.79
CA ARG A 102 -7.74 -1.13 -33.87
C ARG A 102 -7.23 -2.54 -33.61
N TYR A 103 -7.42 -3.04 -32.38
CA TYR A 103 -6.94 -4.38 -32.05
C TYR A 103 -8.01 -5.45 -31.85
N VAL A 104 -9.07 -5.13 -31.10
CA VAL A 104 -10.12 -6.10 -30.85
C VAL A 104 -11.40 -5.80 -31.64
N ASP A 105 -12.38 -6.70 -31.53
CA ASP A 105 -13.63 -6.56 -32.27
C ASP A 105 -14.85 -6.23 -31.42
N GLY A 106 -14.65 -6.11 -30.12
CA GLY A 106 -15.76 -5.79 -29.24
C GLY A 106 -15.28 -5.49 -27.83
N LEU A 107 -16.06 -4.71 -27.10
CA LEU A 107 -15.69 -4.37 -25.74
C LEU A 107 -16.82 -4.56 -24.76
N ALA A 108 -16.57 -5.35 -23.72
CA ALA A 108 -17.54 -5.57 -22.66
C ALA A 108 -16.89 -4.74 -21.56
N ILE A 109 -17.55 -3.66 -21.12
CA ILE A 109 -16.95 -2.83 -20.11
C ILE A 109 -17.73 -2.47 -18.85
N ARG A 110 -16.97 -2.43 -17.75
CA ARG A 110 -17.47 -2.11 -16.42
C ARG A 110 -16.92 -0.78 -15.94
N THR A 111 -17.78 0.24 -15.86
CA THR A 111 -17.35 1.54 -15.35
C THR A 111 -18.31 1.90 -14.25
N PHE A 112 -18.13 3.07 -13.66
CA PHE A 112 -19.01 3.53 -12.59
C PHE A 112 -20.04 4.46 -13.20
N ALA A 113 -19.57 5.40 -14.00
CA ALA A 113 -20.48 6.35 -14.63
C ALA A 113 -20.91 5.89 -16.02
N GLN A 114 -22.21 5.96 -16.27
CA GLN A 114 -22.77 5.59 -17.56
C GLN A 114 -22.12 6.45 -18.64
N THR A 115 -21.88 7.71 -18.32
CA THR A 115 -21.28 8.64 -19.27
C THR A 115 -19.93 8.17 -19.77
N GLU A 116 -19.09 7.66 -18.88
CA GLU A 116 -17.77 7.17 -19.29
C GLU A 116 -17.93 5.99 -20.25
N LEU A 117 -18.94 5.16 -20.00
CA LEU A 117 -19.22 4.00 -20.84
C LEU A 117 -19.53 4.48 -22.25
N GLU A 118 -20.23 5.61 -22.32
CA GLU A 118 -20.63 6.18 -23.60
C GLU A 118 -19.42 6.74 -24.34
N GLU A 119 -18.44 7.26 -23.58
CA GLU A 119 -17.21 7.79 -24.14
C GLU A 119 -16.55 6.70 -24.99
N TYR A 120 -16.41 5.52 -24.38
CA TYR A 120 -15.80 4.39 -25.07
C TYR A 120 -16.56 4.03 -26.34
N ALA A 121 -17.87 3.86 -26.23
CA ALA A 121 -18.69 3.49 -27.37
C ALA A 121 -18.51 4.50 -28.49
N HIS A 122 -18.44 5.77 -28.09
CA HIS A 122 -18.28 6.86 -29.03
C HIS A 122 -16.99 6.82 -29.84
N TYR A 123 -15.87 6.55 -29.17
CA TYR A 123 -14.56 6.52 -29.81
C TYR A 123 -14.03 5.16 -30.29
N ALA A 124 -14.46 4.08 -29.66
CA ALA A 124 -13.98 2.74 -30.01
C ALA A 124 -14.21 2.34 -31.47
N GLY A 125 -15.37 2.68 -32.01
CA GLY A 125 -15.64 2.32 -33.39
C GLY A 125 -16.00 0.84 -33.50
N ILE A 126 -16.19 0.21 -32.34
CA ILE A 126 -16.56 -1.20 -32.31
C ILE A 126 -17.67 -1.40 -31.26
N PRO A 127 -18.47 -2.46 -31.41
CA PRO A 127 -19.56 -2.72 -30.46
C PRO A 127 -19.13 -2.63 -29.01
N VAL A 128 -19.88 -1.90 -28.21
CA VAL A 128 -19.59 -1.78 -26.79
C VAL A 128 -20.76 -2.29 -25.97
N ILE A 129 -20.47 -3.17 -25.01
CA ILE A 129 -21.50 -3.76 -24.17
C ILE A 129 -21.30 -3.32 -22.73
N ASN A 130 -22.39 -2.97 -22.07
CA ASN A 130 -22.34 -2.55 -20.68
C ASN A 130 -22.26 -3.79 -19.81
N ALA A 131 -21.08 -4.03 -19.22
CA ALA A 131 -20.86 -5.18 -18.36
C ALA A 131 -21.46 -4.86 -17.00
N LEU A 132 -21.52 -3.58 -16.67
CA LEU A 132 -22.07 -3.10 -15.42
C LEU A 132 -21.65 -1.65 -15.17
N THR A 133 -22.60 -0.81 -14.76
CA THR A 133 -22.30 0.57 -14.41
C THR A 133 -23.11 0.90 -13.17
N ASP A 134 -22.87 2.06 -12.60
CA ASP A 134 -23.62 2.46 -11.41
C ASP A 134 -25.10 2.65 -11.77
N HIS A 135 -25.38 2.91 -13.05
CA HIS A 135 -26.73 3.15 -13.51
C HIS A 135 -27.55 1.94 -13.96
N GLU A 136 -26.93 0.99 -14.66
CA GLU A 136 -27.65 -0.19 -15.15
C GLU A 136 -26.82 -1.47 -15.23
N HIS A 137 -27.51 -2.58 -15.51
CA HIS A 137 -26.88 -3.89 -15.63
C HIS A 137 -27.78 -4.70 -16.57
N PRO A 138 -27.79 -4.31 -17.85
CA PRO A 138 -28.58 -4.94 -18.92
C PRO A 138 -28.45 -6.45 -19.07
N CYS A 139 -27.21 -6.92 -19.15
CA CYS A 139 -26.95 -8.33 -19.32
C CYS A 139 -27.51 -9.18 -18.20
N GLN A 140 -27.45 -8.67 -16.98
CA GLN A 140 -27.98 -9.42 -15.84
C GLN A 140 -29.48 -9.66 -16.06
N VAL A 141 -30.19 -8.59 -16.40
CA VAL A 141 -31.62 -8.67 -16.63
C VAL A 141 -32.03 -9.58 -17.77
N VAL A 142 -31.28 -9.59 -18.87
CA VAL A 142 -31.63 -10.47 -19.98
C VAL A 142 -31.51 -11.91 -19.50
N ALA A 143 -30.62 -12.14 -18.55
CA ALA A 143 -30.43 -13.48 -18.00
C ALA A 143 -31.60 -13.82 -17.08
N ASP A 144 -32.04 -12.83 -16.31
CA ASP A 144 -33.15 -13.05 -15.38
C ASP A 144 -34.43 -13.35 -16.15
N LEU A 145 -34.69 -12.53 -17.17
CA LEU A 145 -35.86 -12.67 -18.03
C LEU A 145 -35.90 -14.06 -18.65
N LEU A 146 -34.75 -14.51 -19.13
CA LEU A 146 -34.61 -15.82 -19.75
C LEU A 146 -34.85 -16.91 -18.73
N THR A 147 -34.54 -16.62 -17.46
CA THR A 147 -34.74 -17.59 -16.40
C THR A 147 -36.22 -17.67 -16.06
N ILE A 148 -36.88 -16.52 -15.98
CA ILE A 148 -38.30 -16.45 -15.65
C ILE A 148 -39.07 -17.20 -16.73
N ARG A 149 -38.73 -16.91 -17.99
CA ARG A 149 -39.37 -17.56 -19.13
C ARG A 149 -39.25 -19.08 -19.02
N GLU A 150 -38.06 -19.57 -18.71
CA GLU A 150 -37.86 -21.01 -18.58
C GLU A 150 -38.65 -21.60 -17.41
N ASN A 151 -39.05 -20.76 -16.46
CA ASN A 151 -39.81 -21.26 -15.31
C ASN A 151 -41.33 -21.20 -15.45
N PHE A 152 -41.84 -20.21 -16.19
CA PHE A 152 -43.28 -20.08 -16.34
C PHE A 152 -43.76 -20.23 -17.78
N GLY A 153 -42.82 -20.44 -18.70
CA GLY A 153 -43.19 -20.59 -20.10
C GLY A 153 -43.78 -19.33 -20.71
N ARG A 154 -43.63 -18.21 -20.02
CA ARG A 154 -44.16 -16.93 -20.49
C ARG A 154 -43.53 -15.79 -19.69
N LEU A 155 -43.73 -14.56 -20.15
CA LEU A 155 -43.19 -13.40 -19.46
C LEU A 155 -44.32 -12.40 -19.20
N ALA A 156 -45.15 -12.19 -20.22
CA ALA A 156 -46.26 -11.25 -20.14
C ALA A 156 -47.31 -11.74 -19.14
N GLY A 157 -47.95 -10.79 -18.45
CA GLY A 157 -48.96 -11.16 -17.47
C GLY A 157 -48.38 -11.41 -16.11
N LEU A 158 -47.16 -11.95 -16.08
CA LEU A 158 -46.46 -12.23 -14.83
C LEU A 158 -46.18 -10.95 -14.03
N LYS A 159 -45.91 -11.12 -12.74
CA LYS A 159 -45.59 -9.99 -11.90
C LYS A 159 -44.26 -10.25 -11.16
N LEU A 160 -43.36 -9.27 -11.24
CA LEU A 160 -42.04 -9.31 -10.61
C LEU A 160 -42.01 -8.26 -9.49
N ALA A 161 -41.60 -8.68 -8.29
CA ALA A 161 -41.50 -7.76 -7.16
C ALA A 161 -40.03 -7.69 -6.74
N TYR A 162 -39.49 -6.48 -6.72
CA TYR A 162 -38.10 -6.26 -6.32
C TYR A 162 -38.09 -5.54 -4.98
N VAL A 163 -37.28 -6.03 -4.05
CA VAL A 163 -37.19 -5.42 -2.73
C VAL A 163 -35.73 -5.18 -2.38
N GLY A 164 -35.45 -3.97 -1.90
CA GLY A 164 -34.09 -3.61 -1.53
C GLY A 164 -33.76 -2.21 -1.98
N ASP A 165 -32.56 -2.03 -2.53
CA ASP A 165 -32.10 -0.73 -2.99
C ASP A 165 -32.37 -0.52 -4.48
N GLY A 166 -32.96 0.62 -4.82
CA GLY A 166 -33.25 0.94 -6.21
C GLY A 166 -31.94 1.25 -6.90
N ASN A 167 -31.26 0.20 -7.36
CA ASN A 167 -29.96 0.33 -8.00
C ASN A 167 -29.95 0.03 -9.49
N ASN A 168 -28.76 -0.24 -10.01
CA ASN A 168 -28.58 -0.54 -11.42
C ASN A 168 -29.44 -1.69 -11.92
N VAL A 169 -29.55 -2.78 -11.17
CA VAL A 169 -30.36 -3.91 -11.63
C VAL A 169 -31.86 -3.60 -11.55
N ALA A 170 -32.25 -2.85 -10.53
CA ALA A 170 -33.65 -2.47 -10.39
C ALA A 170 -34.00 -1.67 -11.64
N HIS A 171 -33.13 -0.74 -12.01
CA HIS A 171 -33.31 0.08 -13.20
C HIS A 171 -33.50 -0.75 -14.45
N SER A 172 -32.64 -1.74 -14.63
CA SER A 172 -32.72 -2.60 -15.79
C SER A 172 -33.94 -3.52 -15.72
N LEU A 173 -34.35 -3.89 -14.51
CA LEU A 173 -35.51 -4.76 -14.34
C LEU A 173 -36.76 -3.98 -14.73
N LEU A 174 -36.78 -2.69 -14.38
CA LEU A 174 -37.89 -1.81 -14.70
C LEU A 174 -38.08 -1.74 -16.22
N LEU A 175 -37.01 -1.42 -16.93
CA LEU A 175 -37.07 -1.32 -18.38
C LEU A 175 -37.35 -2.68 -19.03
N GLY A 176 -36.72 -3.72 -18.49
CA GLY A 176 -36.88 -5.05 -19.02
C GLY A 176 -38.24 -5.68 -18.81
N CYS A 177 -38.75 -5.60 -17.58
CA CYS A 177 -40.06 -6.16 -17.28
C CYS A 177 -41.10 -5.51 -18.18
N ALA A 178 -41.19 -4.19 -18.10
CA ALA A 178 -42.15 -3.46 -18.92
C ALA A 178 -42.09 -3.91 -20.37
N LYS A 179 -40.88 -3.98 -20.93
CA LYS A 179 -40.70 -4.39 -22.31
C LYS A 179 -41.26 -5.76 -22.72
N VAL A 180 -41.39 -6.68 -21.77
CA VAL A 180 -41.93 -7.99 -22.11
C VAL A 180 -43.37 -8.15 -21.62
N GLY A 181 -43.91 -7.07 -21.05
CA GLY A 181 -45.27 -7.10 -20.56
C GLY A 181 -45.40 -7.69 -19.17
N MET A 182 -44.29 -7.72 -18.43
CA MET A 182 -44.31 -8.24 -17.09
C MET A 182 -44.48 -7.08 -16.12
N SER A 183 -45.45 -7.19 -15.22
CA SER A 183 -45.69 -6.15 -14.24
C SER A 183 -44.58 -6.17 -13.19
N ILE A 184 -44.18 -4.99 -12.74
CA ILE A 184 -43.13 -4.91 -11.74
C ILE A 184 -43.42 -3.91 -10.64
N ALA A 185 -43.19 -4.35 -9.41
CA ALA A 185 -43.39 -3.52 -8.23
C ALA A 185 -42.02 -3.46 -7.54
N VAL A 186 -41.49 -2.25 -7.38
CA VAL A 186 -40.20 -2.07 -6.74
C VAL A 186 -40.36 -1.39 -5.39
N ALA A 187 -40.01 -2.12 -4.34
CA ALA A 187 -40.09 -1.61 -2.98
C ALA A 187 -38.71 -1.29 -2.42
N THR A 188 -38.53 -0.05 -1.97
CA THR A 188 -37.26 0.40 -1.43
C THR A 188 -37.50 1.37 -0.28
N PRO A 189 -36.45 1.63 0.51
CA PRO A 189 -36.64 2.59 1.60
C PRO A 189 -36.84 3.95 0.94
N GLU A 190 -37.28 4.93 1.72
CA GLU A 190 -37.55 6.27 1.22
C GLU A 190 -36.47 6.95 0.37
N GLY A 191 -35.23 7.00 0.86
CA GLY A 191 -34.20 7.66 0.09
C GLY A 191 -33.42 6.80 -0.88
N PHE A 192 -33.85 5.56 -1.08
CA PHE A 192 -33.13 4.68 -1.99
C PHE A 192 -34.04 4.16 -3.09
N THR A 193 -34.85 5.05 -3.65
CA THR A 193 -35.77 4.67 -4.71
C THR A 193 -35.06 4.69 -6.07
N PRO A 194 -35.65 4.02 -7.08
CA PRO A 194 -35.09 3.96 -8.42
C PRO A 194 -35.04 5.37 -9.00
N ASP A 195 -34.17 5.58 -9.98
CA ASP A 195 -34.07 6.88 -10.64
C ASP A 195 -35.42 7.22 -11.27
N PRO A 196 -36.08 8.29 -10.79
CA PRO A 196 -37.39 8.69 -11.32
C PRO A 196 -37.49 8.73 -12.84
N ALA A 197 -36.37 8.99 -13.50
CA ALA A 197 -36.35 9.05 -14.95
C ALA A 197 -36.54 7.66 -15.55
N VAL A 198 -35.97 6.63 -14.93
CA VAL A 198 -36.13 5.29 -15.48
C VAL A 198 -37.53 4.74 -15.15
N SER A 199 -38.06 5.11 -13.99
CA SER A 199 -39.39 4.67 -13.59
C SER A 199 -40.39 5.26 -14.57
N ALA A 200 -40.19 6.52 -14.93
CA ALA A 200 -41.06 7.20 -15.88
C ALA A 200 -40.98 6.54 -17.25
N ARG A 201 -39.75 6.25 -17.70
CA ARG A 201 -39.52 5.61 -18.97
C ARG A 201 -40.03 4.17 -18.98
N ALA A 202 -40.04 3.54 -17.81
CA ALA A 202 -40.53 2.17 -17.69
C ALA A 202 -42.05 2.17 -17.81
N SER A 203 -42.69 3.15 -17.17
CA SER A 203 -44.15 3.26 -17.20
C SER A 203 -44.61 3.53 -18.64
N GLU A 204 -43.92 4.45 -19.30
CA GLU A 204 -44.25 4.80 -20.69
C GLU A 204 -44.25 3.52 -21.54
N ILE A 205 -43.23 2.68 -21.33
CA ILE A 205 -43.12 1.43 -22.08
C ILE A 205 -44.26 0.48 -21.72
N ALA A 206 -44.55 0.41 -20.43
CA ALA A 206 -45.60 -0.47 -19.92
C ALA A 206 -46.97 -0.06 -20.45
N GLY A 207 -47.11 1.22 -20.78
CA GLY A 207 -48.37 1.72 -21.29
C GLY A 207 -48.75 1.04 -22.59
N ARG A 208 -47.74 0.61 -23.35
CA ARG A 208 -47.96 -0.04 -24.63
C ARG A 208 -47.91 -1.55 -24.54
N THR A 209 -47.39 -2.07 -23.43
CA THR A 209 -47.28 -3.52 -23.27
C THR A 209 -48.37 -4.04 -22.33
N GLY A 210 -49.04 -3.11 -21.66
CA GLY A 210 -50.11 -3.50 -20.75
C GLY A 210 -49.66 -3.99 -19.38
N ALA A 211 -48.42 -3.68 -19.02
CA ALA A 211 -47.89 -4.10 -17.73
C ALA A 211 -48.00 -2.90 -16.81
N GLU A 212 -48.00 -3.12 -15.50
CA GLU A 212 -48.08 -2.00 -14.58
C GLU A 212 -46.77 -1.86 -13.82
N VAL A 213 -46.36 -0.63 -13.58
CA VAL A 213 -45.12 -0.31 -12.87
C VAL A 213 -45.42 0.42 -11.58
N GLN A 214 -44.85 -0.05 -10.49
CA GLN A 214 -45.08 0.56 -9.18
C GLN A 214 -43.83 0.74 -8.33
N ILE A 215 -43.63 1.95 -7.84
CA ILE A 215 -42.51 2.26 -6.97
C ILE A 215 -43.13 2.43 -5.59
N LEU A 216 -42.98 1.40 -4.77
CA LEU A 216 -43.57 1.40 -3.44
C LEU A 216 -42.55 1.45 -2.31
N ARG A 217 -43.08 1.59 -1.10
CA ARG A 217 -42.24 1.65 0.08
C ARG A 217 -42.36 0.31 0.82
N ASP A 218 -43.56 -0.26 0.84
CA ASP A 218 -43.80 -1.54 1.52
C ASP A 218 -43.52 -2.76 0.66
N PRO A 219 -42.62 -3.63 1.13
CA PRO A 219 -42.23 -4.86 0.44
C PRO A 219 -43.29 -5.97 0.49
N PHE A 220 -44.13 -5.94 1.51
CA PHE A 220 -45.19 -6.94 1.63
C PHE A 220 -46.32 -6.61 0.67
N GLU A 221 -46.37 -5.35 0.26
CA GLU A 221 -47.39 -4.88 -0.67
C GLU A 221 -46.96 -5.32 -2.07
N ALA A 222 -45.72 -5.01 -2.42
CA ALA A 222 -45.16 -5.35 -3.71
C ALA A 222 -45.16 -6.85 -3.98
N ALA A 223 -44.85 -7.63 -2.96
CA ALA A 223 -44.77 -9.08 -3.07
C ALA A 223 -46.11 -9.78 -3.24
N ARG A 224 -47.20 -9.16 -2.80
CA ARG A 224 -48.50 -9.80 -2.93
C ARG A 224 -48.82 -10.14 -4.38
N GLY A 225 -49.04 -11.42 -4.64
CA GLY A 225 -49.37 -11.86 -5.99
C GLY A 225 -48.21 -11.93 -6.98
N ALA A 226 -46.99 -11.77 -6.49
CA ALA A 226 -45.83 -11.82 -7.39
C ALA A 226 -45.43 -13.26 -7.67
N HIS A 227 -44.97 -13.51 -8.89
CA HIS A 227 -44.53 -14.85 -9.29
C HIS A 227 -43.02 -14.93 -9.11
N ILE A 228 -42.41 -13.76 -8.88
CA ILE A 228 -40.98 -13.67 -8.72
C ILE A 228 -40.60 -12.61 -7.70
N LEU A 229 -39.86 -13.00 -6.67
CA LEU A 229 -39.37 -12.05 -5.68
C LEU A 229 -37.88 -11.88 -6.01
N TYR A 230 -37.47 -10.63 -6.21
CA TYR A 230 -36.10 -10.32 -6.60
C TYR A 230 -35.44 -9.37 -5.63
N THR A 231 -34.18 -9.63 -5.32
CA THR A 231 -33.43 -8.75 -4.42
C THR A 231 -31.97 -8.76 -4.78
N ASP A 232 -31.22 -7.85 -4.16
CA ASP A 232 -29.81 -7.68 -4.41
C ASP A 232 -29.21 -7.14 -3.12
N VAL A 233 -27.90 -7.04 -3.06
CA VAL A 233 -27.24 -6.53 -1.85
C VAL A 233 -27.67 -5.10 -1.55
N TRP A 234 -27.76 -4.77 -0.26
CA TRP A 234 -28.15 -3.42 0.15
C TRP A 234 -27.10 -2.39 -0.29
N THR A 235 -27.52 -1.14 -0.36
CA THR A 235 -26.66 -0.04 -0.78
C THR A 235 -25.26 -0.10 -0.16
N HIS A 245 -27.48 2.55 10.95
CA HIS A 245 -28.45 3.17 10.06
C HIS A 245 -28.74 2.30 8.84
N ARG A 246 -27.73 1.55 8.38
CA ARG A 246 -27.91 0.70 7.22
C ARG A 246 -28.92 -0.40 7.48
N LEU A 247 -28.77 -1.08 8.62
CA LEU A 247 -29.69 -2.15 8.98
C LEU A 247 -31.09 -1.62 9.25
N GLN A 248 -31.19 -0.68 10.18
CA GLN A 248 -32.48 -0.08 10.54
C GLN A 248 -32.95 0.81 9.39
N LEU A 249 -33.13 0.22 8.22
CA LEU A 249 -33.56 0.96 7.04
C LEU A 249 -33.83 0.02 5.89
N PHE A 250 -32.95 -0.98 5.74
CA PHE A 250 -33.07 -1.99 4.71
C PHE A 250 -33.58 -3.29 5.31
N GLU A 251 -33.47 -3.38 6.63
CA GLU A 251 -33.88 -4.55 7.40
C GLU A 251 -35.19 -5.21 6.98
N GLN A 252 -36.25 -4.42 6.84
CA GLN A 252 -37.58 -4.92 6.47
C GLN A 252 -37.68 -5.37 5.01
N TYR A 253 -36.64 -5.10 4.23
CA TYR A 253 -36.61 -5.43 2.82
C TYR A 253 -35.84 -6.72 2.57
N GLN A 254 -36.13 -7.73 3.37
CA GLN A 254 -35.48 -9.02 3.25
C GLN A 254 -36.45 -10.02 2.68
N ILE A 255 -35.99 -10.83 1.73
CA ILE A 255 -36.90 -11.84 1.21
C ILE A 255 -36.68 -13.04 2.15
N ASN A 256 -37.75 -13.37 2.87
CA ASN A 256 -37.74 -14.48 3.82
C ASN A 256 -39.05 -15.24 3.70
N ALA A 257 -39.21 -16.27 4.53
CA ALA A 257 -40.41 -17.09 4.51
C ALA A 257 -41.69 -16.26 4.50
N ALA A 258 -41.74 -15.27 5.39
CA ALA A 258 -42.92 -14.41 5.50
C ALA A 258 -43.25 -13.72 4.18
N LEU A 259 -42.27 -13.03 3.60
CA LEU A 259 -42.48 -12.32 2.35
C LEU A 259 -42.94 -13.27 1.25
N LEU A 260 -42.34 -14.46 1.23
CA LEU A 260 -42.67 -15.49 0.26
C LEU A 260 -44.13 -15.90 0.37
N ASN A 261 -44.60 -16.01 1.61
CA ASN A 261 -45.96 -16.42 1.86
C ASN A 261 -46.99 -15.44 1.31
N CYS A 262 -46.56 -14.20 1.08
CA CYS A 262 -47.45 -13.16 0.57
C CYS A 262 -47.53 -13.12 -0.95
N ALA A 263 -46.70 -13.91 -1.62
CA ALA A 263 -46.68 -13.93 -3.08
C ALA A 263 -47.46 -15.12 -3.63
N ALA A 264 -47.46 -15.25 -4.96
CA ALA A 264 -48.15 -16.37 -5.61
C ALA A 264 -47.60 -17.68 -5.05
N ALA A 265 -48.32 -18.76 -5.28
CA ALA A 265 -47.91 -20.07 -4.78
C ALA A 265 -46.74 -20.65 -5.57
N GLU A 266 -46.66 -20.33 -6.85
CA GLU A 266 -45.59 -20.83 -7.68
C GLU A 266 -44.48 -19.78 -7.76
N ALA A 267 -44.40 -18.94 -6.74
CA ALA A 267 -43.39 -17.88 -6.71
C ALA A 267 -41.96 -18.40 -6.72
N ILE A 268 -41.14 -17.70 -7.49
CA ILE A 268 -39.72 -18.00 -7.65
C ILE A 268 -38.91 -16.88 -7.00
N VAL A 269 -37.72 -17.21 -6.49
CA VAL A 269 -36.86 -16.22 -5.86
C VAL A 269 -35.56 -16.04 -6.65
N LEU A 270 -35.29 -14.81 -7.06
CA LEU A 270 -34.08 -14.50 -7.82
C LEU A 270 -33.17 -13.55 -7.07
N HIS A 271 -31.87 -13.73 -7.24
CA HIS A 271 -30.86 -12.86 -6.63
C HIS A 271 -29.69 -12.83 -7.60
N CYS A 272 -29.32 -11.64 -8.06
CA CYS A 272 -28.22 -11.51 -9.01
C CYS A 272 -26.82 -11.86 -8.47
N LEU A 273 -26.68 -11.92 -7.14
CA LEU A 273 -25.41 -12.26 -6.44
C LEU A 273 -24.34 -11.17 -6.47
N PRO A 274 -23.41 -11.18 -5.50
CA PRO A 274 -23.28 -12.15 -4.40
C PRO A 274 -24.36 -11.86 -3.39
N ALA A 275 -24.59 -12.81 -2.48
CA ALA A 275 -25.62 -12.62 -1.46
C ALA A 275 -25.07 -12.49 -0.04
N HIS A 276 -25.74 -11.69 0.79
CA HIS A 276 -25.34 -11.52 2.18
C HIS A 276 -26.43 -12.18 3.03
N ARG A 277 -26.30 -13.48 3.29
CA ARG A 277 -27.28 -14.19 4.08
C ARG A 277 -27.58 -13.42 5.37
N GLY A 278 -28.84 -13.38 5.76
CA GLY A 278 -29.20 -12.67 6.97
C GLY A 278 -29.49 -11.18 6.76
N GLU A 279 -29.25 -10.67 5.55
CA GLU A 279 -29.54 -9.26 5.26
C GLU A 279 -30.68 -9.18 4.28
N GLU A 280 -30.35 -9.18 2.98
CA GLU A 280 -31.38 -9.08 1.95
C GLU A 280 -32.09 -10.41 1.70
N ILE A 281 -31.50 -11.51 2.18
CA ILE A 281 -32.11 -12.84 2.04
C ILE A 281 -31.66 -13.77 3.15
N THR A 282 -32.46 -14.80 3.41
CA THR A 282 -32.12 -15.76 4.44
C THR A 282 -31.52 -16.99 3.77
N ASP A 283 -30.67 -17.69 4.50
CA ASP A 283 -30.05 -18.88 3.97
C ASP A 283 -31.15 -19.85 3.56
N GLU A 284 -32.18 -19.95 4.40
CA GLU A 284 -33.32 -20.82 4.16
C GLU A 284 -33.93 -20.64 2.78
N VAL A 285 -34.24 -19.39 2.44
CA VAL A 285 -34.83 -19.11 1.14
C VAL A 285 -33.82 -19.33 0.02
N MET A 286 -32.62 -18.82 0.21
CA MET A 286 -31.58 -18.97 -0.81
C MET A 286 -31.35 -20.45 -1.14
N GLU A 287 -31.30 -21.28 -0.10
CA GLU A 287 -31.08 -22.71 -0.27
C GLU A 287 -32.38 -23.48 -0.44
N GLY A 288 -33.50 -22.80 -0.28
CA GLY A 288 -34.81 -23.43 -0.40
C GLY A 288 -35.24 -23.91 -1.77
N PRO A 289 -36.43 -24.49 -1.88
CA PRO A 289 -37.00 -25.02 -3.13
C PRO A 289 -37.57 -24.01 -4.12
N ARG A 290 -37.70 -22.75 -3.70
CA ARG A 290 -38.24 -21.70 -4.58
C ARG A 290 -37.15 -20.89 -5.26
N SER A 291 -35.92 -21.09 -4.80
CA SER A 291 -34.78 -20.39 -5.35
C SER A 291 -34.41 -20.85 -6.75
N ARG A 292 -34.06 -19.90 -7.62
CA ARG A 292 -33.63 -20.21 -8.98
C ARG A 292 -32.31 -19.48 -9.24
N ILE A 293 -31.71 -19.00 -8.16
CA ILE A 293 -30.44 -18.27 -8.18
C ILE A 293 -29.31 -18.91 -8.99
N TRP A 294 -29.10 -20.21 -8.81
CA TRP A 294 -28.04 -20.92 -9.53
C TRP A 294 -28.35 -21.01 -11.02
N ASP A 295 -29.61 -21.27 -11.37
CA ASP A 295 -29.99 -21.33 -12.79
C ASP A 295 -29.86 -19.91 -13.37
N GLU A 296 -30.26 -18.93 -12.58
CA GLU A 296 -30.19 -17.54 -12.99
C GLU A 296 -28.74 -17.13 -13.28
N ALA A 297 -27.81 -17.63 -12.47
CA ALA A 297 -26.39 -17.31 -12.64
C ALA A 297 -25.84 -17.95 -13.92
N GLU A 298 -26.17 -19.23 -14.13
CA GLU A 298 -25.73 -19.93 -15.33
C GLU A 298 -26.23 -19.17 -16.57
N ASN A 299 -27.44 -18.64 -16.48
CA ASN A 299 -28.02 -17.92 -17.61
C ASN A 299 -27.30 -16.62 -17.97
N ARG A 300 -26.34 -16.20 -17.15
CA ARG A 300 -25.58 -15.00 -17.49
C ARG A 300 -24.76 -15.38 -18.72
N LEU A 301 -24.34 -16.64 -18.76
CA LEU A 301 -23.55 -17.13 -19.88
C LEU A 301 -24.35 -17.21 -21.19
N HIS A 302 -25.52 -17.84 -21.12
CA HIS A 302 -26.36 -18.00 -22.30
C HIS A 302 -26.88 -16.65 -22.79
N ALA A 303 -27.18 -15.75 -21.87
CA ALA A 303 -27.66 -14.44 -22.24
C ALA A 303 -26.56 -13.63 -22.92
N GLN A 304 -25.36 -13.66 -22.34
CA GLN A 304 -24.25 -12.92 -22.91
C GLN A 304 -23.79 -13.47 -24.26
N LYS A 305 -23.94 -14.77 -24.48
CA LYS A 305 -23.57 -15.35 -25.79
C LYS A 305 -24.49 -14.75 -26.85
N ALA A 306 -25.77 -14.59 -26.51
CA ALA A 306 -26.72 -14.00 -27.44
C ALA A 306 -26.36 -12.55 -27.75
N VAL A 307 -25.93 -11.78 -26.76
CA VAL A 307 -25.57 -10.40 -27.06
C VAL A 307 -24.32 -10.37 -27.94
N LEU A 308 -23.30 -11.13 -27.56
CA LEU A 308 -22.06 -11.18 -28.34
C LEU A 308 -22.38 -11.58 -29.79
N ALA A 309 -23.18 -12.62 -29.96
CA ALA A 309 -23.55 -13.07 -31.29
C ALA A 309 -24.29 -11.95 -32.04
N ALA A 310 -25.29 -11.39 -31.39
CA ALA A 310 -26.10 -10.32 -31.99
C ALA A 310 -25.33 -9.08 -32.41
N LEU A 311 -24.45 -8.59 -31.53
CA LEU A 311 -23.71 -7.36 -31.83
C LEU A 311 -22.39 -7.50 -32.58
N MET A 312 -21.79 -8.69 -32.55
CA MET A 312 -20.52 -8.94 -33.24
C MET A 312 -20.70 -9.95 -34.36
N GLY A 313 -21.84 -10.64 -34.32
CA GLY A 313 -22.16 -11.67 -35.30
C GLY A 313 -21.69 -11.47 -36.73
N THR B 10 14.40 -14.14 -45.92
CA THR B 10 15.61 -15.01 -45.79
C THR B 10 15.65 -15.63 -44.40
N ARG B 11 16.85 -15.84 -43.86
CA ARG B 11 17.03 -16.40 -42.54
C ARG B 11 17.15 -15.26 -41.52
N PHE B 12 16.67 -15.51 -40.31
CA PHE B 12 16.68 -14.53 -39.22
C PHE B 12 17.45 -15.04 -38.01
N ARG B 13 17.99 -14.13 -37.21
CA ARG B 13 18.68 -14.55 -36.01
C ARG B 13 17.58 -15.08 -35.10
N PRO B 14 17.91 -15.97 -34.17
CA PRO B 14 16.90 -16.53 -33.26
C PRO B 14 16.09 -15.53 -32.45
N ASP B 15 16.74 -14.44 -32.01
CA ASP B 15 16.04 -13.43 -31.21
C ASP B 15 15.99 -12.04 -31.82
N LEU B 16 15.08 -11.22 -31.28
CA LEU B 16 14.99 -9.82 -31.70
C LEU B 16 15.14 -9.01 -30.41
N LEU B 17 16.37 -8.82 -29.98
CA LEU B 17 16.70 -8.06 -28.78
C LEU B 17 17.01 -6.60 -29.12
N SER B 18 17.49 -6.39 -30.33
CA SER B 18 17.82 -5.06 -30.80
C SER B 18 17.49 -4.99 -32.27
N LEU B 19 17.21 -3.79 -32.76
CA LEU B 19 16.93 -3.63 -34.17
C LEU B 19 18.19 -4.01 -34.96
N ASP B 20 19.34 -3.90 -34.30
CA ASP B 20 20.59 -4.23 -34.98
C ASP B 20 20.75 -5.74 -35.14
N ASP B 21 19.80 -6.51 -34.62
CA ASP B 21 19.83 -7.96 -34.80
C ASP B 21 19.38 -8.29 -36.23
N LEU B 22 18.86 -7.27 -36.90
CA LEU B 22 18.36 -7.39 -38.28
C LEU B 22 19.22 -6.62 -39.27
N ASP B 23 19.81 -7.29 -40.26
CA ASP B 23 20.59 -6.54 -41.24
C ASP B 23 19.58 -5.98 -42.24
N GLU B 24 20.05 -5.27 -43.27
CA GLU B 24 19.12 -4.67 -44.23
C GLU B 24 18.14 -5.63 -44.89
N ALA B 25 18.62 -6.79 -45.31
CA ALA B 25 17.72 -7.76 -45.94
C ALA B 25 16.67 -8.29 -44.96
N GLN B 26 17.08 -8.56 -43.72
CA GLN B 26 16.16 -9.08 -42.72
C GLN B 26 15.05 -8.07 -42.38
N LEU B 27 15.43 -6.81 -42.15
CA LEU B 27 14.42 -5.81 -41.83
C LEU B 27 13.40 -5.68 -42.96
N HIS B 28 13.90 -5.56 -44.19
CA HIS B 28 13.01 -5.46 -45.35
C HIS B 28 12.14 -6.71 -45.51
N ALA B 29 12.72 -7.88 -45.28
CA ALA B 29 11.96 -9.12 -45.39
C ALA B 29 10.85 -9.08 -44.33
N LEU B 30 11.20 -8.55 -43.17
CA LEU B 30 10.24 -8.45 -42.07
C LEU B 30 9.13 -7.46 -42.44
N LEU B 31 9.51 -6.31 -42.99
CA LEU B 31 8.50 -5.31 -43.37
C LEU B 31 7.60 -5.82 -44.47
N THR B 32 8.17 -6.58 -45.40
CA THR B 32 7.40 -7.14 -46.50
C THR B 32 6.38 -8.13 -45.97
N LEU B 33 6.85 -9.06 -45.14
CA LEU B 33 5.98 -10.07 -44.52
C LEU B 33 4.84 -9.40 -43.77
N ALA B 34 5.17 -8.35 -43.01
CA ALA B 34 4.17 -7.63 -42.23
C ALA B 34 3.09 -7.10 -43.15
N HIS B 35 3.49 -6.54 -44.28
CA HIS B 35 2.56 -5.98 -45.26
C HIS B 35 1.70 -7.06 -45.92
N GLN B 36 2.30 -8.21 -46.24
CA GLN B 36 1.55 -9.28 -46.88
C GLN B 36 0.53 -9.89 -45.92
N LEU B 37 0.93 -10.06 -44.67
CA LEU B 37 0.04 -10.61 -43.67
C LEU B 37 -1.11 -9.64 -43.47
N LYS B 38 -0.79 -8.35 -43.42
CA LYS B 38 -1.80 -7.32 -43.22
C LYS B 38 -2.85 -7.26 -44.35
N ARG B 39 -2.39 -7.34 -45.59
CA ARG B 39 -3.30 -7.28 -46.74
C ARG B 39 -3.88 -8.64 -47.10
N GLY B 40 -3.49 -9.67 -46.37
CA GLY B 40 -3.98 -10.99 -46.67
C GLY B 40 -3.39 -11.56 -47.94
N GLU B 41 -2.32 -10.93 -48.44
CA GLU B 41 -1.68 -11.42 -49.67
C GLU B 41 -0.89 -12.67 -49.32
N ARG B 42 -0.81 -12.94 -48.02
CA ARG B 42 -0.10 -14.11 -47.54
C ARG B 42 -0.69 -14.53 -46.21
N VAL B 43 -0.43 -15.79 -45.85
CA VAL B 43 -0.93 -16.33 -44.60
C VAL B 43 0.17 -17.06 -43.86
N ALA B 44 -0.01 -17.20 -42.56
CA ALA B 44 0.93 -17.89 -41.70
C ALA B 44 0.16 -18.29 -40.47
N ASN B 45 0.72 -19.20 -39.69
CA ASN B 45 0.05 -19.62 -38.47
C ASN B 45 1.07 -20.25 -37.53
N LEU B 46 0.77 -20.18 -36.25
CA LEU B 46 1.64 -20.73 -35.22
C LEU B 46 0.76 -21.64 -34.36
N HIS B 47 -0.12 -22.38 -35.02
CA HIS B 47 -1.02 -23.28 -34.34
C HIS B 47 -0.25 -24.24 -33.43
N GLY B 48 -0.79 -24.47 -32.24
CA GLY B 48 -0.13 -25.36 -31.29
C GLY B 48 1.07 -24.74 -30.61
N LYS B 49 1.28 -23.43 -30.83
CA LYS B 49 2.40 -22.75 -30.22
C LYS B 49 1.89 -21.72 -29.22
N VAL B 50 2.70 -21.43 -28.21
CA VAL B 50 2.30 -20.50 -27.17
C VAL B 50 3.35 -19.42 -26.94
N LEU B 51 2.90 -18.18 -26.89
CA LEU B 51 3.78 -17.05 -26.66
C LEU B 51 3.67 -16.64 -25.19
N GLY B 52 4.81 -16.53 -24.51
CA GLY B 52 4.79 -16.13 -23.12
C GLY B 52 5.15 -14.65 -23.04
N LEU B 53 4.45 -13.92 -22.19
CA LEU B 53 4.70 -12.50 -22.02
C LEU B 53 5.25 -12.27 -20.62
N VAL B 54 6.42 -11.68 -20.52
CA VAL B 54 6.99 -11.38 -19.21
C VAL B 54 7.31 -9.89 -19.18
N PHE B 55 6.36 -9.12 -18.67
CA PHE B 55 6.48 -7.68 -18.57
C PHE B 55 6.79 -7.22 -17.15
N LEU B 56 8.05 -6.86 -16.90
CA LEU B 56 8.46 -6.38 -15.57
C LEU B 56 7.88 -5.00 -15.27
N LYS B 57 7.33 -4.38 -16.30
CA LYS B 57 6.71 -3.06 -16.18
C LYS B 57 5.45 -3.14 -17.03
N ALA B 58 4.31 -3.34 -16.37
CA ALA B 58 3.04 -3.46 -17.07
C ALA B 58 2.86 -2.51 -18.25
N SER B 59 2.31 -3.04 -19.33
CA SER B 59 2.03 -2.28 -20.55
C SER B 59 0.84 -2.94 -21.23
N THR B 60 -0.35 -2.38 -21.00
CA THR B 60 -1.55 -2.94 -21.58
C THR B 60 -1.57 -2.81 -23.09
N ARG B 61 -1.08 -1.70 -23.61
CA ARG B 61 -1.07 -1.51 -25.07
C ARG B 61 -0.16 -2.53 -25.73
N THR B 62 1.00 -2.78 -25.10
CA THR B 62 1.95 -3.73 -25.65
C THR B 62 1.43 -5.15 -25.48
N ARG B 63 0.70 -5.39 -24.38
CA ARG B 63 0.19 -6.73 -24.15
C ARG B 63 -0.91 -7.08 -25.16
N VAL B 64 -1.82 -6.15 -25.41
CA VAL B 64 -2.89 -6.40 -26.36
C VAL B 64 -2.39 -6.61 -27.79
N SER B 65 -1.46 -5.78 -28.26
CA SER B 65 -0.94 -5.91 -29.62
C SER B 65 -0.23 -7.25 -29.81
N PHE B 66 0.60 -7.65 -28.85
CA PHE B 66 1.27 -8.93 -28.95
C PHE B 66 0.26 -10.07 -28.86
N THR B 67 -0.68 -9.97 -27.93
CA THR B 67 -1.64 -11.04 -27.78
C THR B 67 -2.56 -11.24 -28.98
N VAL B 68 -3.08 -10.16 -29.56
CA VAL B 68 -3.94 -10.28 -30.73
C VAL B 68 -3.13 -10.73 -31.95
N ALA B 69 -1.85 -10.39 -32.00
CA ALA B 69 -0.99 -10.82 -33.12
C ALA B 69 -0.87 -12.35 -33.12
N MET B 70 -0.63 -12.91 -31.95
CA MET B 70 -0.50 -14.35 -31.82
C MET B 70 -1.84 -15.03 -32.11
N TYR B 71 -2.93 -14.43 -31.64
CA TYR B 71 -4.25 -15.00 -31.88
C TYR B 71 -4.56 -15.09 -33.37
N GLN B 72 -4.29 -14.03 -34.11
CA GLN B 72 -4.57 -14.03 -35.55
C GLN B 72 -3.65 -15.00 -36.28
N LEU B 73 -2.54 -15.37 -35.64
CA LEU B 73 -1.63 -16.33 -36.25
C LEU B 73 -2.05 -17.73 -35.82
N GLY B 74 -3.09 -17.83 -35.00
CA GLY B 74 -3.58 -19.12 -34.54
C GLY B 74 -2.86 -19.75 -33.36
N GLY B 75 -2.10 -18.95 -32.60
CA GLY B 75 -1.41 -19.50 -31.45
C GLY B 75 -2.10 -19.05 -30.19
N GLN B 76 -1.57 -19.46 -29.04
CA GLN B 76 -2.16 -19.04 -27.77
C GLN B 76 -1.17 -18.15 -27.03
N VAL B 77 -1.65 -17.48 -26.00
CA VAL B 77 -0.81 -16.56 -25.23
C VAL B 77 -1.01 -16.70 -23.72
N ILE B 78 0.06 -16.45 -22.96
CA ILE B 78 -0.01 -16.50 -21.52
C ILE B 78 0.83 -15.36 -20.98
N ASP B 79 0.29 -14.63 -20.03
CA ASP B 79 1.01 -13.54 -19.41
C ASP B 79 1.71 -14.08 -18.15
N LEU B 80 3.03 -13.88 -18.07
CA LEU B 80 3.83 -14.35 -16.94
C LEU B 80 4.50 -13.18 -16.21
N GLU B 91 14.00 -14.95 -7.54
CA GLU B 91 14.49 -16.10 -8.32
C GLU B 91 15.38 -15.61 -9.45
N PRO B 92 16.55 -16.25 -9.63
CA PRO B 92 17.47 -15.86 -10.70
C PRO B 92 16.76 -15.97 -12.06
N VAL B 93 17.06 -15.05 -12.97
CA VAL B 93 16.42 -15.08 -14.28
C VAL B 93 16.80 -16.36 -15.01
N ARG B 94 18.02 -16.84 -14.80
CA ARG B 94 18.43 -18.06 -15.49
C ARG B 94 17.56 -19.26 -15.12
N ASP B 95 17.01 -19.25 -13.90
CA ASP B 95 16.14 -20.34 -13.45
C ASP B 95 14.77 -20.21 -14.12
N THR B 96 14.17 -19.02 -14.02
CA THR B 96 12.85 -18.81 -14.62
C THR B 96 12.86 -18.93 -16.15
N ALA B 97 14.00 -18.57 -16.77
CA ALA B 97 14.14 -18.67 -18.22
C ALA B 97 14.14 -20.13 -18.67
N ARG B 98 14.92 -20.96 -17.97
CA ARG B 98 15.01 -22.38 -18.32
C ARG B 98 13.68 -23.09 -18.15
N VAL B 99 12.95 -22.76 -17.09
CA VAL B 99 11.65 -23.38 -16.85
C VAL B 99 10.66 -22.89 -17.92
N LEU B 100 10.64 -21.59 -18.17
CA LEU B 100 9.73 -21.04 -19.17
C LEU B 100 10.00 -21.70 -20.51
N GLY B 101 11.27 -21.84 -20.84
CA GLY B 101 11.66 -22.47 -22.10
C GLY B 101 11.16 -23.89 -22.28
N ARG B 102 10.71 -24.54 -21.21
CA ARG B 102 10.19 -25.90 -21.29
C ARG B 102 8.67 -25.89 -21.45
N TYR B 103 8.05 -24.73 -21.24
CA TYR B 103 6.59 -24.63 -21.34
C TYR B 103 6.06 -23.91 -22.60
N VAL B 104 6.67 -22.78 -22.95
CA VAL B 104 6.23 -21.98 -24.09
C VAL B 104 7.20 -22.03 -25.26
N ASP B 105 6.78 -21.49 -26.41
CA ASP B 105 7.59 -21.52 -27.62
C ASP B 105 8.25 -20.21 -27.97
N GLY B 106 7.92 -19.16 -27.23
CA GLY B 106 8.51 -17.87 -27.49
C GLY B 106 8.21 -16.93 -26.34
N LEU B 107 9.06 -15.93 -26.17
CA LEU B 107 8.86 -14.98 -25.10
C LEU B 107 9.01 -13.55 -25.59
N ALA B 108 8.06 -12.70 -25.23
CA ALA B 108 8.14 -11.27 -25.55
C ALA B 108 8.32 -10.67 -24.17
N ILE B 109 9.43 -9.98 -23.95
CA ILE B 109 9.68 -9.42 -22.63
C ILE B 109 9.98 -7.93 -22.56
N ARG B 110 9.51 -7.35 -21.46
CA ARG B 110 9.70 -5.94 -21.14
C ARG B 110 10.50 -5.86 -19.86
N THR B 111 11.76 -5.46 -19.96
CA THR B 111 12.61 -5.30 -18.78
C THR B 111 13.15 -3.89 -18.84
N PHE B 112 13.96 -3.55 -17.85
CA PHE B 112 14.57 -2.24 -17.81
C PHE B 112 15.95 -2.38 -18.43
N ALA B 113 16.74 -3.28 -17.87
CA ALA B 113 18.09 -3.52 -18.36
C ALA B 113 18.13 -4.39 -19.61
N GLN B 114 18.87 -3.91 -20.61
CA GLN B 114 19.03 -4.64 -21.86
C GLN B 114 19.70 -5.97 -21.51
N THR B 115 20.68 -5.87 -20.62
CA THR B 115 21.45 -7.04 -20.18
C THR B 115 20.56 -8.13 -19.55
N GLU B 116 19.47 -7.73 -18.92
CA GLU B 116 18.56 -8.71 -18.32
C GLU B 116 17.87 -9.44 -19.46
N LEU B 117 17.47 -8.67 -20.45
CA LEU B 117 16.81 -9.21 -21.63
C LEU B 117 17.72 -10.24 -22.26
N GLU B 118 19.01 -9.93 -22.28
CA GLU B 118 19.98 -10.85 -22.88
C GLU B 118 20.14 -12.12 -22.04
N GLU B 119 19.95 -12.01 -20.73
CA GLU B 119 20.04 -13.16 -19.83
C GLU B 119 18.95 -14.15 -20.21
N TYR B 120 17.74 -13.65 -20.42
CA TYR B 120 16.64 -14.52 -20.80
C TYR B 120 16.96 -15.26 -22.09
N ALA B 121 17.35 -14.51 -23.11
CA ALA B 121 17.68 -15.09 -24.42
C ALA B 121 18.74 -16.17 -24.33
N HIS B 122 19.72 -15.96 -23.46
CA HIS B 122 20.78 -16.92 -23.30
C HIS B 122 20.33 -18.24 -22.65
N TYR B 123 19.45 -18.16 -21.66
CA TYR B 123 18.99 -19.36 -20.96
C TYR B 123 17.65 -19.98 -21.40
N ALA B 124 16.74 -19.18 -21.93
CA ALA B 124 15.43 -19.70 -22.33
C ALA B 124 15.43 -20.88 -23.28
N GLY B 125 16.25 -20.83 -24.33
CA GLY B 125 16.27 -21.92 -25.29
C GLY B 125 15.14 -21.77 -26.33
N ILE B 126 14.47 -20.61 -26.30
CA ILE B 126 13.40 -20.31 -27.25
C ILE B 126 13.58 -18.85 -27.66
N PRO B 127 13.08 -18.47 -28.84
CA PRO B 127 13.26 -17.07 -29.25
C PRO B 127 12.74 -16.06 -28.24
N VAL B 128 13.48 -14.96 -28.11
CA VAL B 128 13.11 -13.89 -27.20
C VAL B 128 12.95 -12.61 -28.00
N ILE B 129 11.88 -11.90 -27.74
CA ILE B 129 11.60 -10.64 -28.43
C ILE B 129 11.57 -9.53 -27.42
N ASN B 130 12.25 -8.44 -27.76
CA ASN B 130 12.31 -7.25 -26.91
C ASN B 130 11.01 -6.46 -27.04
N ALA B 131 10.15 -6.59 -26.04
CA ALA B 131 8.89 -5.87 -26.05
C ALA B 131 9.09 -4.44 -25.57
N LEU B 132 10.29 -4.12 -25.09
CA LEU B 132 10.65 -2.80 -24.60
C LEU B 132 11.68 -2.88 -23.46
N THR B 133 12.76 -2.10 -23.60
CA THR B 133 13.79 -1.99 -22.58
C THR B 133 14.14 -0.50 -22.46
N ASP B 134 14.98 -0.16 -21.48
CA ASP B 134 15.41 1.22 -21.29
C ASP B 134 16.26 1.65 -22.48
N HIS B 135 16.90 0.67 -23.11
CA HIS B 135 17.79 0.91 -24.23
C HIS B 135 17.16 0.92 -25.63
N GLU B 136 16.19 0.05 -25.90
CA GLU B 136 15.57 0.02 -27.20
C GLU B 136 14.10 -0.39 -27.21
N HIS B 137 13.47 -0.20 -28.37
CA HIS B 137 12.05 -0.54 -28.57
C HIS B 137 11.93 -0.84 -30.07
N PRO B 138 12.54 -1.96 -30.51
CA PRO B 138 12.52 -2.36 -31.91
C PRO B 138 11.16 -2.64 -32.56
N CYS B 139 10.27 -3.33 -31.87
CA CYS B 139 8.95 -3.64 -32.43
C CYS B 139 8.16 -2.38 -32.76
N GLN B 140 8.32 -1.35 -31.94
CA GLN B 140 7.64 -0.09 -32.18
C GLN B 140 8.14 0.51 -33.49
N VAL B 141 9.46 0.49 -33.67
CA VAL B 141 10.07 1.04 -34.88
C VAL B 141 9.73 0.25 -36.12
N VAL B 142 9.57 -1.06 -36.01
CA VAL B 142 9.19 -1.81 -37.21
C VAL B 142 7.78 -1.34 -37.57
N ALA B 143 6.95 -1.05 -36.56
CA ALA B 143 5.58 -0.59 -36.82
C ALA B 143 5.58 0.81 -37.44
N ASP B 144 6.51 1.65 -37.01
CA ASP B 144 6.62 3.02 -37.52
C ASP B 144 7.05 3.00 -39.00
N LEU B 145 7.97 2.10 -39.31
CA LEU B 145 8.48 1.98 -40.67
C LEU B 145 7.37 1.56 -41.62
N LEU B 146 6.56 0.61 -41.17
CA LEU B 146 5.45 0.10 -41.96
C LEU B 146 4.55 1.28 -42.27
N THR B 147 4.32 2.09 -41.25
CA THR B 147 3.46 3.26 -41.37
C THR B 147 4.03 4.28 -42.35
N ILE B 148 5.33 4.54 -42.26
CA ILE B 148 5.95 5.50 -43.15
C ILE B 148 5.84 5.04 -44.59
N ARG B 149 6.16 3.76 -44.82
CA ARG B 149 6.08 3.14 -46.13
C ARG B 149 4.69 3.27 -46.76
N GLU B 150 3.65 3.00 -45.97
CA GLU B 150 2.27 3.10 -46.48
C GLU B 150 1.86 4.53 -46.86
N ASN B 151 2.46 5.51 -46.18
CA ASN B 151 2.12 6.89 -46.47
C ASN B 151 2.91 7.49 -47.62
N PHE B 152 4.17 7.07 -47.77
CA PHE B 152 5.04 7.63 -48.80
C PHE B 152 5.40 6.70 -49.97
N GLY B 153 5.06 5.41 -49.86
CA GLY B 153 5.39 4.47 -50.91
C GLY B 153 6.87 4.13 -51.00
N ARG B 154 7.63 4.47 -49.96
CA ARG B 154 9.05 4.21 -49.92
C ARG B 154 9.63 4.51 -48.54
N LEU B 155 10.87 4.14 -48.32
CA LEU B 155 11.52 4.44 -47.05
C LEU B 155 12.82 5.22 -47.28
N ALA B 156 13.63 4.75 -48.22
CA ALA B 156 14.91 5.40 -48.48
C ALA B 156 14.75 6.80 -49.07
N GLY B 157 15.67 7.70 -48.73
CA GLY B 157 15.60 9.05 -49.27
C GLY B 157 14.71 10.00 -48.50
N LEU B 158 13.95 9.46 -47.55
CA LEU B 158 13.07 10.27 -46.72
C LEU B 158 13.89 10.79 -45.54
N LYS B 159 13.38 11.81 -44.87
CA LYS B 159 14.04 12.37 -43.70
C LYS B 159 13.06 12.35 -42.52
N LEU B 160 13.53 11.78 -41.41
CA LEU B 160 12.73 11.68 -40.19
C LEU B 160 13.38 12.59 -39.15
N ALA B 161 12.54 13.33 -38.44
CA ALA B 161 13.01 14.23 -37.40
C ALA B 161 12.41 13.75 -36.08
N TYR B 162 13.29 13.39 -35.16
CA TYR B 162 12.86 12.98 -33.84
C TYR B 162 13.22 14.12 -32.88
N VAL B 163 12.23 14.62 -32.15
CA VAL B 163 12.47 15.69 -31.19
C VAL B 163 12.01 15.25 -29.80
N GLY B 164 12.88 15.45 -28.82
CA GLY B 164 12.53 15.10 -27.45
C GLY B 164 13.70 14.52 -26.71
N ASP B 165 13.43 13.44 -25.98
CA ASP B 165 14.45 12.78 -25.18
C ASP B 165 15.10 11.62 -25.96
N GLY B 166 16.44 11.64 -26.00
CA GLY B 166 17.15 10.59 -26.71
C GLY B 166 17.02 9.29 -25.92
N ASN B 167 15.85 8.66 -26.05
CA ASN B 167 15.54 7.43 -25.33
C ASN B 167 15.58 6.15 -26.17
N ASN B 168 14.91 5.11 -25.63
CA ASN B 168 14.83 3.81 -26.28
C ASN B 168 14.30 3.81 -27.72
N VAL B 169 13.23 4.57 -27.97
CA VAL B 169 12.67 4.61 -29.33
C VAL B 169 13.63 5.38 -30.26
N ALA B 170 14.25 6.43 -29.74
CA ALA B 170 15.20 7.18 -30.56
C ALA B 170 16.34 6.25 -31.01
N HIS B 171 16.81 5.38 -30.11
CA HIS B 171 17.87 4.44 -30.46
C HIS B 171 17.44 3.50 -31.59
N SER B 172 16.26 2.92 -31.44
CA SER B 172 15.75 2.02 -32.46
C SER B 172 15.48 2.75 -33.78
N LEU B 173 15.07 4.01 -33.70
CA LEU B 173 14.80 4.81 -34.91
C LEU B 173 16.12 5.04 -35.63
N LEU B 174 17.16 5.38 -34.88
CA LEU B 174 18.48 5.61 -35.46
C LEU B 174 18.95 4.40 -36.27
N LEU B 175 18.87 3.21 -35.66
CA LEU B 175 19.29 1.99 -36.35
C LEU B 175 18.31 1.62 -37.46
N GLY B 176 17.01 1.73 -37.18
CA GLY B 176 16.02 1.39 -38.19
C GLY B 176 16.09 2.27 -39.41
N CYS B 177 16.08 3.58 -39.16
CA CYS B 177 16.15 4.57 -40.22
C CYS B 177 17.39 4.39 -41.10
N ALA B 178 18.56 4.28 -40.49
CA ALA B 178 19.78 4.13 -41.27
C ALA B 178 19.70 2.87 -42.13
N LYS B 179 19.18 1.79 -41.56
CA LYS B 179 19.10 0.52 -42.27
C LYS B 179 18.26 0.50 -43.55
N VAL B 180 17.18 1.27 -43.61
CA VAL B 180 16.34 1.30 -44.82
C VAL B 180 16.63 2.55 -45.69
N GLY B 181 17.77 3.17 -45.45
CA GLY B 181 18.14 4.33 -46.25
C GLY B 181 17.45 5.64 -45.91
N MET B 182 16.78 5.70 -44.76
CA MET B 182 16.08 6.93 -44.36
C MET B 182 17.02 7.80 -43.51
N SER B 183 17.12 9.08 -43.86
CA SER B 183 17.95 10.00 -43.09
C SER B 183 17.20 10.34 -41.82
N ILE B 184 17.95 10.62 -40.76
CA ILE B 184 17.33 10.95 -39.49
C ILE B 184 18.10 12.03 -38.74
N ALA B 185 17.34 12.95 -38.15
CA ALA B 185 17.90 14.03 -37.36
C ALA B 185 17.25 13.92 -35.99
N VAL B 186 18.06 13.76 -34.95
CA VAL B 186 17.53 13.66 -33.60
C VAL B 186 17.89 14.90 -32.80
N ALA B 187 16.88 15.66 -32.37
CA ALA B 187 17.11 16.87 -31.58
C ALA B 187 16.65 16.65 -30.15
N THR B 188 17.54 16.90 -29.20
CA THR B 188 17.25 16.73 -27.79
C THR B 188 17.97 17.80 -26.97
N PRO B 189 17.63 17.94 -25.68
CA PRO B 189 18.30 18.94 -24.85
C PRO B 189 19.75 18.48 -24.64
N GLU B 190 20.62 19.40 -24.26
CA GLU B 190 22.03 19.10 -24.05
C GLU B 190 22.39 17.84 -23.25
N GLY B 191 21.66 17.57 -22.18
CA GLY B 191 22.00 16.38 -21.40
C GLY B 191 21.25 15.09 -21.71
N PHE B 192 20.27 15.15 -22.61
CA PHE B 192 19.48 13.96 -22.93
C PHE B 192 19.67 13.45 -24.36
N THR B 193 20.92 13.44 -24.82
CA THR B 193 21.22 12.97 -26.16
C THR B 193 21.22 11.45 -26.22
N PRO B 194 21.04 10.88 -27.43
CA PRO B 194 21.03 9.41 -27.53
C PRO B 194 22.41 8.81 -27.27
N ASP B 195 22.42 7.55 -26.86
CA ASP B 195 23.64 6.81 -26.60
C ASP B 195 24.59 7.06 -27.77
N PRO B 196 25.77 7.67 -27.52
CA PRO B 196 26.72 7.93 -28.61
C PRO B 196 27.09 6.69 -29.40
N ALA B 197 27.07 5.53 -28.75
CA ALA B 197 27.40 4.29 -29.42
C ALA B 197 26.35 3.86 -30.44
N VAL B 198 25.06 4.14 -30.17
CA VAL B 198 24.05 3.74 -31.14
C VAL B 198 24.12 4.70 -32.32
N SER B 199 24.36 5.98 -32.03
CA SER B 199 24.48 7.00 -33.05
C SER B 199 25.62 6.64 -34.00
N ALA B 200 26.76 6.29 -33.43
CA ALA B 200 27.94 5.91 -34.20
C ALA B 200 27.66 4.70 -35.07
N ARG B 201 26.97 3.73 -34.48
CA ARG B 201 26.62 2.52 -35.22
C ARG B 201 25.64 2.86 -36.34
N ALA B 202 24.69 3.75 -36.06
CA ALA B 202 23.70 4.14 -37.07
C ALA B 202 24.37 4.89 -38.23
N SER B 203 25.32 5.77 -37.90
CA SER B 203 26.02 6.53 -38.94
C SER B 203 26.83 5.56 -39.81
N GLU B 204 27.34 4.50 -39.18
CA GLU B 204 28.12 3.49 -39.89
C GLU B 204 27.23 2.80 -40.92
N ILE B 205 26.01 2.45 -40.51
CA ILE B 205 25.08 1.79 -41.40
C ILE B 205 24.65 2.75 -42.51
N ALA B 206 24.40 4.00 -42.13
CA ALA B 206 23.95 5.02 -43.07
C ALA B 206 24.97 5.26 -44.19
N GLY B 207 26.25 5.10 -43.87
CA GLY B 207 27.28 5.31 -44.87
C GLY B 207 27.15 4.37 -46.05
N ARG B 208 26.55 3.20 -45.80
CA ARG B 208 26.34 2.20 -46.84
C ARG B 208 24.97 2.29 -47.51
N THR B 209 24.01 2.91 -46.84
CA THR B 209 22.66 3.01 -47.41
C THR B 209 22.36 4.34 -48.07
N GLY B 210 23.27 5.29 -47.95
CA GLY B 210 23.06 6.59 -48.57
C GLY B 210 22.24 7.56 -47.75
N ALA B 211 22.04 7.26 -46.47
CA ALA B 211 21.26 8.13 -45.61
C ALA B 211 22.19 8.95 -44.73
N GLU B 212 21.66 9.98 -44.09
CA GLU B 212 22.50 10.74 -43.20
C GLU B 212 21.93 10.78 -41.79
N VAL B 213 22.84 10.71 -40.82
CA VAL B 213 22.46 10.74 -39.41
C VAL B 213 22.97 12.02 -38.79
N GLN B 214 22.07 12.72 -38.10
CA GLN B 214 22.42 13.96 -37.42
C GLN B 214 21.86 14.01 -36.00
N ILE B 215 22.71 14.28 -35.02
CA ILE B 215 22.27 14.42 -33.63
C ILE B 215 22.45 15.91 -33.37
N LEU B 216 21.35 16.62 -33.21
CA LEU B 216 21.41 18.06 -33.01
C LEU B 216 20.81 18.53 -31.71
N ARG B 217 20.78 19.85 -31.56
CA ARG B 217 20.23 20.48 -30.37
C ARG B 217 18.93 21.19 -30.73
N ASP B 218 18.95 21.88 -31.88
CA ASP B 218 17.80 22.64 -32.34
C ASP B 218 16.74 21.85 -33.10
N PRO B 219 15.53 21.76 -32.54
CA PRO B 219 14.40 21.03 -33.14
C PRO B 219 13.97 21.57 -34.51
N PHE B 220 14.06 22.88 -34.69
CA PHE B 220 13.68 23.48 -35.98
C PHE B 220 14.67 23.12 -37.08
N GLU B 221 15.94 23.00 -36.72
CA GLU B 221 16.97 22.64 -37.68
C GLU B 221 16.73 21.20 -38.10
N ALA B 222 16.37 20.36 -37.12
CA ALA B 222 16.11 18.95 -37.35
C ALA B 222 14.89 18.73 -38.22
N ALA B 223 13.80 19.41 -37.89
CA ALA B 223 12.54 19.29 -38.61
C ALA B 223 12.53 19.84 -40.05
N ARG B 224 13.51 20.65 -40.41
CA ARG B 224 13.54 21.23 -41.76
C ARG B 224 13.70 20.17 -42.84
N GLY B 225 12.76 20.16 -43.78
CA GLY B 225 12.80 19.21 -44.86
C GLY B 225 12.42 17.81 -44.44
N ALA B 226 12.04 17.65 -43.18
CA ALA B 226 11.67 16.33 -42.67
C ALA B 226 10.29 15.92 -43.16
N HIS B 227 10.17 14.65 -43.57
CA HIS B 227 8.91 14.09 -44.04
C HIS B 227 8.15 13.52 -42.84
N ILE B 228 8.87 13.27 -41.76
CA ILE B 228 8.25 12.76 -40.54
C ILE B 228 8.73 13.52 -39.31
N LEU B 229 7.79 13.93 -38.47
CA LEU B 229 8.12 14.59 -37.21
C LEU B 229 7.75 13.51 -36.18
N TYR B 230 8.70 13.15 -35.33
CA TYR B 230 8.46 12.10 -34.33
C TYR B 230 8.83 12.54 -32.92
N THR B 231 7.96 12.24 -31.97
CA THR B 231 8.25 12.58 -30.59
C THR B 231 7.74 11.50 -29.64
N ASP B 232 7.97 11.70 -28.35
CA ASP B 232 7.57 10.71 -27.35
C ASP B 232 7.56 11.44 -26.01
N VAL B 233 7.04 10.79 -24.98
CA VAL B 233 6.95 11.38 -23.65
C VAL B 233 8.34 11.86 -23.17
N TRP B 234 8.36 12.99 -22.48
CA TRP B 234 9.62 13.51 -21.96
C TRP B 234 10.03 12.69 -20.75
N THR B 235 11.33 12.73 -20.43
CA THR B 235 11.89 12.01 -19.29
C THR B 235 11.09 12.22 -18.01
N HIS B 245 12.13 22.75 -13.79
CA HIS B 245 13.07 22.66 -14.91
C HIS B 245 12.47 21.90 -16.09
N ARG B 246 11.75 20.82 -15.78
CA ARG B 246 11.09 19.98 -16.78
C ARG B 246 10.72 20.75 -18.05
N LEU B 247 9.83 21.73 -17.91
CA LEU B 247 9.39 22.54 -19.04
C LEU B 247 10.50 23.33 -19.70
N GLN B 248 11.11 24.22 -18.94
CA GLN B 248 12.20 25.05 -19.44
C GLN B 248 13.14 24.23 -20.32
N LEU B 249 13.35 22.99 -19.92
CA LEU B 249 14.25 22.07 -20.60
C LEU B 249 13.70 21.46 -21.90
N PHE B 250 12.47 20.95 -21.86
CA PHE B 250 11.89 20.30 -23.03
C PHE B 250 10.95 21.11 -23.93
N GLU B 251 10.32 22.14 -23.38
CA GLU B 251 9.37 22.96 -24.14
C GLU B 251 9.65 23.23 -25.62
N GLN B 252 10.87 23.60 -25.96
CA GLN B 252 11.21 23.90 -27.34
C GLN B 252 11.04 22.69 -28.28
N TYR B 253 11.22 21.49 -27.73
CA TYR B 253 11.13 20.26 -28.49
C TYR B 253 9.72 19.78 -28.82
N GLN B 254 8.72 20.54 -28.37
CA GLN B 254 7.34 20.20 -28.62
C GLN B 254 6.97 20.27 -30.10
N ILE B 255 6.24 19.28 -30.59
CA ILE B 255 5.82 19.34 -31.97
C ILE B 255 4.44 19.98 -31.97
N ASN B 256 4.36 21.14 -32.61
CA ASN B 256 3.13 21.89 -32.70
C ASN B 256 3.06 22.48 -34.09
N ALA B 257 2.00 23.24 -34.37
CA ALA B 257 1.83 23.84 -35.70
C ALA B 257 3.08 24.58 -36.14
N ALA B 258 3.76 25.22 -35.19
CA ALA B 258 4.97 25.97 -35.51
C ALA B 258 6.07 25.06 -36.06
N LEU B 259 6.34 23.97 -35.34
CA LEU B 259 7.39 23.04 -35.75
C LEU B 259 6.96 22.33 -37.02
N LEU B 260 5.69 21.96 -37.09
CA LEU B 260 5.14 21.28 -38.25
C LEU B 260 5.33 22.12 -39.52
N ASN B 261 5.24 23.44 -39.36
CA ASN B 261 5.38 24.35 -40.49
C ASN B 261 6.80 24.37 -41.06
N CYS B 262 7.77 23.94 -40.25
CA CYS B 262 9.16 23.93 -40.67
C CYS B 262 9.50 22.64 -41.42
N ALA B 263 8.59 21.67 -41.33
CA ALA B 263 8.80 20.38 -41.97
C ALA B 263 8.44 20.42 -43.45
N ALA B 264 8.66 19.30 -44.13
CA ALA B 264 8.35 19.19 -45.54
C ALA B 264 6.85 19.31 -45.76
N ALA B 265 6.47 19.72 -46.96
CA ALA B 265 5.07 19.90 -47.34
C ALA B 265 4.17 18.71 -47.04
N GLU B 266 4.65 17.51 -47.27
CA GLU B 266 3.81 16.32 -47.03
C GLU B 266 4.07 15.69 -45.66
N ALA B 267 4.83 16.37 -44.80
CA ALA B 267 5.16 15.83 -43.50
C ALA B 267 4.00 15.18 -42.74
N ILE B 268 4.35 14.10 -42.06
CA ILE B 268 3.41 13.31 -41.27
C ILE B 268 3.90 13.40 -39.81
N VAL B 269 3.00 13.17 -38.86
CA VAL B 269 3.37 13.22 -37.44
C VAL B 269 3.15 11.86 -36.75
N LEU B 270 4.21 11.35 -36.10
CA LEU B 270 4.14 10.08 -35.40
C LEU B 270 4.42 10.23 -33.90
N HIS B 271 3.84 9.35 -33.11
CA HIS B 271 4.02 9.36 -31.67
C HIS B 271 3.73 7.95 -31.17
N CYS B 272 4.71 7.32 -30.54
CA CYS B 272 4.54 5.95 -30.06
C CYS B 272 3.48 5.74 -28.96
N LEU B 273 3.06 6.82 -28.30
CA LEU B 273 2.05 6.75 -27.24
C LEU B 273 2.59 6.12 -25.94
N PRO B 274 2.00 6.47 -24.78
CA PRO B 274 0.87 7.40 -24.62
C PRO B 274 1.35 8.84 -24.81
N ALA B 275 0.41 9.77 -24.92
CA ALA B 275 0.79 11.16 -25.16
C ALA B 275 0.33 12.12 -24.07
N HIS B 276 1.12 13.15 -23.82
CA HIS B 276 0.76 14.16 -22.83
C HIS B 276 0.51 15.45 -23.62
N ARG B 277 -0.73 15.65 -24.04
CA ARG B 277 -1.05 16.87 -24.80
C ARG B 277 -0.57 18.06 -23.99
N GLY B 278 0.07 19.01 -24.67
CA GLY B 278 0.57 20.18 -23.99
C GLY B 278 2.06 20.12 -23.71
N GLU B 279 2.64 18.91 -23.77
CA GLU B 279 4.06 18.77 -23.53
C GLU B 279 4.81 18.49 -24.83
N GLU B 280 4.98 17.21 -25.18
CA GLU B 280 5.70 16.86 -26.42
C GLU B 280 4.88 17.14 -27.67
N ILE B 281 3.55 17.22 -27.54
CA ILE B 281 2.69 17.52 -28.67
C ILE B 281 1.43 18.26 -28.23
N THR B 282 0.83 19.00 -29.14
CA THR B 282 -0.39 19.71 -28.83
C THR B 282 -1.58 18.91 -29.35
N ASP B 283 -2.73 19.08 -28.70
CA ASP B 283 -3.94 18.38 -29.11
C ASP B 283 -4.21 18.71 -30.57
N GLU B 284 -3.99 19.98 -30.93
CA GLU B 284 -4.20 20.46 -32.28
C GLU B 284 -3.52 19.60 -33.34
N VAL B 285 -2.22 19.38 -33.18
CA VAL B 285 -1.47 18.57 -34.14
C VAL B 285 -1.85 17.09 -34.04
N MET B 286 -1.97 16.61 -32.80
CA MET B 286 -2.30 15.22 -32.55
C MET B 286 -3.65 14.81 -33.16
N GLU B 287 -4.60 15.74 -33.18
CA GLU B 287 -5.92 15.46 -33.74
C GLU B 287 -6.03 16.00 -35.17
N GLY B 288 -4.96 16.64 -35.64
CA GLY B 288 -4.93 17.22 -36.97
C GLY B 288 -4.78 16.24 -38.12
N PRO B 289 -4.92 16.72 -39.38
CA PRO B 289 -4.82 15.91 -40.58
C PRO B 289 -3.45 15.32 -40.94
N ARG B 290 -2.40 15.74 -40.24
CA ARG B 290 -1.07 15.24 -40.53
C ARG B 290 -0.64 14.15 -39.56
N SER B 291 -1.52 13.85 -38.61
CA SER B 291 -1.24 12.81 -37.64
C SER B 291 -1.55 11.41 -38.20
N ARG B 292 -0.65 10.46 -37.95
CA ARG B 292 -0.86 9.08 -38.38
C ARG B 292 -0.69 8.19 -37.15
N ILE B 293 -0.83 8.82 -35.99
CA ILE B 293 -0.69 8.17 -34.69
C ILE B 293 -1.54 6.90 -34.49
N TRP B 294 -2.81 6.93 -34.91
CA TRP B 294 -3.66 5.76 -34.73
C TRP B 294 -3.27 4.61 -35.68
N ASP B 295 -2.94 4.94 -36.93
CA ASP B 295 -2.52 3.91 -37.89
C ASP B 295 -1.19 3.31 -37.41
N GLU B 296 -0.36 4.17 -36.83
CA GLU B 296 0.93 3.74 -36.32
C GLU B 296 0.66 2.75 -35.19
N ALA B 297 -0.30 3.08 -34.33
CA ALA B 297 -0.67 2.22 -33.21
C ALA B 297 -1.14 0.88 -33.73
N GLU B 298 -2.06 0.90 -34.70
CA GLU B 298 -2.58 -0.33 -35.27
C GLU B 298 -1.45 -1.19 -35.81
N ASN B 299 -0.50 -0.55 -36.50
CA ASN B 299 0.62 -1.28 -37.08
C ASN B 299 1.47 -2.02 -36.05
N ARG B 300 1.26 -1.76 -34.76
CA ARG B 300 2.01 -2.49 -33.74
C ARG B 300 1.63 -3.95 -33.90
N LEU B 301 0.35 -4.18 -34.21
CA LEU B 301 -0.19 -5.51 -34.38
C LEU B 301 0.38 -6.19 -35.64
N HIS B 302 0.41 -5.45 -36.74
CA HIS B 302 0.89 -6.02 -37.99
C HIS B 302 2.38 -6.26 -38.01
N ALA B 303 3.15 -5.39 -37.39
CA ALA B 303 4.59 -5.58 -37.34
C ALA B 303 4.92 -6.77 -36.42
N GLN B 304 4.24 -6.85 -35.29
CA GLN B 304 4.49 -7.94 -34.35
C GLN B 304 4.08 -9.31 -34.88
N LYS B 305 3.03 -9.37 -35.69
CA LYS B 305 2.61 -10.64 -36.28
C LYS B 305 3.75 -11.12 -37.14
N ALA B 306 4.40 -10.16 -37.81
CA ALA B 306 5.52 -10.50 -38.68
C ALA B 306 6.72 -11.02 -37.88
N VAL B 307 7.07 -10.36 -36.77
CA VAL B 307 8.22 -10.85 -36.01
C VAL B 307 7.94 -12.24 -35.39
N LEU B 308 6.73 -12.43 -34.88
CA LEU B 308 6.34 -13.71 -34.28
C LEU B 308 6.42 -14.82 -35.35
N ALA B 309 5.81 -14.56 -36.50
CA ALA B 309 5.81 -15.52 -37.59
C ALA B 309 7.25 -15.79 -38.03
N ALA B 310 8.04 -14.74 -38.21
CA ALA B 310 9.43 -14.91 -38.63
C ALA B 310 10.33 -15.61 -37.62
N LEU B 311 10.10 -15.43 -36.32
CA LEU B 311 10.97 -16.07 -35.33
C LEU B 311 10.46 -17.39 -34.74
N MET B 312 9.15 -17.59 -34.77
CA MET B 312 8.55 -18.81 -34.22
C MET B 312 7.99 -19.70 -35.34
N GLY B 313 7.80 -19.13 -36.52
CA GLY B 313 7.25 -19.87 -37.65
C GLY B 313 8.04 -21.09 -38.07
N THR C 10 -9.04 -47.78 -16.90
CA THR C 10 -9.01 -47.55 -15.41
C THR C 10 -9.92 -46.39 -15.02
N ARG C 11 -10.61 -46.54 -13.90
CA ARG C 11 -11.52 -45.51 -13.42
C ARG C 11 -10.85 -44.71 -12.33
N PHE C 12 -11.00 -43.39 -12.39
CA PHE C 12 -10.42 -42.51 -11.39
C PHE C 12 -11.51 -41.88 -10.54
N ARG C 13 -11.17 -41.53 -9.31
CA ARG C 13 -12.13 -40.84 -8.46
C ARG C 13 -12.35 -39.50 -9.18
N PRO C 14 -13.47 -38.82 -8.89
CA PRO C 14 -13.82 -37.53 -9.52
C PRO C 14 -12.76 -36.43 -9.36
N ASP C 15 -12.10 -36.39 -8.20
CA ASP C 15 -11.10 -35.35 -7.91
C ASP C 15 -9.72 -35.87 -7.55
N LEU C 16 -8.75 -34.96 -7.55
CA LEU C 16 -7.38 -35.24 -7.15
C LEU C 16 -7.02 -34.18 -6.11
N LEU C 17 -7.46 -34.42 -4.89
CA LEU C 17 -7.20 -33.49 -3.79
C LEU C 17 -5.94 -33.88 -3.04
N SER C 18 -5.69 -35.18 -3.01
CA SER C 18 -4.54 -35.74 -2.31
C SER C 18 -4.04 -36.87 -3.20
N LEU C 19 -2.75 -37.19 -3.10
CA LEU C 19 -2.23 -38.28 -3.90
C LEU C 19 -2.93 -39.57 -3.47
N ASP C 20 -3.35 -39.64 -2.22
CA ASP C 20 -4.03 -40.82 -1.71
C ASP C 20 -5.41 -41.02 -2.36
N ASP C 21 -5.78 -40.16 -3.30
CA ASP C 21 -7.05 -40.33 -4.00
C ASP C 21 -6.84 -41.36 -5.10
N LEU C 22 -5.57 -41.69 -5.34
CA LEU C 22 -5.21 -42.67 -6.35
C LEU C 22 -4.67 -43.91 -5.65
N ASP C 23 -5.14 -45.10 -6.03
CA ASP C 23 -4.57 -46.30 -5.42
C ASP C 23 -3.42 -46.68 -6.35
N GLU C 24 -2.73 -47.77 -6.05
CA GLU C 24 -1.60 -48.19 -6.88
C GLU C 24 -1.93 -48.35 -8.35
N ALA C 25 -3.12 -48.89 -8.64
CA ALA C 25 -3.53 -49.08 -10.01
C ALA C 25 -3.78 -47.75 -10.72
N GLN C 26 -4.52 -46.87 -10.07
CA GLN C 26 -4.83 -45.56 -10.65
C GLN C 26 -3.58 -44.73 -10.90
N LEU C 27 -2.63 -44.74 -9.96
CA LEU C 27 -1.40 -43.96 -10.12
C LEU C 27 -0.61 -44.49 -11.30
N HIS C 28 -0.46 -45.81 -11.39
CA HIS C 28 0.29 -46.36 -12.52
C HIS C 28 -0.40 -46.07 -13.85
N ALA C 29 -1.74 -46.04 -13.86
CA ALA C 29 -2.47 -45.76 -15.09
C ALA C 29 -2.25 -44.30 -15.47
N LEU C 30 -2.31 -43.42 -14.47
CA LEU C 30 -2.07 -42.00 -14.72
C LEU C 30 -0.64 -41.78 -15.22
N LEU C 31 0.33 -42.42 -14.58
CA LEU C 31 1.72 -42.27 -15.01
C LEU C 31 1.94 -42.79 -16.44
N THR C 32 1.28 -43.90 -16.78
CA THR C 32 1.41 -44.45 -18.14
C THR C 32 0.81 -43.47 -19.18
N LEU C 33 -0.36 -42.92 -18.87
CA LEU C 33 -1.02 -41.98 -19.76
C LEU C 33 -0.12 -40.75 -19.97
N ALA C 34 0.46 -40.24 -18.88
CA ALA C 34 1.34 -39.08 -18.96
C ALA C 34 2.50 -39.36 -19.93
N HIS C 35 3.09 -40.53 -19.81
CA HIS C 35 4.19 -40.94 -20.69
C HIS C 35 3.71 -41.02 -22.14
N GLN C 36 2.57 -41.65 -22.37
CA GLN C 36 2.05 -41.79 -23.73
C GLN C 36 1.74 -40.43 -24.36
N LEU C 37 1.05 -39.57 -23.62
CA LEU C 37 0.70 -38.24 -24.11
C LEU C 37 1.95 -37.43 -24.43
N LYS C 38 2.95 -37.51 -23.55
CA LYS C 38 4.19 -36.79 -23.76
C LYS C 38 4.93 -37.26 -25.01
N ARG C 39 4.90 -38.56 -25.29
CA ARG C 39 5.60 -39.10 -26.44
C ARG C 39 4.78 -39.18 -27.72
N GLY C 40 3.50 -38.81 -27.67
CA GLY C 40 2.66 -38.87 -28.84
C GLY C 40 2.19 -40.27 -29.17
N GLU C 41 2.34 -41.19 -28.22
CA GLU C 41 1.91 -42.59 -28.43
C GLU C 41 0.39 -42.67 -28.33
N ARG C 42 -0.19 -41.65 -27.69
CA ARG C 42 -1.63 -41.58 -27.51
C ARG C 42 -1.99 -40.09 -27.54
N VAL C 43 -3.27 -39.80 -27.80
CA VAL C 43 -3.71 -38.42 -27.86
C VAL C 43 -5.02 -38.26 -27.11
N ALA C 44 -5.21 -37.09 -26.52
CA ALA C 44 -6.41 -36.79 -25.78
C ALA C 44 -6.89 -35.41 -26.22
N ASN C 45 -8.16 -35.12 -25.99
CA ASN C 45 -8.70 -33.83 -26.37
C ASN C 45 -9.77 -33.39 -25.41
N LEU C 46 -9.74 -32.12 -25.04
CA LEU C 46 -10.72 -31.55 -24.15
C LEU C 46 -11.36 -30.34 -24.85
N HIS C 47 -11.45 -30.44 -26.18
CA HIS C 47 -12.03 -29.36 -26.97
C HIS C 47 -13.43 -29.00 -26.48
N GLY C 48 -13.69 -27.70 -26.40
CA GLY C 48 -14.98 -27.23 -25.94
C GLY C 48 -15.07 -27.17 -24.42
N LYS C 49 -14.00 -27.59 -23.74
CA LYS C 49 -13.95 -27.58 -22.27
C LYS C 49 -13.08 -26.43 -21.78
N VAL C 50 -13.40 -25.91 -20.61
CA VAL C 50 -12.64 -24.80 -20.03
C VAL C 50 -12.15 -25.15 -18.64
N LEU C 51 -10.87 -24.88 -18.38
CA LEU C 51 -10.27 -25.14 -17.08
C LEU C 51 -10.27 -23.82 -16.32
N GLY C 52 -10.82 -23.81 -15.12
CA GLY C 52 -10.80 -22.60 -14.32
C GLY C 52 -9.66 -22.71 -13.33
N LEU C 53 -8.91 -21.64 -13.11
CA LEU C 53 -7.81 -21.68 -12.15
C LEU C 53 -8.12 -20.74 -10.99
N VAL C 54 -8.16 -21.28 -9.79
CA VAL C 54 -8.42 -20.45 -8.63
C VAL C 54 -7.29 -20.61 -7.62
N PHE C 55 -6.38 -19.65 -7.67
CA PHE C 55 -5.21 -19.64 -6.78
C PHE C 55 -5.35 -18.56 -5.71
N LEU C 56 -5.60 -18.98 -4.48
CA LEU C 56 -5.71 -18.01 -3.39
C LEU C 56 -4.37 -17.38 -3.14
N LYS C 57 -3.39 -17.78 -3.93
CA LYS C 57 -2.05 -17.23 -3.84
C LYS C 57 -1.35 -17.47 -5.17
N ALA C 58 -0.89 -16.38 -5.78
CA ALA C 58 -0.22 -16.42 -7.06
C ALA C 58 0.86 -17.49 -7.13
N SER C 59 1.02 -18.04 -8.32
CA SER C 59 2.02 -19.07 -8.61
C SER C 59 2.09 -19.18 -10.12
N THR C 60 3.00 -18.40 -10.70
CA THR C 60 3.20 -18.38 -12.13
C THR C 60 3.57 -19.77 -12.63
N ARG C 61 4.51 -20.39 -11.93
CA ARG C 61 4.99 -21.73 -12.26
C ARG C 61 3.82 -22.71 -12.46
N THR C 62 2.96 -22.74 -11.47
CA THR C 62 1.80 -23.62 -11.48
C THR C 62 0.75 -23.17 -12.49
N ARG C 63 0.63 -21.87 -12.68
CA ARG C 63 -0.35 -21.35 -13.62
C ARG C 63 0.03 -21.68 -15.05
N VAL C 64 1.30 -21.44 -15.41
CA VAL C 64 1.73 -21.72 -16.76
C VAL C 64 1.72 -23.21 -17.08
N SER C 65 2.13 -24.07 -16.13
CA SER C 65 2.14 -25.49 -16.43
C SER C 65 0.73 -26.04 -16.65
N PHE C 66 -0.23 -25.63 -15.82
CA PHE C 66 -1.63 -26.07 -15.99
C PHE C 66 -2.24 -25.50 -17.28
N THR C 67 -2.00 -24.21 -17.55
CA THR C 67 -2.57 -23.55 -18.72
C THR C 67 -2.08 -24.13 -20.05
N VAL C 68 -0.77 -24.30 -20.21
CA VAL C 68 -0.24 -24.87 -21.45
C VAL C 68 -0.71 -26.31 -21.58
N ALA C 69 -0.82 -27.00 -20.45
CA ALA C 69 -1.28 -28.37 -20.45
C ALA C 69 -2.68 -28.40 -21.06
N MET C 70 -3.57 -27.50 -20.61
CA MET C 70 -4.92 -27.49 -21.15
C MET C 70 -4.94 -27.07 -22.62
N TYR C 71 -4.08 -26.13 -23.01
CA TYR C 71 -4.03 -25.71 -24.41
C TYR C 71 -3.65 -26.88 -25.33
N GLN C 72 -2.64 -27.65 -24.92
CA GLN C 72 -2.22 -28.77 -25.74
C GLN C 72 -3.29 -29.85 -25.78
N LEU C 73 -4.26 -29.76 -24.90
CA LEU C 73 -5.37 -30.73 -24.92
C LEU C 73 -6.51 -30.12 -25.74
N GLY C 74 -6.28 -28.92 -26.27
CA GLY C 74 -7.29 -28.27 -27.09
C GLY C 74 -8.39 -27.57 -26.30
N GLY C 75 -8.14 -27.31 -25.03
CA GLY C 75 -9.16 -26.65 -24.22
C GLY C 75 -8.80 -25.21 -23.95
N GLN C 76 -9.67 -24.53 -23.21
CA GLN C 76 -9.41 -23.15 -22.85
C GLN C 76 -9.17 -23.04 -21.35
N VAL C 77 -8.62 -21.90 -20.94
CA VAL C 77 -8.31 -21.66 -19.54
C VAL C 77 -8.71 -20.27 -19.07
N ILE C 78 -9.12 -20.17 -17.82
CA ILE C 78 -9.47 -18.88 -17.24
C ILE C 78 -8.96 -18.80 -15.80
N ASP C 79 -8.25 -17.73 -15.47
CA ASP C 79 -7.77 -17.54 -14.12
C ASP C 79 -8.85 -16.81 -13.31
N LEU C 80 -9.24 -17.37 -12.16
CA LEU C 80 -10.26 -16.79 -11.30
C LEU C 80 -9.72 -16.28 -9.96
N GLU C 91 -17.34 -13.70 -0.26
CA GLU C 91 -18.42 -14.61 -0.65
C GLU C 91 -18.13 -16.04 -0.20
N PRO C 92 -19.11 -16.71 0.42
CA PRO C 92 -18.83 -18.08 0.86
C PRO C 92 -18.39 -18.99 -0.29
N VAL C 93 -17.56 -19.99 0.02
CA VAL C 93 -17.06 -20.91 -0.99
C VAL C 93 -18.15 -21.71 -1.68
N ARG C 94 -19.17 -22.13 -0.95
CA ARG C 94 -20.22 -22.92 -1.56
C ARG C 94 -20.95 -22.16 -2.67
N ASP C 95 -20.99 -20.83 -2.57
CA ASP C 95 -21.63 -20.02 -3.59
C ASP C 95 -20.73 -19.85 -4.81
N THR C 96 -19.48 -19.48 -4.59
CA THR C 96 -18.58 -19.30 -5.72
C THR C 96 -18.34 -20.62 -6.43
N ALA C 97 -18.31 -21.72 -5.68
CA ALA C 97 -18.11 -23.05 -6.26
C ALA C 97 -19.29 -23.47 -7.13
N ARG C 98 -20.51 -23.31 -6.62
CA ARG C 98 -21.69 -23.69 -7.38
C ARG C 98 -21.89 -22.88 -8.67
N VAL C 99 -21.58 -21.59 -8.65
CA VAL C 99 -21.73 -20.80 -9.87
C VAL C 99 -20.63 -21.17 -10.87
N LEU C 100 -19.41 -21.33 -10.36
CA LEU C 100 -18.28 -21.71 -11.21
C LEU C 100 -18.54 -23.08 -11.84
N GLY C 101 -19.22 -23.95 -11.10
CA GLY C 101 -19.55 -25.26 -11.64
C GLY C 101 -20.49 -25.13 -12.83
N ARG C 102 -21.14 -23.98 -12.94
CA ARG C 102 -22.06 -23.71 -14.04
C ARG C 102 -21.37 -23.13 -15.28
N TYR C 103 -20.16 -22.59 -15.10
CA TYR C 103 -19.45 -21.97 -16.22
C TYR C 103 -18.32 -22.80 -16.81
N VAL C 104 -17.48 -23.38 -15.97
CA VAL C 104 -16.34 -24.14 -16.45
C VAL C 104 -16.46 -25.65 -16.23
N ASP C 105 -15.53 -26.41 -16.79
CA ASP C 105 -15.57 -27.86 -16.69
C ASP C 105 -14.61 -28.51 -15.72
N GLY C 106 -13.67 -27.72 -15.22
CA GLY C 106 -12.71 -28.24 -14.27
C GLY C 106 -12.11 -27.11 -13.46
N LEU C 107 -11.66 -27.44 -12.25
CA LEU C 107 -11.04 -26.43 -11.39
C LEU C 107 -9.72 -26.94 -10.84
N ALA C 108 -8.68 -26.16 -11.05
CA ALA C 108 -7.36 -26.46 -10.50
C ALA C 108 -7.23 -25.37 -9.45
N ILE C 109 -7.16 -25.75 -8.18
CA ILE C 109 -7.07 -24.73 -7.16
C ILE C 109 -5.96 -24.82 -6.13
N ARG C 110 -5.49 -23.65 -5.72
CA ARG C 110 -4.44 -23.55 -4.73
C ARG C 110 -4.95 -22.76 -3.55
N THR C 111 -4.95 -23.41 -2.40
CA THR C 111 -5.37 -22.75 -1.19
C THR C 111 -4.47 -23.22 -0.08
N PHE C 112 -4.61 -22.61 1.08
CA PHE C 112 -3.78 -22.99 2.19
C PHE C 112 -4.35 -24.23 2.86
N ALA C 113 -5.59 -24.13 3.32
CA ALA C 113 -6.25 -25.22 4.00
C ALA C 113 -6.76 -26.33 3.09
N GLN C 114 -6.34 -27.56 3.37
CA GLN C 114 -6.77 -28.72 2.62
C GLN C 114 -8.28 -28.82 2.76
N THR C 115 -8.78 -28.34 3.88
CA THR C 115 -10.20 -28.38 4.14
C THR C 115 -10.99 -27.43 3.22
N GLU C 116 -10.41 -26.29 2.85
CA GLU C 116 -11.10 -25.35 1.97
C GLU C 116 -11.17 -25.99 0.58
N LEU C 117 -10.07 -26.61 0.18
CA LEU C 117 -10.02 -27.28 -1.11
C LEU C 117 -11.16 -28.28 -1.20
N GLU C 118 -11.36 -29.04 -0.12
CA GLU C 118 -12.41 -30.05 -0.07
C GLU C 118 -13.83 -29.47 -0.18
N GLU C 119 -14.02 -28.26 0.35
CA GLU C 119 -15.35 -27.65 0.25
C GLU C 119 -15.66 -27.33 -1.21
N TYR C 120 -14.67 -26.85 -1.95
CA TYR C 120 -14.88 -26.58 -3.37
C TYR C 120 -15.34 -27.85 -4.06
N ALA C 121 -14.56 -28.92 -3.89
CA ALA C 121 -14.89 -30.18 -4.52
C ALA C 121 -16.30 -30.61 -4.14
N HIS C 122 -16.69 -30.29 -2.91
CA HIS C 122 -18.01 -30.67 -2.43
C HIS C 122 -19.18 -29.97 -3.11
N TYR C 123 -18.99 -28.72 -3.52
CA TYR C 123 -20.08 -27.96 -4.15
C TYR C 123 -19.92 -27.68 -5.64
N ALA C 124 -18.67 -27.65 -6.12
CA ALA C 124 -18.40 -27.35 -7.53
C ALA C 124 -19.27 -28.08 -8.56
N GLY C 125 -19.37 -29.39 -8.42
CA GLY C 125 -20.15 -30.17 -9.35
C GLY C 125 -19.30 -30.57 -10.54
N ILE C 126 -18.03 -30.16 -10.50
CA ILE C 126 -17.08 -30.48 -11.55
C ILE C 126 -15.79 -30.93 -10.89
N PRO C 127 -14.94 -31.64 -11.64
CA PRO C 127 -13.65 -32.13 -11.11
C PRO C 127 -12.81 -31.03 -10.50
N VAL C 128 -12.27 -31.28 -9.32
CA VAL C 128 -11.40 -30.31 -8.66
C VAL C 128 -10.02 -30.95 -8.53
N ILE C 129 -8.99 -30.18 -8.86
CA ILE C 129 -7.61 -30.65 -8.80
C ILE C 129 -6.80 -29.80 -7.81
N ASN C 130 -6.09 -30.45 -6.91
CA ASN C 130 -5.26 -29.75 -5.91
C ASN C 130 -4.02 -29.20 -6.61
N ALA C 131 -3.99 -27.90 -6.87
CA ALA C 131 -2.85 -27.29 -7.53
C ALA C 131 -1.75 -27.08 -6.51
N LEU C 132 -2.13 -27.07 -5.24
CA LEU C 132 -1.17 -26.89 -4.15
C LEU C 132 -1.88 -26.43 -2.87
N THR C 133 -1.62 -27.10 -1.77
CA THR C 133 -2.16 -26.68 -0.47
C THR C 133 -1.00 -26.79 0.51
N ASP C 134 -1.25 -26.38 1.75
CA ASP C 134 -0.25 -26.45 2.80
C ASP C 134 0.04 -27.91 3.13
N HIS C 135 -0.95 -28.77 2.87
CA HIS C 135 -0.85 -30.18 3.20
C HIS C 135 -0.22 -31.06 2.13
N GLU C 136 -0.55 -30.84 0.87
CA GLU C 136 -0.02 -31.66 -0.20
C GLU C 136 0.19 -30.92 -1.54
N HIS C 137 0.90 -31.57 -2.45
CA HIS C 137 1.18 -31.03 -3.77
C HIS C 137 1.27 -32.28 -4.65
N PRO C 138 0.11 -32.93 -4.89
CA PRO C 138 -0.04 -34.16 -5.70
C PRO C 138 0.56 -34.10 -7.10
N CYS C 139 0.33 -32.99 -7.80
CA CYS C 139 0.83 -32.85 -9.17
C CYS C 139 2.35 -32.77 -9.29
N GLN C 140 3.00 -32.11 -8.35
CA GLN C 140 4.45 -32.02 -8.37
C GLN C 140 5.04 -33.44 -8.37
N VAL C 141 4.59 -34.26 -7.42
CA VAL C 141 5.07 -35.63 -7.27
C VAL C 141 4.74 -36.55 -8.46
N VAL C 142 3.62 -36.29 -9.14
CA VAL C 142 3.31 -37.11 -10.30
C VAL C 142 4.36 -36.75 -11.33
N ALA C 143 4.75 -35.47 -11.37
CA ALA C 143 5.78 -35.04 -12.31
C ALA C 143 7.13 -35.62 -11.89
N ASP C 144 7.37 -35.66 -10.58
CA ASP C 144 8.63 -36.20 -10.05
C ASP C 144 8.77 -37.70 -10.38
N LEU C 145 7.69 -38.45 -10.17
CA LEU C 145 7.66 -39.89 -10.45
C LEU C 145 7.95 -40.12 -11.92
N LEU C 146 7.37 -39.24 -12.74
CA LEU C 146 7.56 -39.28 -14.17
C LEU C 146 9.06 -39.16 -14.49
N THR C 147 9.71 -38.17 -13.89
CA THR C 147 11.13 -37.90 -14.12
C THR C 147 12.02 -39.05 -13.66
N ILE C 148 11.73 -39.59 -12.48
CA ILE C 148 12.51 -40.70 -11.94
C ILE C 148 12.43 -41.89 -12.88
N ARG C 149 11.21 -42.26 -13.29
CA ARG C 149 11.00 -43.37 -14.20
C ARG C 149 11.80 -43.21 -15.50
N GLU C 150 11.84 -41.99 -16.03
CA GLU C 150 12.58 -41.71 -17.27
C GLU C 150 14.08 -41.79 -17.07
N ASN C 151 14.54 -41.53 -15.85
CA ASN C 151 15.97 -41.60 -15.59
C ASN C 151 16.46 -43.00 -15.28
N PHE C 152 15.66 -43.77 -14.54
CA PHE C 152 16.09 -45.11 -14.16
C PHE C 152 15.39 -46.27 -14.84
N GLY C 153 14.40 -45.97 -15.69
CA GLY C 153 13.68 -47.03 -16.36
C GLY C 153 12.86 -47.89 -15.40
N ARG C 154 12.60 -47.36 -14.21
CA ARG C 154 11.80 -48.07 -13.20
C ARG C 154 11.50 -47.15 -12.03
N LEU C 155 10.68 -47.62 -11.11
CA LEU C 155 10.31 -46.88 -9.91
C LEU C 155 10.46 -47.78 -8.69
N ALA C 156 9.95 -49.01 -8.78
CA ALA C 156 10.01 -49.96 -7.66
C ALA C 156 11.44 -50.32 -7.27
N GLY C 157 11.67 -50.45 -5.96
CA GLY C 157 13.00 -50.82 -5.48
C GLY C 157 13.99 -49.68 -5.36
N LEU C 158 13.72 -48.56 -6.03
CA LEU C 158 14.58 -47.37 -5.96
C LEU C 158 14.46 -46.77 -4.57
N LYS C 159 15.42 -45.94 -4.18
CA LYS C 159 15.34 -45.28 -2.87
C LYS C 159 15.44 -43.74 -3.04
N LEU C 160 14.44 -43.04 -2.49
CA LEU C 160 14.36 -41.58 -2.55
C LEU C 160 14.66 -41.01 -1.18
N ALA C 161 15.58 -40.06 -1.12
CA ALA C 161 15.92 -39.41 0.14
C ALA C 161 15.51 -37.94 0.05
N TYR C 162 14.59 -37.54 0.92
CA TYR C 162 14.13 -36.15 0.97
C TYR C 162 14.72 -35.47 2.21
N VAL C 163 15.46 -34.38 2.00
CA VAL C 163 16.04 -33.67 3.12
C VAL C 163 15.50 -32.24 3.21
N GLY C 164 15.13 -31.85 4.41
CA GLY C 164 14.60 -30.51 4.61
C GLY C 164 13.38 -30.48 5.52
N ASP C 165 12.42 -29.64 5.15
CA ASP C 165 11.21 -29.47 5.93
C ASP C 165 10.12 -30.47 5.52
N GLY C 166 9.53 -31.14 6.51
CA GLY C 166 8.47 -32.11 6.24
C GLY C 166 7.24 -31.32 5.89
N ASN C 167 7.14 -30.95 4.62
CA ASN C 167 6.03 -30.13 4.12
C ASN C 167 5.07 -30.83 3.17
N ASN C 168 4.35 -30.04 2.39
CA ASN C 168 3.38 -30.58 1.44
C ASN C 168 4.00 -31.51 0.38
N VAL C 169 5.16 -31.16 -0.18
CA VAL C 169 5.75 -32.03 -1.19
C VAL C 169 6.25 -33.31 -0.51
N ALA C 170 6.80 -33.17 0.70
CA ALA C 170 7.29 -34.33 1.43
C ALA C 170 6.13 -35.30 1.62
N HIS C 171 4.97 -34.76 1.99
CA HIS C 171 3.76 -35.56 2.21
C HIS C 171 3.33 -36.32 0.97
N SER C 172 3.33 -35.64 -0.17
CA SER C 172 2.93 -36.29 -1.41
C SER C 172 3.95 -37.33 -1.82
N LEU C 173 5.23 -37.05 -1.56
CA LEU C 173 6.31 -37.98 -1.91
C LEU C 173 6.17 -39.26 -1.09
N LEU C 174 5.85 -39.12 0.21
CA LEU C 174 5.68 -40.28 1.06
C LEU C 174 4.61 -41.22 0.50
N LEU C 175 3.48 -40.64 0.08
CA LEU C 175 2.39 -41.43 -0.47
C LEU C 175 2.73 -41.97 -1.86
N GLY C 176 3.23 -41.09 -2.72
CA GLY C 176 3.58 -41.49 -4.08
C GLY C 176 4.61 -42.60 -4.15
N CYS C 177 5.74 -42.41 -3.49
CA CYS C 177 6.80 -43.41 -3.46
C CYS C 177 6.27 -44.77 -2.96
N ALA C 178 5.58 -44.74 -1.83
CA ALA C 178 5.00 -45.97 -1.27
C ALA C 178 4.06 -46.66 -2.26
N LYS C 179 3.25 -45.88 -2.98
CA LYS C 179 2.31 -46.45 -3.94
C LYS C 179 2.96 -47.11 -5.17
N VAL C 180 4.19 -46.69 -5.51
CA VAL C 180 4.86 -47.29 -6.66
C VAL C 180 5.98 -48.23 -6.21
N GLY C 181 5.98 -48.60 -4.93
CA GLY C 181 6.99 -49.51 -4.45
C GLY C 181 8.38 -48.94 -4.26
N MET C 182 8.50 -47.61 -4.26
CA MET C 182 9.79 -46.95 -4.09
C MET C 182 10.01 -46.67 -2.60
N SER C 183 11.21 -46.98 -2.10
CA SER C 183 11.50 -46.70 -0.69
C SER C 183 11.77 -45.21 -0.51
N ILE C 184 11.43 -44.69 0.65
CA ILE C 184 11.69 -43.30 0.91
C ILE C 184 12.17 -43.02 2.32
N ALA C 185 13.18 -42.17 2.42
CA ALA C 185 13.74 -41.75 3.69
C ALA C 185 13.56 -40.24 3.76
N VAL C 186 12.80 -39.78 4.75
CA VAL C 186 12.58 -38.35 4.94
C VAL C 186 13.36 -37.87 6.16
N ALA C 187 14.38 -37.06 5.92
CA ALA C 187 15.20 -36.53 7.02
C ALA C 187 14.94 -35.04 7.21
N THR C 188 14.54 -34.67 8.43
CA THR C 188 14.25 -33.27 8.75
C THR C 188 14.75 -32.93 10.15
N PRO C 189 14.76 -31.63 10.50
CA PRO C 189 15.20 -31.22 11.83
C PRO C 189 14.10 -31.66 12.80
N GLU C 190 14.45 -31.80 14.07
CA GLU C 190 13.51 -32.26 15.09
C GLU C 190 12.08 -31.72 15.06
N GLY C 191 11.90 -30.41 15.02
CA GLY C 191 10.54 -29.90 15.04
C GLY C 191 9.82 -29.74 13.70
N PHE C 192 10.43 -30.21 12.62
CA PHE C 192 9.84 -30.07 11.29
C PHE C 192 9.56 -31.38 10.56
N THR C 193 9.12 -32.40 11.31
CA THR C 193 8.82 -33.70 10.73
C THR C 193 7.50 -33.68 9.98
N PRO C 194 7.33 -34.57 9.00
CA PRO C 194 6.06 -34.59 8.25
C PRO C 194 4.91 -35.04 9.16
N ASP C 195 3.69 -34.74 8.73
CA ASP C 195 2.49 -35.11 9.48
C ASP C 195 2.54 -36.62 9.78
N PRO C 196 2.57 -37.00 11.07
CA PRO C 196 2.63 -38.43 11.42
C PRO C 196 1.54 -39.30 10.82
N ALA C 197 0.37 -38.72 10.58
CA ALA C 197 -0.72 -39.47 9.99
C ALA C 197 -0.41 -39.81 8.53
N VAL C 198 0.32 -38.92 7.83
CA VAL C 198 0.64 -39.22 6.43
C VAL C 198 1.74 -40.30 6.36
N SER C 199 2.74 -40.15 7.23
CA SER C 199 3.83 -41.12 7.27
C SER C 199 3.27 -42.50 7.64
N ALA C 200 2.27 -42.54 8.51
CA ALA C 200 1.68 -43.83 8.90
C ALA C 200 0.90 -44.39 7.72
N ARG C 201 0.24 -43.51 6.97
CA ARG C 201 -0.51 -43.93 5.81
C ARG C 201 0.46 -44.48 4.75
N ALA C 202 1.60 -43.83 4.60
CA ALA C 202 2.62 -44.27 3.63
C ALA C 202 3.21 -45.64 3.99
N SER C 203 3.42 -45.88 5.28
CA SER C 203 3.96 -47.17 5.74
C SER C 203 2.96 -48.28 5.44
N GLU C 204 1.69 -47.99 5.71
CA GLU C 204 0.61 -48.94 5.45
C GLU C 204 0.69 -49.38 4.00
N ILE C 205 0.81 -48.41 3.11
CA ILE C 205 0.90 -48.68 1.68
C ILE C 205 2.17 -49.43 1.32
N ALA C 206 3.30 -48.98 1.85
CA ALA C 206 4.58 -49.61 1.55
C ALA C 206 4.59 -51.08 1.93
N GLY C 207 3.87 -51.43 2.99
CA GLY C 207 3.82 -52.82 3.43
C GLY C 207 3.24 -53.72 2.33
N ARG C 208 2.42 -53.13 1.47
CA ARG C 208 1.81 -53.89 0.37
C ARG C 208 2.58 -53.82 -0.94
N THR C 209 3.50 -52.88 -1.08
CA THR C 209 4.26 -52.78 -2.34
C THR C 209 5.71 -53.20 -2.14
N GLY C 210 6.06 -53.56 -0.91
CA GLY C 210 7.41 -53.98 -0.63
C GLY C 210 8.41 -52.84 -0.59
N ALA C 211 8.03 -51.73 0.03
CA ALA C 211 8.94 -50.60 0.13
C ALA C 211 9.17 -50.24 1.58
N GLU C 212 10.30 -49.59 1.83
CA GLU C 212 10.61 -49.17 3.19
C GLU C 212 10.29 -47.68 3.33
N VAL C 213 9.64 -47.31 4.43
CA VAL C 213 9.32 -45.91 4.68
C VAL C 213 10.06 -45.53 5.96
N GLN C 214 10.87 -44.48 5.88
CA GLN C 214 11.63 -44.01 7.02
C GLN C 214 11.53 -42.50 7.27
N ILE C 215 11.33 -42.14 8.54
CA ILE C 215 11.28 -40.74 8.93
C ILE C 215 12.41 -40.58 9.94
N LEU C 216 13.42 -39.81 9.58
CA LEU C 216 14.56 -39.65 10.47
C LEU C 216 15.16 -38.24 10.57
N ARG C 217 16.18 -38.11 11.40
CA ARG C 217 16.84 -36.83 11.65
C ARG C 217 18.07 -36.59 10.79
N ASP C 218 18.94 -37.60 10.70
CA ASP C 218 20.19 -37.49 9.93
C ASP C 218 20.03 -37.64 8.41
N PRO C 219 20.35 -36.58 7.65
CA PRO C 219 20.24 -36.58 6.19
C PRO C 219 21.21 -37.54 5.51
N PHE C 220 22.40 -37.69 6.07
CA PHE C 220 23.37 -38.58 5.48
C PHE C 220 22.96 -40.03 5.64
N GLU C 221 22.20 -40.33 6.69
CA GLU C 221 21.72 -41.68 6.88
C GLU C 221 20.60 -41.93 5.85
N ALA C 222 19.76 -40.93 5.62
CA ALA C 222 18.67 -41.05 4.65
C ALA C 222 19.26 -41.17 3.24
N ALA C 223 20.33 -40.42 2.99
CA ALA C 223 21.00 -40.41 1.69
C ALA C 223 21.74 -41.71 1.34
N ARG C 224 22.06 -42.49 2.36
CA ARG C 224 22.78 -43.74 2.11
C ARG C 224 22.00 -44.63 1.16
N GLY C 225 22.63 -44.97 0.03
CA GLY C 225 21.99 -45.82 -0.96
C GLY C 225 20.86 -45.19 -1.78
N ALA C 226 20.58 -43.91 -1.55
CA ALA C 226 19.53 -43.24 -2.29
C ALA C 226 19.88 -42.99 -3.76
N HIS C 227 18.93 -43.28 -4.64
CA HIS C 227 19.13 -43.06 -6.07
C HIS C 227 18.68 -41.64 -6.39
N ILE C 228 17.83 -41.09 -5.53
CA ILE C 228 17.33 -39.73 -5.73
C ILE C 228 17.49 -38.92 -4.46
N LEU C 229 18.04 -37.72 -4.61
CA LEU C 229 18.17 -36.79 -3.49
C LEU C 229 17.17 -35.69 -3.84
N TYR C 230 16.26 -35.41 -2.91
CA TYR C 230 15.22 -34.44 -3.12
C TYR C 230 15.15 -33.42 -1.98
N THR C 231 15.03 -32.15 -2.33
CA THR C 231 14.89 -31.12 -1.29
C THR C 231 13.94 -30.03 -1.78
N ASP C 232 13.72 -29.03 -0.93
CA ASP C 232 12.82 -27.94 -1.25
C ASP C 232 13.24 -26.81 -0.31
N VAL C 233 12.70 -25.61 -0.50
CA VAL C 233 13.05 -24.48 0.33
C VAL C 233 12.78 -24.74 1.81
N TRP C 234 13.60 -24.14 2.67
CA TRP C 234 13.43 -24.28 4.11
C TRP C 234 12.20 -23.46 4.51
N THR C 235 11.66 -23.75 5.69
CA THR C 235 10.48 -23.05 6.17
C THR C 235 10.60 -21.52 6.06
N HIS C 245 18.87 -18.69 13.87
CA HIS C 245 18.45 -20.06 14.19
C HIS C 245 18.15 -20.84 12.92
N ARG C 246 17.47 -20.20 11.98
CA ARG C 246 17.10 -20.81 10.70
C ARG C 246 18.27 -21.65 10.17
N LEU C 247 19.40 -20.99 10.01
CA LEU C 247 20.60 -21.62 9.48
C LEU C 247 21.02 -22.85 10.29
N GLN C 248 21.36 -22.63 11.55
CA GLN C 248 21.80 -23.72 12.42
C GLN C 248 20.85 -24.91 12.40
N LEU C 249 19.57 -24.63 12.27
CA LEU C 249 18.54 -25.65 12.27
C LEU C 249 18.46 -26.49 10.99
N PHE C 250 18.55 -25.86 9.83
CA PHE C 250 18.45 -26.55 8.54
C PHE C 250 19.77 -26.75 7.79
N GLU C 251 20.80 -26.02 8.20
CA GLU C 251 22.09 -26.09 7.53
C GLU C 251 22.59 -27.46 7.12
N GLN C 252 22.41 -28.45 7.97
CA GLN C 252 22.88 -29.81 7.67
C GLN C 252 22.02 -30.49 6.62
N TYR C 253 20.82 -29.97 6.41
CA TYR C 253 19.89 -30.52 5.43
C TYR C 253 20.08 -29.79 4.10
N GLN C 254 21.22 -30.01 3.49
CA GLN C 254 21.52 -29.37 2.22
C GLN C 254 22.05 -30.41 1.27
N ILE C 255 21.54 -30.43 0.03
CA ILE C 255 22.07 -31.38 -0.91
C ILE C 255 23.27 -30.66 -1.54
N ASN C 256 24.45 -31.19 -1.21
CA ASN C 256 25.74 -30.67 -1.66
C ASN C 256 26.57 -31.88 -2.11
N ALA C 257 27.81 -31.62 -2.52
CA ALA C 257 28.69 -32.68 -3.00
C ALA C 257 28.86 -33.82 -1.98
N ALA C 258 28.91 -33.48 -0.71
CA ALA C 258 29.08 -34.52 0.31
C ALA C 258 27.87 -35.42 0.36
N LEU C 259 26.68 -34.84 0.33
CA LEU C 259 25.47 -35.66 0.38
C LEU C 259 25.40 -36.53 -0.87
N LEU C 260 25.76 -35.95 -2.02
CA LEU C 260 25.74 -36.68 -3.28
C LEU C 260 26.69 -37.88 -3.26
N ASN C 261 27.93 -37.65 -2.85
CA ASN C 261 28.95 -38.70 -2.80
C ASN C 261 28.52 -39.86 -1.90
N CYS C 262 27.76 -39.54 -0.85
CA CYS C 262 27.30 -40.57 0.08
C CYS C 262 26.06 -41.31 -0.39
N ALA C 263 25.52 -40.95 -1.55
CA ALA C 263 24.32 -41.61 -2.08
C ALA C 263 24.67 -42.65 -3.14
N ALA C 264 23.67 -43.37 -3.63
CA ALA C 264 23.91 -44.38 -4.65
C ALA C 264 24.77 -43.77 -5.74
N ALA C 265 25.62 -44.58 -6.33
CA ALA C 265 26.55 -44.15 -7.38
C ALA C 265 25.93 -43.36 -8.53
N GLU C 266 24.73 -43.72 -8.97
CA GLU C 266 24.10 -43.02 -10.08
C GLU C 266 22.98 -42.07 -9.61
N ALA C 267 23.06 -41.63 -8.37
CA ALA C 267 22.04 -40.74 -7.81
C ALA C 267 21.75 -39.53 -8.69
N ILE C 268 20.50 -39.09 -8.61
CA ILE C 268 20.01 -37.95 -9.37
C ILE C 268 19.56 -36.90 -8.33
N VAL C 269 19.47 -35.64 -8.74
CA VAL C 269 19.05 -34.60 -7.81
C VAL C 269 17.79 -33.88 -8.29
N LEU C 270 16.77 -33.87 -7.44
CA LEU C 270 15.52 -33.20 -7.77
C LEU C 270 15.23 -32.08 -6.78
N HIS C 271 14.50 -31.07 -7.26
CA HIS C 271 14.12 -29.92 -6.47
C HIS C 271 12.90 -29.34 -7.16
N CYS C 272 11.79 -29.22 -6.43
CA CYS C 272 10.54 -28.73 -7.00
C CYS C 272 10.51 -27.25 -7.36
N LEU C 273 11.50 -26.50 -6.88
CA LEU C 273 11.63 -25.07 -7.16
C LEU C 273 10.59 -24.18 -6.46
N PRO C 274 10.92 -22.89 -6.25
CA PRO C 274 12.16 -22.21 -6.62
C PRO C 274 13.25 -22.62 -5.64
N ALA C 275 14.51 -22.36 -5.98
CA ALA C 275 15.61 -22.75 -5.12
C ALA C 275 16.41 -21.59 -4.56
N HIS C 276 16.94 -21.79 -3.35
CA HIS C 276 17.77 -20.80 -2.68
C HIS C 276 19.19 -21.35 -2.61
N ARG C 277 20.03 -21.02 -3.59
CA ARG C 277 21.41 -21.50 -3.59
C ARG C 277 22.09 -21.08 -2.28
N GLY C 278 22.79 -22.01 -1.67
CA GLY C 278 23.47 -21.73 -0.42
C GLY C 278 22.68 -22.25 0.77
N GLU C 279 21.39 -22.53 0.58
CA GLU C 279 20.57 -23.04 1.66
C GLU C 279 20.31 -24.54 1.53
N GLU C 280 19.18 -24.94 0.93
CA GLU C 280 18.89 -26.37 0.77
C GLU C 280 19.75 -27.04 -0.29
N ILE C 281 20.36 -26.26 -1.17
CA ILE C 281 21.20 -26.83 -2.22
C ILE C 281 22.29 -25.86 -2.64
N THR C 282 23.34 -26.40 -3.24
CA THR C 282 24.45 -25.58 -3.68
C THR C 282 24.31 -25.35 -5.18
N ASP C 283 24.88 -24.25 -5.66
CA ASP C 283 24.82 -23.96 -7.08
C ASP C 283 25.56 -25.06 -7.84
N GLU C 284 26.67 -25.48 -7.28
CA GLU C 284 27.50 -26.54 -7.87
C GLU C 284 26.64 -27.76 -8.21
N VAL C 285 25.88 -28.24 -7.23
CA VAL C 285 25.03 -29.41 -7.47
C VAL C 285 23.89 -29.09 -8.42
N MET C 286 23.22 -27.96 -8.18
CA MET C 286 22.09 -27.55 -9.02
C MET C 286 22.47 -27.44 -10.49
N GLU C 287 23.64 -26.89 -10.77
CA GLU C 287 24.09 -26.73 -12.15
C GLU C 287 24.98 -27.92 -12.54
N GLY C 288 25.05 -28.91 -11.65
CA GLY C 288 25.88 -30.10 -11.91
C GLY C 288 25.27 -31.15 -12.83
N PRO C 289 26.06 -32.15 -13.26
CA PRO C 289 25.59 -33.22 -14.15
C PRO C 289 24.59 -34.21 -13.54
N ARG C 290 24.39 -34.15 -12.23
CA ARG C 290 23.46 -35.05 -11.57
C ARG C 290 22.08 -34.42 -11.41
N SER C 291 21.97 -33.15 -11.81
CA SER C 291 20.71 -32.41 -11.70
C SER C 291 19.68 -32.73 -12.79
N ARG C 292 18.44 -32.97 -12.39
CA ARG C 292 17.38 -33.24 -13.35
C ARG C 292 16.25 -32.26 -13.08
N ILE C 293 16.61 -31.17 -12.42
CA ILE C 293 15.65 -30.14 -12.02
C ILE C 293 14.85 -29.52 -13.15
N TRP C 294 15.48 -29.31 -14.30
CA TRP C 294 14.79 -28.70 -15.43
C TRP C 294 13.86 -29.67 -16.14
N ASP C 295 14.21 -30.95 -16.14
CA ASP C 295 13.37 -31.98 -16.76
C ASP C 295 12.17 -32.21 -15.82
N GLU C 296 12.44 -32.16 -14.51
CA GLU C 296 11.40 -32.34 -13.49
C GLU C 296 10.36 -31.24 -13.69
N ALA C 297 10.84 -30.01 -13.89
CA ALA C 297 9.96 -28.86 -14.09
C ALA C 297 9.08 -29.03 -15.34
N GLU C 298 9.68 -29.46 -16.44
CA GLU C 298 8.91 -29.64 -17.66
C GLU C 298 7.83 -30.67 -17.43
N ASN C 299 8.17 -31.74 -16.72
CA ASN C 299 7.19 -32.78 -16.47
C ASN C 299 5.96 -32.35 -15.72
N ARG C 300 6.01 -31.16 -15.10
CA ARG C 300 4.84 -30.65 -14.40
C ARG C 300 3.73 -30.56 -15.48
N LEU C 301 4.11 -30.06 -16.65
CA LEU C 301 3.18 -29.91 -17.77
C LEU C 301 2.60 -31.26 -18.23
N HIS C 302 3.50 -32.23 -18.42
CA HIS C 302 3.11 -33.54 -18.89
C HIS C 302 2.26 -34.29 -17.87
N ALA C 303 2.60 -34.16 -16.59
CA ALA C 303 1.86 -34.81 -15.52
C ALA C 303 0.45 -34.25 -15.44
N GLN C 304 0.35 -32.92 -15.39
CA GLN C 304 -0.93 -32.25 -15.29
C GLN C 304 -1.82 -32.50 -16.51
N LYS C 305 -1.22 -32.69 -17.67
CA LYS C 305 -2.01 -32.97 -18.88
C LYS C 305 -2.73 -34.30 -18.67
N ALA C 306 -2.02 -35.25 -18.09
CA ALA C 306 -2.58 -36.57 -17.84
C ALA C 306 -3.73 -36.48 -16.85
N VAL C 307 -3.56 -35.71 -15.78
CA VAL C 307 -4.63 -35.59 -14.79
C VAL C 307 -5.83 -34.85 -15.38
N LEU C 308 -5.57 -33.81 -16.16
CA LEU C 308 -6.65 -33.04 -16.76
C LEU C 308 -7.45 -33.96 -17.68
N ALA C 309 -6.74 -34.76 -18.47
CA ALA C 309 -7.38 -35.70 -19.40
C ALA C 309 -8.12 -36.81 -18.65
N ALA C 310 -7.49 -37.39 -17.63
CA ALA C 310 -8.12 -38.45 -16.87
C ALA C 310 -9.38 -38.03 -16.12
N LEU C 311 -9.37 -36.81 -15.57
CA LEU C 311 -10.51 -36.33 -14.80
C LEU C 311 -11.57 -35.57 -15.58
N MET C 312 -11.18 -34.96 -16.69
CA MET C 312 -12.10 -34.19 -17.52
C MET C 312 -12.35 -34.89 -18.86
N GLY C 313 -11.35 -35.65 -19.31
CA GLY C 313 -11.43 -36.36 -20.58
C GLY C 313 -12.79 -36.94 -20.89
N THR D 10 31.42 6.34 41.01
CA THR D 10 31.17 5.31 39.94
C THR D 10 31.15 5.89 38.53
N ARG D 11 32.13 5.50 37.72
CA ARG D 11 32.20 5.97 36.34
C ARG D 11 31.52 4.94 35.45
N PHE D 12 30.65 5.41 34.56
CA PHE D 12 29.95 4.54 33.63
C PHE D 12 30.59 4.78 32.27
N ARG D 13 30.48 3.81 31.36
CA ARG D 13 31.02 4.04 30.03
C ARG D 13 30.07 5.06 29.41
N PRO D 14 30.49 5.69 28.30
CA PRO D 14 29.60 6.69 27.69
C PRO D 14 28.25 6.14 27.24
N ASP D 15 28.25 4.97 26.62
CA ASP D 15 27.01 4.39 26.12
C ASP D 15 26.60 3.08 26.79
N LEU D 16 25.34 2.71 26.56
CA LEU D 16 24.81 1.46 27.08
C LEU D 16 24.25 0.70 25.88
N LEU D 17 25.18 0.13 25.10
CA LEU D 17 24.85 -0.64 23.92
C LEU D 17 24.51 -2.08 24.29
N SER D 18 25.31 -2.64 25.18
CA SER D 18 25.14 -4.00 25.64
C SER D 18 25.09 -3.97 27.17
N LEU D 19 24.43 -4.97 27.75
CA LEU D 19 24.36 -5.05 29.20
C LEU D 19 25.76 -5.33 29.74
N ASP D 20 26.65 -5.76 28.86
CA ASP D 20 28.02 -6.06 29.26
C ASP D 20 28.94 -4.82 29.28
N ASP D 21 28.35 -3.65 28.98
CA ASP D 21 29.11 -2.39 29.02
C ASP D 21 29.17 -1.99 30.49
N LEU D 22 28.53 -2.79 31.33
CA LEU D 22 28.48 -2.55 32.76
C LEU D 22 29.12 -3.72 33.49
N ASP D 23 30.06 -3.45 34.40
CA ASP D 23 30.67 -4.53 35.16
C ASP D 23 29.72 -4.75 36.33
N GLU D 24 30.00 -5.74 37.17
CA GLU D 24 29.13 -6.02 38.31
C GLU D 24 28.87 -4.77 39.15
N ALA D 25 29.89 -3.93 39.30
CA ALA D 25 29.78 -2.73 40.10
C ALA D 25 28.90 -1.67 39.45
N GLN D 26 29.10 -1.43 38.16
CA GLN D 26 28.32 -0.44 37.45
C GLN D 26 26.85 -0.84 37.43
N LEU D 27 26.59 -2.13 37.20
CA LEU D 27 25.22 -2.61 37.17
C LEU D 27 24.54 -2.36 38.52
N HIS D 28 25.16 -2.83 39.60
CA HIS D 28 24.58 -2.64 40.93
C HIS D 28 24.37 -1.18 41.24
N ALA D 29 25.28 -0.33 40.78
CA ALA D 29 25.16 1.11 41.00
C ALA D 29 23.92 1.62 40.26
N LEU D 30 23.77 1.19 39.01
CA LEU D 30 22.63 1.60 38.20
C LEU D 30 21.33 1.16 38.86
N LEU D 31 21.32 -0.07 39.37
CA LEU D 31 20.15 -0.60 40.04
C LEU D 31 19.82 0.15 41.31
N THR D 32 20.85 0.51 42.07
CA THR D 32 20.66 1.25 43.31
C THR D 32 20.05 2.61 42.97
N LEU D 33 20.68 3.32 42.03
CA LEU D 33 20.18 4.62 41.60
C LEU D 33 18.71 4.49 41.20
N ALA D 34 18.39 3.44 40.45
CA ALA D 34 17.01 3.21 40.02
C ALA D 34 16.06 3.14 41.21
N HIS D 35 16.43 2.35 42.21
CA HIS D 35 15.60 2.20 43.41
C HIS D 35 15.36 3.54 44.10
N GLN D 36 16.44 4.26 44.39
CA GLN D 36 16.35 5.56 45.06
C GLN D 36 15.44 6.55 44.34
N LEU D 37 15.69 6.73 43.05
CA LEU D 37 14.88 7.62 42.24
C LEU D 37 13.40 7.22 42.32
N LYS D 38 13.15 5.92 42.26
CA LYS D 38 11.78 5.42 42.32
C LYS D 38 11.11 5.72 43.66
N ARG D 39 11.88 5.68 44.75
CA ARG D 39 11.34 5.95 46.08
C ARG D 39 11.61 7.38 46.55
N GLY D 40 12.03 8.24 45.65
CA GLY D 40 12.31 9.62 46.02
C GLY D 40 13.51 9.77 46.92
N GLU D 41 14.16 8.66 47.26
CA GLU D 41 15.34 8.69 48.12
C GLU D 41 16.47 9.48 47.48
N ARG D 42 16.21 9.99 46.28
CA ARG D 42 17.20 10.78 45.56
C ARG D 42 16.48 11.51 44.43
N VAL D 43 17.14 12.51 43.85
CA VAL D 43 16.55 13.29 42.77
C VAL D 43 17.56 13.65 41.69
N ALA D 44 17.16 13.52 40.43
CA ALA D 44 18.02 13.83 39.30
C ALA D 44 17.33 14.87 38.42
N ASN D 45 18.12 15.58 37.62
CA ASN D 45 17.57 16.61 36.77
C ASN D 45 18.36 16.83 35.47
N LEU D 46 17.69 16.58 34.35
CA LEU D 46 18.31 16.76 33.04
C LEU D 46 17.70 17.97 32.35
N HIS D 47 17.22 18.92 33.15
CA HIS D 47 16.61 20.13 32.60
C HIS D 47 17.53 20.77 31.57
N GLY D 48 16.93 21.25 30.49
CA GLY D 48 17.70 21.89 29.43
C GLY D 48 18.22 20.91 28.38
N LYS D 49 18.02 19.62 28.59
CA LYS D 49 18.51 18.63 27.64
C LYS D 49 17.40 17.89 26.89
N VAL D 50 17.73 17.39 25.71
CA VAL D 50 16.76 16.69 24.88
C VAL D 50 17.22 15.28 24.55
N LEU D 51 16.30 14.33 24.73
CA LEU D 51 16.58 12.94 24.43
C LEU D 51 16.01 12.69 23.05
N GLY D 52 16.83 12.16 22.15
CA GLY D 52 16.36 11.87 20.81
C GLY D 52 16.09 10.39 20.65
N LEU D 53 14.90 10.05 20.13
CA LEU D 53 14.55 8.65 19.93
C LEU D 53 14.63 8.32 18.45
N VAL D 54 15.41 7.30 18.11
CA VAL D 54 15.53 6.87 16.72
C VAL D 54 15.22 5.37 16.66
N PHE D 55 13.94 5.08 16.43
CA PHE D 55 13.45 3.71 16.32
C PHE D 55 13.23 3.33 14.86
N LEU D 56 14.08 2.45 14.33
CA LEU D 56 13.97 2.01 12.95
C LEU D 56 12.81 1.04 12.82
N LYS D 57 12.17 0.76 13.96
CA LYS D 57 11.04 -0.15 14.03
C LYS D 57 10.19 0.30 15.21
N ALA D 58 8.97 0.74 14.92
CA ALA D 58 8.05 1.22 15.93
C ALA D 58 8.05 0.38 17.21
N SER D 59 7.73 1.04 18.31
CA SER D 59 7.66 0.39 19.62
C SER D 59 7.07 1.39 20.62
N THR D 60 5.74 1.53 20.59
CA THR D 60 5.04 2.45 21.47
C THR D 60 5.39 2.21 22.94
N ARG D 61 5.56 0.94 23.28
CA ARG D 61 5.90 0.53 24.63
C ARG D 61 7.25 1.11 25.07
N THR D 62 8.25 0.96 24.19
CA THR D 62 9.59 1.44 24.48
C THR D 62 9.62 2.95 24.42
N ARG D 63 8.89 3.51 23.46
CA ARG D 63 8.85 4.96 23.31
C ARG D 63 8.21 5.66 24.50
N VAL D 64 7.06 5.17 24.95
CA VAL D 64 6.39 5.81 26.08
C VAL D 64 7.19 5.73 27.39
N SER D 65 7.80 4.59 27.67
CA SER D 65 8.57 4.45 28.90
C SER D 65 9.81 5.34 28.87
N PHE D 66 10.43 5.49 27.70
CA PHE D 66 11.60 6.35 27.60
C PHE D 66 11.22 7.82 27.68
N THR D 67 10.14 8.19 27.02
CA THR D 67 9.69 9.58 27.00
C THR D 67 9.25 10.08 28.38
N VAL D 68 8.41 9.30 29.09
CA VAL D 68 8.00 9.72 30.42
C VAL D 68 9.22 9.72 31.35
N ALA D 69 10.11 8.76 31.16
CA ALA D 69 11.31 8.72 32.00
C ALA D 69 12.07 10.03 31.87
N MET D 70 12.19 10.56 30.65
CA MET D 70 12.92 11.82 30.49
C MET D 70 12.15 12.97 31.09
N TYR D 71 10.85 13.00 30.86
CA TYR D 71 10.00 14.06 31.39
C TYR D 71 10.13 14.17 32.90
N GLN D 72 10.13 13.02 33.59
CA GLN D 72 10.25 13.06 35.04
C GLN D 72 11.61 13.55 35.48
N LEU D 73 12.59 13.56 34.57
CA LEU D 73 13.92 14.06 34.90
C LEU D 73 13.97 15.54 34.52
N GLY D 74 12.88 16.04 33.97
CA GLY D 74 12.84 17.44 33.58
C GLY D 74 13.42 17.76 32.22
N GLY D 75 13.71 16.74 31.41
CA GLY D 75 14.25 17.00 30.09
C GLY D 75 13.16 16.99 29.03
N GLN D 76 13.52 17.16 27.77
CA GLN D 76 12.54 17.12 26.70
C GLN D 76 12.85 15.94 25.80
N VAL D 77 11.88 15.59 24.95
CA VAL D 77 12.04 14.45 24.06
C VAL D 77 11.61 14.74 22.64
N ILE D 78 12.29 14.11 21.69
CA ILE D 78 11.94 14.25 20.29
C ILE D 78 12.07 12.88 19.62
N ASP D 79 11.04 12.47 18.89
CA ASP D 79 11.10 11.19 18.19
C ASP D 79 11.66 11.47 16.79
N LEU D 80 12.74 10.77 16.44
CA LEU D 80 13.39 10.95 15.14
C LEU D 80 13.29 9.73 14.22
N GLU D 91 20.72 8.36 3.85
CA GLU D 91 22.04 8.93 4.06
C GLU D 91 22.80 8.10 5.10
N PRO D 92 24.14 8.10 5.03
CA PRO D 92 24.96 7.34 5.97
C PRO D 92 24.59 7.64 7.42
N VAL D 93 24.74 6.66 8.31
CA VAL D 93 24.42 6.88 9.72
C VAL D 93 25.43 7.86 10.28
N ARG D 94 26.67 7.81 9.78
CA ARG D 94 27.71 8.70 10.25
C ARG D 94 27.30 10.16 10.05
N ASP D 95 26.56 10.44 8.98
CA ASP D 95 26.11 11.80 8.72
C ASP D 95 24.94 12.19 9.63
N THR D 96 23.91 11.35 9.67
CA THR D 96 22.76 11.65 10.51
C THR D 96 23.16 11.71 11.98
N ALA D 97 24.06 10.82 12.40
CA ALA D 97 24.51 10.78 13.79
C ALA D 97 25.26 12.05 14.20
N ARG D 98 26.11 12.56 13.31
CA ARG D 98 26.87 13.77 13.60
C ARG D 98 25.98 15.00 13.67
N VAL D 99 24.99 15.08 12.81
CA VAL D 99 24.10 16.23 12.83
C VAL D 99 23.23 16.16 14.09
N LEU D 100 22.76 14.96 14.42
CA LEU D 100 21.92 14.78 15.61
C LEU D 100 22.71 15.13 16.87
N GLY D 101 23.99 14.80 16.86
CA GLY D 101 24.85 15.12 18.00
C GLY D 101 24.97 16.62 18.19
N ARG D 102 24.52 17.40 17.22
CA ARG D 102 24.58 18.87 17.29
C ARG D 102 23.27 19.47 17.78
N TYR D 103 22.21 18.67 17.79
CA TYR D 103 20.89 19.16 18.21
C TYR D 103 20.41 18.62 19.56
N VAL D 104 20.64 17.33 19.81
CA VAL D 104 20.19 16.72 21.06
C VAL D 104 21.36 16.29 21.94
N ASP D 105 21.04 15.77 23.14
CA ASP D 105 22.04 15.38 24.14
C ASP D 105 22.14 13.90 24.47
N GLY D 106 21.32 13.09 23.82
CA GLY D 106 21.36 11.66 24.07
C GLY D 106 20.46 10.96 23.09
N LEU D 107 20.81 9.72 22.74
CA LEU D 107 20.00 8.97 21.81
C LEU D 107 19.60 7.61 22.35
N ALA D 108 18.31 7.30 22.23
CA ALA D 108 17.77 6.01 22.64
C ALA D 108 17.39 5.45 21.30
N ILE D 109 18.10 4.42 20.84
CA ILE D 109 17.77 3.90 19.53
C ILE D 109 17.50 2.43 19.41
N ARG D 110 16.63 2.11 18.47
CA ARG D 110 16.27 0.74 18.21
C ARG D 110 16.56 0.39 16.76
N THR D 111 17.50 -0.53 16.56
CA THR D 111 17.86 -1.00 15.23
C THR D 111 17.77 -2.50 15.25
N PHE D 112 18.08 -3.11 14.11
CA PHE D 112 18.06 -4.56 14.00
C PHE D 112 19.45 -5.07 14.31
N ALA D 113 20.42 -4.55 13.58
CA ALA D 113 21.82 -4.94 13.76
C ALA D 113 22.48 -4.22 14.93
N GLN D 114 23.17 -4.99 15.76
CA GLN D 114 23.89 -4.45 16.91
C GLN D 114 25.01 -3.54 16.44
N THR D 115 25.53 -3.81 15.24
CA THR D 115 26.61 -3.00 14.67
C THR D 115 26.14 -1.62 14.24
N GLU D 116 24.93 -1.54 13.70
CA GLU D 116 24.40 -0.25 13.26
C GLU D 116 24.23 0.64 14.49
N LEU D 117 23.98 0.02 15.64
CA LEU D 117 23.81 0.76 16.87
C LEU D 117 25.18 1.31 17.26
N GLU D 118 26.20 0.46 17.14
CA GLU D 118 27.58 0.86 17.47
C GLU D 118 28.02 1.95 16.51
N GLU D 119 27.38 1.98 15.34
CA GLU D 119 27.66 2.98 14.31
C GLU D 119 27.29 4.36 14.85
N TYR D 120 26.06 4.48 15.35
CA TYR D 120 25.59 5.75 15.90
C TYR D 120 26.44 6.17 17.08
N ALA D 121 26.71 5.20 17.95
CA ALA D 121 27.51 5.44 19.14
C ALA D 121 28.89 5.96 18.77
N HIS D 122 29.39 5.52 17.62
CA HIS D 122 30.72 5.90 17.15
C HIS D 122 30.79 7.33 16.61
N TYR D 123 29.75 7.78 15.92
CA TYR D 123 29.76 9.12 15.34
C TYR D 123 28.92 10.17 16.04
N ALA D 124 27.97 9.74 16.87
CA ALA D 124 27.08 10.67 17.57
C ALA D 124 27.76 11.76 18.41
N GLY D 125 28.74 11.38 19.22
CA GLY D 125 29.40 12.35 20.07
C GLY D 125 28.58 12.61 21.32
N ILE D 126 27.48 11.87 21.45
CA ILE D 126 26.61 11.98 22.62
C ILE D 126 26.24 10.57 23.02
N PRO D 127 25.89 10.37 24.30
CA PRO D 127 25.52 9.03 24.78
C PRO D 127 24.47 8.35 23.91
N VAL D 128 24.65 7.06 23.67
CA VAL D 128 23.70 6.28 22.88
C VAL D 128 23.22 5.12 23.74
N ILE D 129 21.91 4.91 23.79
CA ILE D 129 21.34 3.83 24.58
C ILE D 129 20.61 2.85 23.68
N ASN D 130 20.82 1.57 23.90
CA ASN D 130 20.19 0.52 23.12
C ASN D 130 18.74 0.31 23.60
N ALA D 131 17.78 0.81 22.83
CA ALA D 131 16.38 0.66 23.20
C ALA D 131 15.90 -0.73 22.82
N LEU D 132 16.64 -1.40 21.94
CA LEU D 132 16.31 -2.75 21.48
C LEU D 132 16.99 -3.10 20.17
N THR D 133 17.60 -4.28 20.10
CA THR D 133 18.25 -4.76 18.89
C THR D 133 17.96 -6.25 18.80
N ASP D 134 18.27 -6.87 17.68
CA ASP D 134 18.04 -8.30 17.52
C ASP D 134 18.91 -9.06 18.53
N HIS D 135 20.05 -8.47 18.85
CA HIS D 135 21.02 -9.07 19.75
C HIS D 135 20.77 -8.90 21.25
N GLU D 136 20.30 -7.74 21.69
CA GLU D 136 20.07 -7.52 23.12
C GLU D 136 18.95 -6.53 23.48
N HIS D 137 18.58 -6.53 24.76
CA HIS D 137 17.56 -5.64 25.30
C HIS D 137 18.01 -5.34 26.74
N PRO D 138 19.08 -4.54 26.89
CA PRO D 138 19.64 -4.17 28.19
C PRO D 138 18.67 -3.54 29.17
N CYS D 139 17.94 -2.52 28.72
CA CYS D 139 16.98 -1.81 29.56
C CYS D 139 15.87 -2.69 30.12
N GLN D 140 15.42 -3.66 29.33
CA GLN D 140 14.37 -4.55 29.79
C GLN D 140 14.85 -5.37 30.97
N VAL D 141 16.10 -5.85 30.89
CA VAL D 141 16.65 -6.66 31.97
C VAL D 141 16.93 -5.87 33.23
N VAL D 142 17.39 -4.62 33.08
CA VAL D 142 17.63 -3.83 34.27
C VAL D 142 16.30 -3.70 34.99
N ALA D 143 15.21 -3.57 34.22
CA ALA D 143 13.86 -3.44 34.78
C ALA D 143 13.51 -4.73 35.50
N ASP D 144 13.80 -5.86 34.85
CA ASP D 144 13.51 -7.17 35.42
C ASP D 144 14.30 -7.37 36.71
N LEU D 145 15.58 -6.99 36.69
CA LEU D 145 16.42 -7.11 37.88
C LEU D 145 15.87 -6.27 39.03
N LEU D 146 15.24 -5.14 38.67
CA LEU D 146 14.65 -4.23 39.64
C LEU D 146 13.42 -4.89 40.26
N THR D 147 12.60 -5.49 39.41
CA THR D 147 11.39 -6.14 39.87
C THR D 147 11.71 -7.31 40.79
N ILE D 148 12.66 -8.14 40.37
CA ILE D 148 13.07 -9.30 41.15
C ILE D 148 13.60 -8.84 42.52
N ARG D 149 14.40 -7.78 42.51
CA ARG D 149 14.97 -7.24 43.74
C ARG D 149 13.87 -6.88 44.71
N GLU D 150 12.87 -6.17 44.20
CA GLU D 150 11.75 -5.74 45.02
C GLU D 150 10.88 -6.89 45.51
N ASN D 151 10.94 -8.04 44.83
CA ASN D 151 10.13 -9.17 45.23
C ASN D 151 10.81 -10.13 46.20
N PHE D 152 12.14 -10.18 46.16
CA PHE D 152 12.86 -11.08 47.05
C PHE D 152 13.86 -10.39 47.98
N GLY D 153 13.97 -9.08 47.85
CA GLY D 153 14.90 -8.36 48.70
C GLY D 153 16.34 -8.68 48.38
N ARG D 154 16.58 -9.40 47.28
CA ARG D 154 17.93 -9.75 46.89
C ARG D 154 18.00 -10.26 45.45
N LEU D 155 19.22 -10.48 44.96
CA LEU D 155 19.42 -10.96 43.60
C LEU D 155 20.40 -12.15 43.59
N ALA D 156 21.45 -12.04 44.40
CA ALA D 156 22.46 -13.07 44.48
C ALA D 156 21.88 -14.35 45.08
N GLY D 157 22.19 -15.49 44.47
CA GLY D 157 21.70 -16.75 44.99
C GLY D 157 20.39 -17.23 44.40
N LEU D 158 19.61 -16.33 43.82
CA LEU D 158 18.34 -16.72 43.22
C LEU D 158 18.57 -17.48 41.92
N LYS D 159 17.58 -18.28 41.52
CA LYS D 159 17.70 -19.02 40.27
C LYS D 159 16.61 -18.58 39.31
N LEU D 160 17.03 -18.12 38.14
CA LEU D 160 16.10 -17.69 37.11
C LEU D 160 16.01 -18.73 36.00
N ALA D 161 14.80 -19.09 35.62
CA ALA D 161 14.60 -20.05 34.54
C ALA D 161 13.88 -19.38 33.36
N TYR D 162 14.56 -19.32 32.21
CA TYR D 162 13.99 -18.73 31.01
C TYR D 162 13.60 -19.82 30.01
N VAL D 163 12.34 -19.83 29.59
CA VAL D 163 11.87 -20.84 28.63
C VAL D 163 11.34 -20.22 27.36
N GLY D 164 11.66 -20.84 26.22
CA GLY D 164 11.22 -20.34 24.94
C GLY D 164 12.36 -20.16 23.95
N ASP D 165 12.30 -19.08 23.18
CA ASP D 165 13.30 -18.79 22.19
C ASP D 165 14.52 -18.08 22.78
N GLY D 166 15.72 -18.55 22.40
CA GLY D 166 16.94 -17.93 22.90
C GLY D 166 17.18 -16.66 22.11
N ASN D 167 16.45 -15.60 22.44
CA ASN D 167 16.51 -14.31 21.75
C ASN D 167 17.29 -13.19 22.47
N ASN D 168 17.01 -11.95 22.06
CA ASN D 168 17.68 -10.78 22.63
C ASN D 168 17.52 -10.57 24.14
N VAL D 169 16.34 -10.84 24.70
CA VAL D 169 16.19 -10.65 26.13
C VAL D 169 16.89 -11.80 26.86
N ALA D 170 16.89 -12.99 26.27
CA ALA D 170 17.57 -14.11 26.91
C ALA D 170 19.05 -13.77 27.00
N HIS D 171 19.57 -13.08 25.98
CA HIS D 171 20.98 -12.70 25.97
C HIS D 171 21.30 -11.77 27.12
N SER D 172 20.49 -10.72 27.27
CA SER D 172 20.69 -9.77 28.34
C SER D 172 20.46 -10.43 29.70
N LEU D 173 19.45 -11.28 29.79
CA LEU D 173 19.18 -11.98 31.04
C LEU D 173 20.41 -12.77 31.50
N LEU D 174 21.05 -13.47 30.57
CA LEU D 174 22.24 -14.26 30.88
C LEU D 174 23.34 -13.40 31.48
N LEU D 175 23.61 -12.27 30.83
CA LEU D 175 24.65 -11.34 31.27
C LEU D 175 24.26 -10.65 32.58
N GLY D 176 22.99 -10.28 32.69
CA GLY D 176 22.51 -9.60 33.88
C GLY D 176 22.49 -10.47 35.12
N CYS D 177 21.89 -11.65 35.02
CA CYS D 177 21.82 -12.56 36.15
C CYS D 177 23.22 -12.90 36.64
N ALA D 178 24.09 -13.26 35.72
CA ALA D 178 25.47 -13.60 36.07
C ALA D 178 26.09 -12.45 36.85
N LYS D 179 26.04 -11.25 36.27
CA LYS D 179 26.60 -10.07 36.91
C LYS D 179 26.07 -9.79 38.31
N VAL D 180 24.89 -10.29 38.65
CA VAL D 180 24.33 -10.05 39.99
C VAL D 180 24.39 -11.29 40.87
N GLY D 181 25.08 -12.32 40.40
CA GLY D 181 25.18 -13.53 41.18
C GLY D 181 23.92 -14.37 41.13
N MET D 182 23.05 -14.08 40.16
CA MET D 182 21.82 -14.86 40.03
C MET D 182 22.07 -16.01 39.06
N SER D 183 21.79 -17.22 39.51
CA SER D 183 21.95 -18.38 38.65
C SER D 183 20.85 -18.35 37.61
N ILE D 184 21.18 -18.80 36.40
CA ILE D 184 20.19 -18.83 35.33
C ILE D 184 20.26 -20.11 34.51
N ALA D 185 19.09 -20.62 34.18
CA ALA D 185 18.96 -21.81 33.37
C ALA D 185 18.01 -21.47 32.22
N VAL D 186 18.52 -21.44 31.01
CA VAL D 186 17.72 -21.14 29.83
C VAL D 186 17.41 -22.40 29.02
N ALA D 187 16.12 -22.76 28.96
CA ALA D 187 15.68 -23.92 28.20
C ALA D 187 15.07 -23.50 26.87
N THR D 188 15.70 -23.88 25.76
CA THR D 188 15.19 -23.53 24.44
C THR D 188 15.07 -24.78 23.59
N PRO D 189 14.24 -24.72 22.54
CA PRO D 189 14.05 -25.87 21.65
C PRO D 189 15.34 -26.16 20.90
N GLU D 190 15.34 -27.28 20.19
CA GLU D 190 16.48 -27.74 19.41
C GLU D 190 17.38 -26.65 18.82
N GLY D 191 16.94 -26.03 17.74
CA GLY D 191 17.75 -25.01 17.10
C GLY D 191 17.55 -23.57 17.50
N PHE D 192 17.01 -23.31 18.69
CA PHE D 192 16.79 -21.95 19.15
C PHE D 192 17.57 -21.61 20.42
N THR D 193 18.84 -21.97 20.42
CA THR D 193 19.69 -21.72 21.58
C THR D 193 20.27 -20.31 21.56
N PRO D 194 20.57 -19.76 22.75
CA PRO D 194 21.13 -18.41 22.82
C PRO D 194 22.45 -18.41 22.08
N ASP D 195 22.92 -17.22 21.72
CA ASP D 195 24.19 -17.08 21.02
C ASP D 195 25.28 -17.69 21.91
N PRO D 196 26.00 -18.71 21.40
CA PRO D 196 27.07 -19.37 22.15
C PRO D 196 28.08 -18.42 22.79
N ALA D 197 28.37 -17.31 22.12
CA ALA D 197 29.33 -16.35 22.63
C ALA D 197 28.83 -15.63 23.88
N VAL D 198 27.55 -15.27 23.92
CA VAL D 198 27.03 -14.57 25.09
C VAL D 198 26.97 -15.51 26.29
N SER D 199 26.48 -16.73 26.06
CA SER D 199 26.39 -17.70 27.14
C SER D 199 27.79 -17.99 27.69
N ALA D 200 28.78 -18.08 26.80
CA ALA D 200 30.15 -18.34 27.21
C ALA D 200 30.56 -17.21 28.14
N ARG D 201 30.32 -15.98 27.68
CA ARG D 201 30.65 -14.77 28.43
C ARG D 201 29.90 -14.73 29.77
N ALA D 202 28.65 -15.17 29.77
CA ALA D 202 27.86 -15.19 30.99
C ALA D 202 28.48 -16.17 31.98
N SER D 203 28.93 -17.31 31.46
CA SER D 203 29.56 -18.34 32.30
C SER D 203 30.88 -17.79 32.82
N GLU D 204 31.54 -16.99 32.00
CA GLU D 204 32.80 -16.37 32.38
C GLU D 204 32.56 -15.47 33.59
N ILE D 205 31.41 -14.80 33.60
CA ILE D 205 31.04 -13.90 34.69
C ILE D 205 30.53 -14.71 35.87
N ALA D 206 29.77 -15.75 35.58
CA ALA D 206 29.19 -16.62 36.59
C ALA D 206 30.24 -17.20 37.54
N GLY D 207 31.39 -17.56 37.00
CA GLY D 207 32.44 -18.15 37.82
C GLY D 207 32.98 -17.20 38.87
N ARG D 208 32.98 -15.90 38.56
CA ARG D 208 33.49 -14.89 39.47
C ARG D 208 32.43 -14.29 40.38
N THR D 209 31.17 -14.66 40.16
CA THR D 209 30.08 -14.12 40.98
C THR D 209 29.38 -15.17 41.83
N GLY D 210 29.60 -16.45 41.49
CA GLY D 210 28.99 -17.52 42.26
C GLY D 210 27.70 -18.10 41.70
N ALA D 211 27.25 -17.59 40.56
CA ALA D 211 26.03 -18.11 39.95
C ALA D 211 26.38 -19.16 38.91
N GLU D 212 25.41 -19.99 38.54
CA GLU D 212 25.66 -21.02 37.54
C GLU D 212 24.81 -20.80 36.30
N VAL D 213 25.46 -20.73 35.15
CA VAL D 213 24.78 -20.52 33.87
C VAL D 213 24.51 -21.86 33.20
N GLN D 214 23.23 -22.18 33.02
CA GLN D 214 22.82 -23.42 32.38
C GLN D 214 22.05 -23.13 31.09
N ILE D 215 22.41 -23.81 30.02
CA ILE D 215 21.72 -23.67 28.75
C ILE D 215 21.19 -25.06 28.43
N LEU D 216 19.92 -25.30 28.74
CA LEU D 216 19.31 -26.60 28.53
C LEU D 216 18.30 -26.68 27.40
N ARG D 217 17.72 -27.86 27.28
CA ARG D 217 16.72 -28.17 26.28
C ARG D 217 15.40 -28.42 27.02
N ASP D 218 15.50 -29.13 28.14
CA ASP D 218 14.33 -29.46 28.94
C ASP D 218 13.89 -28.32 29.85
N PRO D 219 12.67 -27.80 29.63
CA PRO D 219 12.11 -26.69 30.40
C PRO D 219 11.85 -27.00 31.88
N PHE D 220 11.36 -28.20 32.16
CA PHE D 220 11.10 -28.58 33.56
C PHE D 220 12.37 -28.68 34.36
N GLU D 221 13.43 -29.16 33.73
CA GLU D 221 14.71 -29.28 34.40
C GLU D 221 15.15 -27.89 34.87
N ALA D 222 14.94 -26.90 34.01
CA ALA D 222 15.32 -25.53 34.31
C ALA D 222 14.41 -24.86 35.36
N ALA D 223 13.12 -25.13 35.28
CA ALA D 223 12.15 -24.55 36.19
C ALA D 223 12.24 -25.05 37.63
N ARG D 224 12.52 -26.34 37.79
CA ARG D 224 12.64 -26.95 39.12
C ARG D 224 13.58 -26.11 39.99
N GLY D 225 13.09 -25.71 41.16
CA GLY D 225 13.90 -24.91 42.06
C GLY D 225 14.00 -23.44 41.71
N ALA D 226 13.56 -23.06 40.53
CA ALA D 226 13.62 -21.67 40.08
C ALA D 226 12.77 -20.72 40.91
N HIS D 227 13.33 -19.53 41.18
CA HIS D 227 12.62 -18.51 41.94
C HIS D 227 11.85 -17.61 40.97
N ILE D 228 12.29 -17.61 39.72
CA ILE D 228 11.65 -16.80 38.69
C ILE D 228 11.51 -17.57 37.39
N LEU D 229 10.28 -17.59 36.85
CA LEU D 229 10.02 -18.22 35.56
C LEU D 229 9.83 -17.04 34.62
N TYR D 230 10.63 -16.98 33.56
CA TYR D 230 10.58 -15.88 32.60
C TYR D 230 10.38 -16.42 31.18
N THR D 231 9.56 -15.72 30.40
CA THR D 231 9.37 -16.14 29.02
C THR D 231 9.09 -14.93 28.14
N ASP D 232 9.20 -15.16 26.83
CA ASP D 232 8.96 -14.12 25.84
C ASP D 232 8.18 -14.76 24.69
N VAL D 233 7.86 -13.99 23.67
CA VAL D 233 7.13 -14.52 22.52
C VAL D 233 8.03 -15.50 21.76
N TRP D 234 7.41 -16.49 21.12
CA TRP D 234 8.16 -17.48 20.33
C TRP D 234 8.58 -16.85 19.01
N THR D 235 9.64 -17.38 18.41
CA THR D 235 10.17 -16.86 17.14
C THR D 235 9.10 -16.49 16.13
N HIS D 245 4.50 -26.69 12.45
CA HIS D 245 5.76 -27.04 13.12
C HIS D 245 6.00 -26.08 14.27
N ARG D 246 5.51 -24.86 14.10
CA ARG D 246 5.64 -23.81 15.09
C ARG D 246 5.29 -24.35 16.47
N LEU D 247 4.05 -24.76 16.66
CA LEU D 247 3.58 -25.32 17.93
C LEU D 247 4.43 -26.51 18.36
N GLN D 248 4.52 -27.49 17.48
CA GLN D 248 5.28 -28.72 17.72
C GLN D 248 6.63 -28.46 18.38
N LEU D 249 7.24 -27.33 18.01
CA LEU D 249 8.55 -26.98 18.51
C LEU D 249 8.56 -26.15 19.81
N PHE D 250 7.47 -25.45 20.11
CA PHE D 250 7.44 -24.61 21.30
C PHE D 250 6.48 -24.96 22.44
N GLU D 251 5.44 -25.75 22.15
CA GLU D 251 4.45 -26.13 23.16
C GLU D 251 4.97 -26.47 24.55
N GLN D 252 6.05 -27.23 24.63
CA GLN D 252 6.62 -27.65 25.92
C GLN D 252 7.27 -26.54 26.74
N TYR D 253 7.61 -25.44 26.08
CA TYR D 253 8.27 -24.35 26.77
C TYR D 253 7.34 -23.32 27.40
N GLN D 254 6.04 -23.50 27.17
CA GLN D 254 5.03 -22.62 27.72
C GLN D 254 5.10 -22.62 29.23
N ILE D 255 4.99 -21.45 29.85
CA ILE D 255 5.00 -21.42 31.31
C ILE D 255 3.53 -21.47 31.72
N ASN D 256 3.16 -22.56 32.38
CA ASN D 256 1.79 -22.79 32.84
C ASN D 256 1.80 -23.32 34.27
N ALA D 257 0.65 -23.78 34.73
CA ALA D 257 0.53 -24.30 36.09
C ALA D 257 1.48 -25.48 36.32
N ALA D 258 1.48 -26.42 35.38
CA ALA D 258 2.33 -27.60 35.46
C ALA D 258 3.79 -27.22 35.66
N LEU D 259 4.26 -26.23 34.91
CA LEU D 259 5.64 -25.78 35.01
C LEU D 259 5.86 -24.97 36.28
N LEU D 260 4.87 -24.17 36.64
CA LEU D 260 4.97 -23.34 37.83
C LEU D 260 5.17 -24.20 39.08
N ASN D 261 4.29 -25.17 39.26
CA ASN D 261 4.35 -26.07 40.40
C ASN D 261 5.76 -26.64 40.62
N CYS D 262 6.57 -26.64 39.56
CA CYS D 262 7.94 -27.17 39.62
C CYS D 262 8.93 -26.22 40.27
N ALA D 263 8.80 -24.92 40.01
CA ALA D 263 9.70 -23.94 40.58
C ALA D 263 9.45 -23.76 42.06
N ALA D 264 10.28 -22.93 42.69
CA ALA D 264 10.16 -22.65 44.12
C ALA D 264 8.71 -22.33 44.51
N ALA D 265 8.42 -22.51 45.80
CA ALA D 265 7.07 -22.26 46.33
C ALA D 265 6.63 -20.81 46.15
N GLU D 266 7.57 -19.89 46.33
CA GLU D 266 7.29 -18.47 46.19
C GLU D 266 7.94 -17.92 44.92
N ALA D 267 7.86 -18.70 43.84
CA ALA D 267 8.44 -18.31 42.57
C ALA D 267 7.61 -17.22 41.87
N ILE D 268 8.30 -16.35 41.13
CA ILE D 268 7.63 -15.26 40.41
C ILE D 268 7.65 -15.50 38.90
N VAL D 269 6.67 -14.94 38.20
CA VAL D 269 6.58 -15.09 36.74
C VAL D 269 6.72 -13.74 36.02
N LEU D 270 7.68 -13.66 35.12
CA LEU D 270 7.93 -12.45 34.35
C LEU D 270 7.73 -12.70 32.86
N HIS D 271 7.42 -11.64 32.14
CA HIS D 271 7.23 -11.70 30.69
C HIS D 271 7.41 -10.27 30.21
N CYS D 272 8.44 -10.03 29.41
CA CYS D 272 8.72 -8.69 28.91
C CYS D 272 7.61 -8.05 28.08
N LEU D 273 6.69 -8.86 27.56
CA LEU D 273 5.57 -8.37 26.75
C LEU D 273 6.02 -7.95 25.33
N PRO D 274 5.11 -7.99 24.34
CA PRO D 274 3.70 -8.38 24.45
C PRO D 274 3.57 -9.89 24.58
N ALA D 275 2.44 -10.33 25.13
CA ALA D 275 2.22 -11.75 25.33
C ALA D 275 1.15 -12.35 24.44
N HIS D 276 1.32 -13.63 24.11
CA HIS D 276 0.37 -14.38 23.31
C HIS D 276 -0.20 -15.47 24.22
N ARG D 277 -1.33 -15.17 24.85
CA ARG D 277 -2.00 -16.11 25.74
C ARG D 277 -2.33 -17.38 24.96
N GLY D 278 -1.85 -18.51 25.44
CA GLY D 278 -2.12 -19.77 24.75
C GLY D 278 -0.86 -20.37 24.16
N GLU D 279 0.19 -19.56 24.07
CA GLU D 279 1.46 -20.03 23.52
C GLU D 279 2.51 -20.14 24.61
N GLU D 280 3.35 -19.11 24.74
CA GLU D 280 4.41 -19.13 25.74
C GLU D 280 3.89 -19.08 27.17
N ILE D 281 2.67 -18.56 27.35
CA ILE D 281 2.04 -18.48 28.67
C ILE D 281 0.52 -18.60 28.56
N THR D 282 -0.11 -18.98 29.67
CA THR D 282 -1.56 -19.13 29.73
C THR D 282 -2.17 -17.93 30.44
N ASP D 283 -3.41 -17.62 30.07
CA ASP D 283 -4.11 -16.50 30.70
C ASP D 283 -4.14 -16.70 32.21
N GLU D 284 -4.36 -17.95 32.65
CA GLU D 284 -4.42 -18.30 34.07
C GLU D 284 -3.24 -17.77 34.87
N VAL D 285 -2.04 -18.07 34.40
CA VAL D 285 -0.81 -17.64 35.05
C VAL D 285 -0.56 -16.14 34.88
N MET D 286 -0.80 -15.63 33.67
CA MET D 286 -0.58 -14.21 33.40
C MET D 286 -1.42 -13.33 34.32
N GLU D 287 -2.67 -13.71 34.49
CA GLU D 287 -3.60 -12.96 35.34
C GLU D 287 -3.60 -13.58 36.74
N GLY D 288 -2.72 -14.55 36.94
CA GLY D 288 -2.62 -15.23 38.22
C GLY D 288 -1.90 -14.43 39.29
N PRO D 289 -1.98 -14.87 40.55
CA PRO D 289 -1.33 -14.21 41.69
C PRO D 289 0.19 -14.31 41.72
N ARG D 290 0.75 -15.05 40.78
CA ARG D 290 2.20 -15.21 40.75
C ARG D 290 2.83 -14.25 39.73
N SER D 291 1.98 -13.71 38.87
CA SER D 291 2.42 -12.78 37.82
C SER D 291 2.91 -11.44 38.39
N ARG D 292 4.02 -10.95 37.85
CA ARG D 292 4.59 -9.66 38.25
C ARG D 292 4.85 -8.87 36.97
N ILE D 293 4.13 -9.27 35.92
CA ILE D 293 4.25 -8.66 34.59
C ILE D 293 4.02 -7.15 34.55
N TRP D 294 2.93 -6.70 35.16
CA TRP D 294 2.63 -5.28 35.15
C TRP D 294 3.65 -4.45 35.94
N ASP D 295 4.11 -4.94 37.09
CA ASP D 295 5.11 -4.20 37.86
C ASP D 295 6.40 -4.19 37.06
N GLU D 296 6.66 -5.31 36.40
CA GLU D 296 7.84 -5.47 35.57
C GLU D 296 7.79 -4.41 34.47
N ALA D 297 6.62 -4.24 33.85
CA ALA D 297 6.45 -3.25 32.78
C ALA D 297 6.68 -1.84 33.29
N GLU D 298 6.16 -1.54 34.49
CA GLU D 298 6.33 -0.23 35.08
C GLU D 298 7.80 0.07 35.37
N ASN D 299 8.54 -0.93 35.80
CA ASN D 299 9.94 -0.73 36.13
C ASN D 299 10.82 -0.37 34.95
N ARG D 300 10.25 -0.43 33.74
CA ARG D 300 10.97 -0.04 32.54
C ARG D 300 11.18 1.47 32.68
N LEU D 301 10.13 2.13 33.17
CA LEU D 301 10.17 3.56 33.37
C LEU D 301 11.26 3.93 34.38
N HIS D 302 11.26 3.28 35.53
CA HIS D 302 12.24 3.57 36.57
C HIS D 302 13.64 3.16 36.15
N ALA D 303 13.76 2.00 35.52
CA ALA D 303 15.05 1.51 35.06
C ALA D 303 15.68 2.52 34.10
N GLN D 304 14.90 2.93 33.10
CA GLN D 304 15.39 3.87 32.11
C GLN D 304 15.69 5.25 32.68
N LYS D 305 14.92 5.69 33.67
CA LYS D 305 15.21 6.99 34.27
C LYS D 305 16.64 6.93 34.81
N ALA D 306 16.98 5.81 35.43
CA ALA D 306 18.31 5.61 36.00
C ALA D 306 19.39 5.61 34.92
N VAL D 307 19.13 4.97 33.78
CA VAL D 307 20.12 4.93 32.70
C VAL D 307 20.29 6.33 32.11
N LEU D 308 19.21 7.07 31.94
CA LEU D 308 19.30 8.42 31.39
C LEU D 308 20.04 9.37 32.33
N ALA D 309 19.74 9.28 33.62
CA ALA D 309 20.38 10.16 34.59
C ALA D 309 21.88 9.83 34.67
N ALA D 310 22.20 8.55 34.68
CA ALA D 310 23.58 8.10 34.75
C ALA D 310 24.45 8.52 33.57
N LEU D 311 23.93 8.42 32.35
CA LEU D 311 24.71 8.75 31.17
C LEU D 311 24.60 10.20 30.67
N MET D 312 23.56 10.91 31.08
CA MET D 312 23.35 12.27 30.63
C MET D 312 23.47 13.25 31.80
N GLY D 313 23.45 12.70 33.01
CA GLY D 313 23.50 13.49 34.22
C GLY D 313 24.59 14.55 34.23
N THR E 10 14.50 47.90 14.57
CA THR E 10 14.04 47.22 13.32
C THR E 10 12.76 46.43 13.60
N ARG E 11 11.84 46.45 12.63
CA ARG E 11 10.57 45.74 12.72
C ARG E 11 10.49 44.73 11.57
N PHE E 12 9.89 43.57 11.84
CA PHE E 12 9.79 42.55 10.81
C PHE E 12 8.38 42.39 10.25
N ARG E 13 8.29 41.87 9.03
CA ARG E 13 7.00 41.60 8.45
C ARG E 13 6.49 40.47 9.35
N PRO E 14 5.17 40.23 9.37
CA PRO E 14 4.67 39.16 10.23
C PRO E 14 5.11 37.75 9.87
N ASP E 15 5.51 37.55 8.62
CA ASP E 15 5.93 36.22 8.20
C ASP E 15 7.28 36.18 7.50
N LEU E 16 7.76 34.97 7.27
CA LEU E 16 9.01 34.75 6.55
C LEU E 16 8.74 33.62 5.56
N LEU E 17 8.17 33.98 4.40
CA LEU E 17 7.83 33.02 3.35
C LEU E 17 8.94 32.95 2.31
N SER E 18 9.56 34.10 2.09
CA SER E 18 10.65 34.26 1.13
C SER E 18 11.75 35.06 1.82
N LEU E 19 13.00 34.79 1.46
CA LEU E 19 14.08 35.55 2.07
C LEU E 19 13.90 37.01 1.68
N ASP E 20 13.13 37.25 0.63
CA ASP E 20 12.90 38.62 0.19
C ASP E 20 11.90 39.31 1.10
N ASP E 21 11.43 38.62 2.13
CA ASP E 21 10.52 39.23 3.10
C ASP E 21 11.32 40.15 4.03
N LEU E 22 12.64 39.99 4.00
CA LEU E 22 13.54 40.80 4.82
C LEU E 22 14.34 41.72 3.92
N ASP E 23 14.41 43.00 4.26
CA ASP E 23 15.21 43.91 3.46
C ASP E 23 16.62 43.83 4.02
N GLU E 24 17.52 44.71 3.59
CA GLU E 24 18.89 44.65 4.06
C GLU E 24 19.00 44.81 5.57
N ALA E 25 18.24 45.73 6.13
CA ALA E 25 18.28 45.98 7.56
C ALA E 25 17.72 44.81 8.38
N GLN E 26 16.61 44.25 7.91
CA GLN E 26 15.96 43.14 8.61
C GLN E 26 16.81 41.89 8.62
N LEU E 27 17.40 41.54 7.48
CA LEU E 27 18.25 40.36 7.44
C LEU E 27 19.44 40.51 8.38
N HIS E 28 20.02 41.72 8.44
CA HIS E 28 21.17 41.94 9.31
C HIS E 28 20.78 41.91 10.77
N ALA E 29 19.60 42.43 11.07
CA ALA E 29 19.09 42.44 12.43
C ALA E 29 18.89 40.99 12.88
N LEU E 30 18.34 40.18 11.98
CA LEU E 30 18.08 38.78 12.26
C LEU E 30 19.38 38.01 12.51
N LEU E 31 20.40 38.26 11.69
CA LEU E 31 21.70 37.59 11.83
C LEU E 31 22.38 37.99 13.12
N THR E 32 22.25 39.26 13.48
CA THR E 32 22.84 39.77 14.71
C THR E 32 22.12 39.12 15.89
N LEU E 33 20.80 39.03 15.83
CA LEU E 33 20.05 38.42 16.91
C LEU E 33 20.48 36.97 17.10
N ALA E 34 20.69 36.26 15.99
CA ALA E 34 21.09 34.86 16.01
C ALA E 34 22.48 34.69 16.64
N HIS E 35 23.37 35.62 16.36
CA HIS E 35 24.72 35.59 16.91
C HIS E 35 24.69 35.78 18.44
N GLN E 36 23.95 36.78 18.89
CA GLN E 36 23.83 37.06 20.32
C GLN E 36 23.15 35.92 21.07
N LEU E 37 22.11 35.36 20.48
CA LEU E 37 21.40 34.25 21.10
C LEU E 37 22.33 33.07 21.24
N LYS E 38 23.14 32.86 20.21
CA LYS E 38 24.08 31.74 20.22
C LYS E 38 25.17 31.92 21.27
N ARG E 39 25.63 33.14 21.47
CA ARG E 39 26.68 33.40 22.45
C ARG E 39 26.07 33.61 23.83
N GLY E 40 24.76 33.84 23.87
CA GLY E 40 24.11 34.07 25.13
C GLY E 40 24.26 35.55 25.46
N GLU E 41 24.85 36.29 24.53
CA GLU E 41 25.03 37.73 24.71
C GLU E 41 23.68 38.36 24.95
N ARG E 42 22.63 37.64 24.57
CA ARG E 42 21.27 38.12 24.72
C ARG E 42 20.39 36.90 25.05
N VAL E 43 19.15 37.15 25.42
CA VAL E 43 18.23 36.08 25.77
C VAL E 43 16.81 36.39 25.31
N ALA E 44 16.10 35.36 24.90
CA ALA E 44 14.72 35.49 24.43
C ALA E 44 13.88 34.43 25.14
N ASN E 45 12.56 34.63 25.14
CA ASN E 45 11.68 33.68 25.81
C ASN E 45 10.30 33.63 25.17
N LEU E 46 9.85 32.41 24.88
CA LEU E 46 8.54 32.20 24.27
C LEU E 46 7.73 31.26 25.15
N HIS E 47 7.98 31.31 26.44
CA HIS E 47 7.27 30.48 27.39
C HIS E 47 5.77 30.70 27.21
N GLY E 48 5.00 29.62 27.26
CA GLY E 48 3.57 29.73 27.10
C GLY E 48 3.15 29.70 25.64
N LYS E 49 4.13 29.67 24.74
CA LYS E 49 3.83 29.66 23.31
C LYS E 49 4.03 28.27 22.72
N VAL E 50 3.31 28.00 21.63
CA VAL E 50 3.38 26.71 20.97
C VAL E 50 3.62 26.90 19.48
N LEU E 51 4.56 26.14 18.94
CA LEU E 51 4.89 26.22 17.52
C LEU E 51 4.28 25.00 16.84
N GLY E 52 3.48 25.24 15.81
CA GLY E 52 2.89 24.13 15.08
C GLY E 52 3.78 23.83 13.89
N LEU E 53 4.12 22.56 13.68
CA LEU E 53 4.95 22.17 12.55
C LEU E 53 4.07 21.47 11.54
N VAL E 54 3.74 22.14 10.44
CA VAL E 54 2.90 21.54 9.43
C VAL E 54 3.73 21.23 8.18
N PHE E 55 4.22 19.99 8.13
CA PHE E 55 5.05 19.55 7.02
C PHE E 55 4.32 18.56 6.12
N LEU E 56 3.89 19.04 4.95
CA LEU E 56 3.19 18.19 4.00
C LEU E 56 4.13 17.06 3.59
N LYS E 57 5.42 17.38 3.56
CA LYS E 57 6.45 16.42 3.22
C LYS E 57 7.31 16.23 4.46
N ALA E 58 7.40 15.00 4.95
CA ALA E 58 8.19 14.74 6.15
C ALA E 58 9.65 15.14 6.01
N SER E 59 10.24 15.56 7.12
CA SER E 59 11.63 15.96 7.15
C SER E 59 12.10 16.04 8.60
N THR E 60 12.78 14.99 9.04
CA THR E 60 13.29 14.89 10.40
C THR E 60 14.34 15.96 10.68
N ARG E 61 15.21 16.20 9.70
CA ARG E 61 16.28 17.19 9.84
C ARG E 61 15.71 18.57 10.14
N THR E 62 14.67 18.94 9.40
CA THR E 62 14.04 20.23 9.59
C THR E 62 13.18 20.23 10.85
N ARG E 63 12.52 19.11 11.12
CA ARG E 63 11.68 19.01 12.29
C ARG E 63 12.51 19.16 13.56
N VAL E 64 13.57 18.37 13.68
CA VAL E 64 14.41 18.43 14.88
C VAL E 64 15.00 19.81 15.15
N SER E 65 15.54 20.48 14.13
CA SER E 65 16.14 21.79 14.37
C SER E 65 15.11 22.84 14.79
N PHE E 66 13.89 22.76 14.26
CA PHE E 66 12.88 23.72 14.65
C PHE E 66 12.39 23.39 16.07
N THR E 67 12.16 22.11 16.35
CA THR E 67 11.66 21.72 17.67
C THR E 67 12.66 22.03 18.79
N VAL E 68 13.94 21.71 18.60
CA VAL E 68 14.91 22.03 19.64
C VAL E 68 15.03 23.56 19.76
N ALA E 69 14.92 24.26 18.65
CA ALA E 69 15.00 25.73 18.66
C ALA E 69 13.92 26.33 19.55
N MET E 70 12.70 25.82 19.44
CA MET E 70 11.60 26.33 20.25
C MET E 70 11.79 25.91 21.72
N TYR E 71 12.28 24.69 21.93
CA TYR E 71 12.50 24.22 23.30
C TYR E 71 13.51 25.10 24.04
N GLN E 72 14.58 25.50 23.37
CA GLN E 72 15.59 26.33 24.01
C GLN E 72 15.06 27.74 24.27
N LEU E 73 13.94 28.07 23.65
CA LEU E 73 13.32 29.38 23.86
C LEU E 73 12.23 29.25 24.92
N GLY E 74 12.07 28.04 25.46
CA GLY E 74 11.06 27.79 26.47
C GLY E 74 9.65 27.57 25.92
N GLY E 75 9.52 27.35 24.61
CA GLY E 75 8.20 27.14 24.07
C GLY E 75 7.90 25.67 23.83
N GLN E 76 6.70 25.36 23.38
CA GLN E 76 6.34 23.97 23.10
C GLN E 76 6.16 23.77 21.59
N VAL E 77 6.09 22.51 21.17
CA VAL E 77 5.97 22.19 19.75
C VAL E 77 4.97 21.07 19.46
N ILE E 78 4.31 21.16 18.31
CA ILE E 78 3.35 20.14 17.88
C ILE E 78 3.55 19.81 16.41
N ASP E 79 3.77 18.54 16.12
CA ASP E 79 3.98 18.09 14.76
C ASP E 79 2.63 17.85 14.07
N LEU E 80 2.41 18.49 12.93
CA LEU E 80 1.17 18.33 12.18
C LEU E 80 1.43 17.94 10.73
N GLU E 91 -9.67 19.09 3.28
CA GLU E 91 -10.18 20.33 3.87
C GLU E 91 -9.46 21.52 3.26
N PRO E 92 -10.19 22.62 3.00
CA PRO E 92 -9.53 23.79 2.42
C PRO E 92 -8.58 24.44 3.43
N VAL E 93 -7.37 24.78 2.98
CA VAL E 93 -6.35 25.39 3.83
C VAL E 93 -6.83 26.60 4.61
N ARG E 94 -7.74 27.39 4.05
CA ARG E 94 -8.22 28.57 4.76
C ARG E 94 -8.98 28.15 6.01
N ASP E 95 -9.53 26.94 6.00
CA ASP E 95 -10.27 26.41 7.15
C ASP E 95 -9.33 25.87 8.20
N THR E 96 -8.35 25.10 7.76
CA THR E 96 -7.39 24.52 8.67
C THR E 96 -6.43 25.55 9.24
N ALA E 97 -6.19 26.62 8.49
CA ALA E 97 -5.28 27.68 8.93
C ALA E 97 -5.92 28.54 10.02
N ARG E 98 -7.19 28.89 9.81
CA ARG E 98 -7.92 29.70 10.78
C ARG E 98 -8.17 28.94 12.08
N VAL E 99 -8.40 27.63 11.99
CA VAL E 99 -8.62 26.86 13.21
C VAL E 99 -7.27 26.76 13.92
N LEU E 100 -6.22 26.41 13.18
CA LEU E 100 -4.88 26.30 13.75
C LEU E 100 -4.51 27.62 14.43
N GLY E 101 -4.86 28.72 13.76
CA GLY E 101 -4.55 30.03 14.30
C GLY E 101 -5.24 30.32 15.63
N ARG E 102 -6.15 29.43 16.02
CA ARG E 102 -6.87 29.59 17.29
C ARG E 102 -6.23 28.74 18.38
N TYR E 103 -5.35 27.82 18.00
CA TYR E 103 -4.72 26.95 18.98
C TYR E 103 -3.26 27.25 19.28
N VAL E 104 -2.46 27.42 18.24
CA VAL E 104 -1.02 27.68 18.41
C VAL E 104 -0.67 29.13 18.10
N ASP E 105 0.60 29.46 18.30
CA ASP E 105 1.10 30.83 18.12
C ASP E 105 2.03 31.04 16.94
N GLY E 106 2.23 30.00 16.12
CA GLY E 106 3.11 30.14 14.98
C GLY E 106 3.21 28.84 14.22
N LEU E 107 3.43 28.92 12.92
CA LEU E 107 3.52 27.74 12.08
C LEU E 107 4.79 27.72 11.24
N ALA E 108 5.48 26.58 11.26
CA ALA E 108 6.67 26.37 10.46
C ALA E 108 6.11 25.38 9.44
N ILE E 109 5.93 25.83 8.21
CA ILE E 109 5.35 24.96 7.23
C ILE E 109 6.17 24.59 6.00
N ARG E 110 6.06 23.32 5.62
CA ARG E 110 6.74 22.81 4.46
C ARG E 110 5.73 22.27 3.46
N THR E 111 5.63 22.97 2.33
CA THR E 111 4.72 22.60 1.25
C THR E 111 5.53 22.53 -0.03
N PHE E 112 4.88 22.16 -1.12
CA PHE E 112 5.56 22.08 -2.39
C PHE E 112 5.45 23.42 -3.11
N ALA E 113 4.24 23.96 -3.12
CA ALA E 113 3.98 25.23 -3.78
C ALA E 113 4.12 26.43 -2.86
N GLN E 114 4.82 27.45 -3.35
CA GLN E 114 5.01 28.68 -2.60
C GLN E 114 3.63 29.26 -2.38
N THR E 115 2.78 29.12 -3.39
CA THR E 115 1.42 29.64 -3.34
C THR E 115 0.63 29.03 -2.17
N GLU E 116 0.79 27.74 -1.92
CA GLU E 116 0.06 27.13 -0.81
C GLU E 116 0.56 27.71 0.51
N LEU E 117 1.86 27.95 0.60
CA LEU E 117 2.47 28.53 1.80
C LEU E 117 1.85 29.88 2.09
N GLU E 118 1.67 30.68 1.03
CA GLU E 118 1.10 32.02 1.18
C GLU E 118 -0.36 31.92 1.58
N GLU E 119 -1.00 30.84 1.15
CA GLU E 119 -2.40 30.57 1.47
C GLU E 119 -2.53 30.52 3.00
N TYR E 120 -1.67 29.72 3.63
CA TYR E 120 -1.70 29.58 5.07
C TYR E 120 -1.45 30.91 5.77
N ALA E 121 -0.42 31.63 5.32
CA ALA E 121 -0.06 32.90 5.92
C ALA E 121 -1.18 33.93 5.84
N HIS E 122 -1.98 33.84 4.78
CA HIS E 122 -3.08 34.77 4.61
C HIS E 122 -4.23 34.59 5.60
N TYR E 123 -4.54 33.35 5.96
CA TYR E 123 -5.67 33.08 6.87
C TYR E 123 -5.33 32.72 8.32
N ALA E 124 -4.15 32.16 8.55
CA ALA E 124 -3.74 31.74 9.88
C ALA E 124 -3.93 32.76 11.01
N GLY E 125 -3.56 34.02 10.76
CA GLY E 125 -3.70 35.02 11.81
C GLY E 125 -2.55 34.96 12.80
N ILE E 126 -1.58 34.11 12.50
CA ILE E 126 -0.39 33.97 13.33
C ILE E 126 0.79 33.86 12.38
N PRO E 127 1.99 34.23 12.84
CA PRO E 127 3.17 34.14 11.96
C PRO E 127 3.42 32.80 11.28
N VAL E 128 3.75 32.86 9.99
CA VAL E 128 4.05 31.68 9.21
C VAL E 128 5.50 31.75 8.72
N ILE E 129 6.21 30.63 8.84
CA ILE E 129 7.60 30.51 8.43
C ILE E 129 7.77 29.40 7.40
N ASN E 130 8.51 29.71 6.33
CA ASN E 130 8.77 28.74 5.28
C ASN E 130 9.81 27.73 5.77
N ALA E 131 9.38 26.53 6.08
CA ALA E 131 10.31 25.50 6.54
C ALA E 131 10.97 24.89 5.29
N LEU E 132 10.33 25.09 4.14
CA LEU E 132 10.82 24.58 2.87
C LEU E 132 9.71 24.49 1.82
N THR E 133 9.99 24.96 0.60
CA THR E 133 9.06 24.86 -0.52
C THR E 133 9.91 24.56 -1.75
N ASP E 134 9.27 24.24 -2.86
CA ASP E 134 10.02 23.95 -4.09
C ASP E 134 10.76 25.19 -4.56
N HIS E 135 10.21 26.35 -4.22
CA HIS E 135 10.75 27.63 -4.63
C HIS E 135 11.85 28.26 -3.77
N GLU E 136 11.78 28.09 -2.45
CA GLU E 136 12.78 28.68 -1.56
C GLU E 136 13.03 27.92 -0.25
N HIS E 137 14.13 28.30 0.41
CA HIS E 137 14.51 27.69 1.69
C HIS E 137 15.26 28.78 2.45
N PRO E 138 14.54 29.85 2.87
CA PRO E 138 15.15 30.96 3.59
C PRO E 138 15.87 30.65 4.89
N CYS E 139 15.34 29.71 5.68
CA CYS E 139 15.98 29.37 6.96
C CYS E 139 17.34 28.70 6.77
N GLN E 140 17.48 27.93 5.69
CA GLN E 140 18.75 27.27 5.45
C GLN E 140 19.83 28.34 5.23
N VAL E 141 19.48 29.34 4.42
CA VAL E 141 20.39 30.42 4.09
C VAL E 141 20.76 31.30 5.27
N VAL E 142 19.78 31.60 6.13
CA VAL E 142 20.10 32.41 7.31
C VAL E 142 21.18 31.64 8.08
N ALA E 143 21.04 30.33 8.16
CA ALA E 143 22.01 29.51 8.87
C ALA E 143 23.36 29.52 8.14
N ASP E 144 23.32 29.59 6.81
CA ASP E 144 24.54 29.62 6.01
C ASP E 144 25.28 30.93 6.20
N LEU E 145 24.53 32.03 6.20
CA LEU E 145 25.10 33.36 6.38
C LEU E 145 25.76 33.46 7.77
N LEU E 146 25.15 32.82 8.76
CA LEU E 146 25.71 32.81 10.10
C LEU E 146 27.04 32.04 10.05
N THR E 147 27.03 30.91 9.37
CA THR E 147 28.22 30.10 9.27
C THR E 147 29.35 30.82 8.55
N ILE E 148 29.04 31.48 7.45
CA ILE E 148 30.05 32.22 6.70
C ILE E 148 30.65 33.30 7.61
N ARG E 149 29.79 34.06 8.29
CA ARG E 149 30.26 35.10 9.19
C ARG E 149 31.22 34.54 10.26
N GLU E 150 30.93 33.34 10.75
CA GLU E 150 31.78 32.73 11.77
C GLU E 150 33.13 32.26 11.21
N ASN E 151 33.26 32.25 9.89
CA ASN E 151 34.52 31.85 9.25
C ASN E 151 35.27 32.99 8.57
N PHE E 152 34.63 34.15 8.39
CA PHE E 152 35.28 35.27 7.72
C PHE E 152 35.17 36.62 8.44
N GLY E 153 34.38 36.65 9.50
CA GLY E 153 34.21 37.87 10.26
C GLY E 153 33.57 38.99 9.48
N ARG E 154 32.95 38.65 8.36
CA ARG E 154 32.25 39.63 7.51
C ARG E 154 31.45 38.90 6.45
N LEU E 155 30.58 39.63 5.76
CA LEU E 155 29.77 39.06 4.70
C LEU E 155 29.99 39.83 3.40
N ALA E 156 29.89 41.16 3.49
CA ALA E 156 30.06 42.01 2.32
C ALA E 156 31.43 41.90 1.69
N GLY E 157 31.47 41.81 0.36
CA GLY E 157 32.74 41.70 -0.33
C GLY E 157 33.19 40.28 -0.62
N LEU E 158 32.64 39.30 0.11
CA LEU E 158 33.03 37.92 -0.15
C LEU E 158 32.38 37.44 -1.45
N LYS E 159 32.86 36.30 -1.95
CA LYS E 159 32.30 35.71 -3.16
C LYS E 159 31.88 34.27 -2.90
N LEU E 160 30.62 33.96 -3.23
CA LEU E 160 30.09 32.62 -3.05
C LEU E 160 29.75 31.95 -4.37
N ALA E 161 30.19 30.72 -4.56
CA ALA E 161 29.88 30.00 -5.78
C ALA E 161 29.00 28.80 -5.47
N TYR E 162 27.83 28.78 -6.11
CA TYR E 162 26.92 27.64 -5.96
C TYR E 162 27.06 26.84 -7.25
N VAL E 163 27.28 25.53 -7.12
CA VAL E 163 27.40 24.69 -8.30
C VAL E 163 26.40 23.54 -8.24
N GLY E 164 25.72 23.30 -9.36
CA GLY E 164 24.73 22.23 -9.42
C GLY E 164 23.38 22.63 -9.99
N ASP E 165 22.32 22.26 -9.28
CA ASP E 165 20.94 22.55 -9.68
C ASP E 165 20.45 23.86 -9.06
N GLY E 166 19.94 24.75 -9.91
CA GLY E 166 19.42 26.04 -9.45
C GLY E 166 18.06 25.82 -8.84
N ASN E 167 18.08 25.36 -7.58
CA ASN E 167 16.88 25.02 -6.82
C ASN E 167 16.45 26.04 -5.77
N ASN E 168 15.66 25.56 -4.83
CA ASN E 168 15.15 26.38 -3.76
C ASN E 168 16.25 27.03 -2.92
N VAL E 169 17.29 26.28 -2.57
CA VAL E 169 18.35 26.90 -1.77
C VAL E 169 19.09 27.95 -2.60
N ALA E 170 19.37 27.62 -3.87
CA ALA E 170 20.07 28.56 -4.75
C ALA E 170 19.29 29.87 -4.83
N HIS E 171 17.96 29.78 -4.83
CA HIS E 171 17.13 30.97 -4.89
C HIS E 171 17.31 31.83 -3.66
N SER E 172 17.24 31.21 -2.49
CA SER E 172 17.40 31.93 -1.23
C SER E 172 18.82 32.45 -1.08
N LEU E 173 19.78 31.76 -1.70
CA LEU E 173 21.17 32.22 -1.63
C LEU E 173 21.35 33.47 -2.49
N LEU E 174 20.72 33.48 -3.66
CA LEU E 174 20.81 34.62 -4.56
C LEU E 174 20.35 35.85 -3.82
N LEU E 175 19.15 35.77 -3.24
CA LEU E 175 18.55 36.87 -2.48
C LEU E 175 19.35 37.24 -1.23
N GLY E 176 19.68 36.23 -0.44
CA GLY E 176 20.44 36.44 0.78
C GLY E 176 21.79 37.09 0.55
N CYS E 177 22.59 36.52 -0.34
CA CYS E 177 23.91 37.08 -0.63
C CYS E 177 23.78 38.52 -1.09
N ALA E 178 22.90 38.75 -2.07
CA ALA E 178 22.68 40.08 -2.61
C ALA E 178 22.39 41.08 -1.49
N LYS E 179 21.53 40.71 -0.56
CA LYS E 179 21.19 41.62 0.54
C LYS E 179 22.33 41.92 1.50
N VAL E 180 23.27 41.00 1.68
CA VAL E 180 24.38 41.27 2.60
C VAL E 180 25.66 41.73 1.91
N GLY E 181 25.55 42.11 0.63
CA GLY E 181 26.71 42.58 -0.10
C GLY E 181 27.69 41.50 -0.55
N MET E 182 27.27 40.25 -0.50
CA MET E 182 28.14 39.15 -0.90
C MET E 182 27.93 38.88 -2.39
N SER E 183 29.02 38.80 -3.17
CA SER E 183 28.86 38.48 -4.58
C SER E 183 28.59 36.99 -4.69
N ILE E 184 27.76 36.60 -5.66
CA ILE E 184 27.44 35.20 -5.84
C ILE E 184 27.45 34.80 -7.30
N ALA E 185 28.00 33.63 -7.56
CA ALA E 185 28.05 33.06 -8.89
C ALA E 185 27.41 31.68 -8.82
N VAL E 186 26.32 31.50 -9.55
CA VAL E 186 25.63 30.22 -9.57
C VAL E 186 25.89 29.54 -10.91
N ALA E 187 26.50 28.36 -10.86
CA ALA E 187 26.79 27.60 -12.07
C ALA E 187 25.93 26.35 -12.16
N THR E 188 25.15 26.25 -13.23
CA THR E 188 24.27 25.10 -13.42
C THR E 188 24.24 24.63 -14.87
N PRO E 189 23.65 23.44 -15.11
CA PRO E 189 23.58 22.91 -16.48
C PRO E 189 22.55 23.76 -17.23
N GLU E 190 22.63 23.75 -18.55
CA GLU E 190 21.75 24.53 -19.41
C GLU E 190 20.29 24.74 -18.98
N GLY E 191 19.57 23.65 -18.77
CA GLY E 191 18.17 23.81 -18.38
C GLY E 191 17.87 23.70 -16.90
N PHE E 192 18.90 23.88 -16.06
CA PHE E 192 18.70 23.78 -14.62
C PHE E 192 19.07 25.07 -13.92
N THR E 193 18.95 26.17 -14.65
CA THR E 193 19.27 27.48 -14.13
C THR E 193 18.19 27.88 -13.12
N PRO E 194 18.51 28.82 -12.22
CA PRO E 194 17.52 29.25 -11.24
C PRO E 194 16.46 30.12 -11.91
N ASP E 195 15.34 30.31 -11.23
CA ASP E 195 14.25 31.11 -11.75
C ASP E 195 14.79 32.48 -12.17
N PRO E 196 14.61 32.84 -13.46
CA PRO E 196 15.09 34.13 -13.99
C PRO E 196 14.60 35.32 -13.18
N ALA E 197 13.38 35.22 -12.67
CA ALA E 197 12.80 36.29 -11.88
C ALA E 197 13.53 36.48 -10.56
N VAL E 198 13.98 35.39 -9.94
CA VAL E 198 14.70 35.53 -8.67
C VAL E 198 16.10 36.07 -8.95
N SER E 199 16.67 35.66 -10.07
CA SER E 199 18.00 36.11 -10.47
C SER E 199 17.98 37.62 -10.72
N ALA E 200 16.94 38.09 -11.38
CA ALA E 200 16.80 39.50 -11.69
C ALA E 200 16.60 40.33 -10.43
N ARG E 201 15.81 39.81 -9.50
CA ARG E 201 15.54 40.49 -8.24
C ARG E 201 16.80 40.57 -7.38
N ALA E 202 17.61 39.52 -7.43
CA ALA E 202 18.85 39.48 -6.68
C ALA E 202 19.80 40.52 -7.26
N SER E 203 19.90 40.55 -8.58
CA SER E 203 20.78 41.51 -9.25
C SER E 203 20.37 42.95 -8.92
N GLU E 204 19.07 43.18 -8.84
CA GLU E 204 18.54 44.49 -8.51
C GLU E 204 18.94 44.90 -7.09
N ILE E 205 19.04 43.92 -6.20
CA ILE E 205 19.41 44.19 -4.81
C ILE E 205 20.92 44.41 -4.73
N ALA E 206 21.66 43.55 -5.41
CA ALA E 206 23.11 43.62 -5.43
C ALA E 206 23.57 44.97 -5.98
N GLY E 207 22.83 45.51 -6.95
CA GLY E 207 23.18 46.77 -7.54
C GLY E 207 23.31 47.90 -6.53
N ARG E 208 22.62 47.77 -5.41
CA ARG E 208 22.67 48.80 -4.37
C ARG E 208 23.54 48.40 -3.18
N THR E 209 24.01 47.15 -3.18
CA THR E 209 24.83 46.66 -2.08
C THR E 209 26.29 46.48 -2.51
N GLY E 210 26.57 46.77 -3.77
CA GLY E 210 27.92 46.62 -4.28
C GLY E 210 28.32 45.18 -4.51
N ALA E 211 27.34 44.29 -4.58
CA ALA E 211 27.62 42.88 -4.81
C ALA E 211 27.42 42.53 -6.28
N GLU E 212 28.05 41.44 -6.71
CA GLU E 212 27.93 41.00 -8.08
C GLU E 212 27.14 39.69 -8.15
N VAL E 213 26.20 39.63 -9.10
CA VAL E 213 25.40 38.42 -9.29
C VAL E 213 25.66 37.86 -10.68
N GLN E 214 26.13 36.62 -10.72
CA GLN E 214 26.41 35.94 -11.98
C GLN E 214 25.72 34.59 -12.09
N ILE E 215 24.95 34.39 -13.14
CA ILE E 215 24.29 33.11 -13.39
C ILE E 215 25.08 32.53 -14.56
N LEU E 216 25.92 31.55 -14.26
CA LEU E 216 26.81 30.93 -15.24
C LEU E 216 26.61 29.44 -15.51
N ARG E 217 27.40 28.94 -16.45
CA ARG E 217 27.36 27.55 -16.85
C ARG E 217 28.65 26.85 -16.41
N ASP E 218 29.76 27.59 -16.44
CA ASP E 218 31.06 27.02 -16.06
C ASP E 218 31.34 27.09 -14.57
N PRO E 219 31.38 25.93 -13.89
CA PRO E 219 31.64 25.83 -12.45
C PRO E 219 33.01 26.34 -12.03
N PHE E 220 34.03 26.04 -12.83
CA PHE E 220 35.38 26.48 -12.51
C PHE E 220 35.48 27.99 -12.61
N GLU E 221 34.67 28.59 -13.47
CA GLU E 221 34.65 30.03 -13.62
C GLU E 221 34.05 30.62 -12.35
N ALA E 222 32.92 30.05 -11.93
CA ALA E 222 32.23 30.49 -10.73
C ALA E 222 33.08 30.31 -9.47
N ALA E 223 33.81 29.19 -9.39
CA ALA E 223 34.65 28.89 -8.23
C ALA E 223 35.94 29.71 -8.15
N ARG E 224 36.35 30.29 -9.26
CA ARG E 224 37.58 31.06 -9.30
C ARG E 224 37.61 32.12 -8.19
N GLY E 225 38.53 31.96 -7.24
CA GLY E 225 38.65 32.91 -6.15
C GLY E 225 37.47 33.01 -5.19
N ALA E 226 36.58 32.03 -5.22
CA ALA E 226 35.41 32.05 -4.33
C ALA E 226 35.85 31.80 -2.89
N HIS E 227 35.16 32.43 -1.95
CA HIS E 227 35.48 32.26 -0.54
C HIS E 227 34.64 31.11 0.00
N ILE E 228 33.56 30.81 -0.72
CA ILE E 228 32.68 29.72 -0.34
C ILE E 228 32.28 28.90 -1.57
N LEU E 229 32.33 27.58 -1.43
CA LEU E 229 31.88 26.68 -2.50
C LEU E 229 30.67 25.97 -1.91
N TYR E 230 29.53 26.14 -2.56
CA TYR E 230 28.26 25.59 -2.09
C TYR E 230 27.57 24.71 -3.14
N THR E 231 27.07 23.56 -2.71
CA THR E 231 26.36 22.68 -3.62
C THR E 231 25.22 21.99 -2.89
N ASP E 232 24.40 21.27 -3.64
CA ASP E 232 23.23 20.58 -3.08
C ASP E 232 23.01 19.34 -3.94
N VAL E 233 22.09 18.48 -3.50
CA VAL E 233 21.79 17.27 -4.24
C VAL E 233 21.27 17.63 -5.62
N TRP E 234 21.55 16.78 -6.59
CA TRP E 234 21.09 17.00 -7.96
C TRP E 234 19.60 16.65 -8.09
N THR E 235 18.95 17.30 -9.04
CA THR E 235 17.53 17.08 -9.30
C THR E 235 17.17 15.58 -9.35
N HIS E 245 21.40 9.98 -18.30
CA HIS E 245 21.47 11.39 -18.70
C HIS E 245 21.79 12.28 -17.51
N ARG E 246 21.20 11.96 -16.36
CA ARG E 246 21.40 12.71 -15.14
C ARG E 246 22.90 12.87 -14.84
N LEU E 247 23.63 11.77 -14.91
CA LEU E 247 25.07 11.79 -14.66
C LEU E 247 25.76 12.63 -15.74
N GLN E 248 25.46 12.32 -16.99
CA GLN E 248 26.04 13.05 -18.13
C GLN E 248 25.31 14.38 -18.27
N LEU E 249 25.35 15.19 -17.22
CA LEU E 249 24.67 16.48 -17.23
C LEU E 249 25.00 17.30 -15.98
N PHE E 250 25.48 16.64 -14.94
CA PHE E 250 25.83 17.32 -13.69
C PHE E 250 27.25 17.03 -13.25
N GLU E 251 27.77 15.89 -13.68
CA GLU E 251 29.11 15.44 -13.32
C GLU E 251 30.16 16.54 -13.19
N GLN E 252 30.09 17.54 -14.06
CA GLN E 252 31.07 18.64 -14.07
C GLN E 252 30.92 19.64 -12.92
N TYR E 253 29.74 19.67 -12.30
CA TYR E 253 29.46 20.61 -11.22
C TYR E 253 29.81 20.07 -9.83
N GLN E 254 30.49 18.94 -9.80
CA GLN E 254 30.89 18.32 -8.55
C GLN E 254 31.98 19.10 -7.83
N ILE E 255 31.79 19.37 -6.54
CA ILE E 255 32.82 20.08 -5.79
C ILE E 255 33.78 19.01 -5.27
N ASN E 256 34.97 19.00 -5.86
CA ASN E 256 36.02 18.05 -5.54
C ASN E 256 37.33 18.81 -5.32
N ALA E 257 38.43 18.08 -5.20
CA ALA E 257 39.73 18.71 -5.00
C ALA E 257 40.00 19.74 -6.11
N ALA E 258 39.87 19.32 -7.36
CA ALA E 258 40.12 20.21 -8.48
C ALA E 258 39.37 21.54 -8.36
N LEU E 259 38.08 21.49 -8.09
CA LEU E 259 37.29 22.71 -7.98
C LEU E 259 37.71 23.56 -6.77
N LEU E 260 38.04 22.88 -5.67
CA LEU E 260 38.45 23.55 -4.44
C LEU E 260 39.76 24.33 -4.69
N ASN E 261 40.63 23.76 -5.52
CA ASN E 261 41.90 24.40 -5.84
C ASN E 261 41.70 25.68 -6.64
N CYS E 262 40.51 25.85 -7.20
CA CYS E 262 40.19 27.05 -7.99
C CYS E 262 39.74 28.17 -7.07
N ALA E 263 39.35 27.80 -5.84
CA ALA E 263 38.86 28.77 -4.88
C ALA E 263 39.96 29.44 -4.07
N ALA E 264 39.60 30.51 -3.40
CA ALA E 264 40.55 31.25 -2.57
C ALA E 264 41.15 30.28 -1.56
N ALA E 265 42.34 30.62 -1.08
CA ALA E 265 43.04 29.78 -0.12
C ALA E 265 42.23 29.52 1.15
N GLU E 266 41.52 30.53 1.64
CA GLU E 266 40.71 30.40 2.86
C GLU E 266 39.29 29.91 2.60
N ALA E 267 39.05 29.43 1.38
CA ALA E 267 37.73 28.95 1.00
C ALA E 267 37.12 27.93 1.96
N ILE E 268 35.80 27.99 2.09
CA ILE E 268 35.06 27.07 2.94
C ILE E 268 34.07 26.29 2.06
N VAL E 269 33.72 25.08 2.48
CA VAL E 269 32.77 24.28 1.70
C VAL E 269 31.48 24.03 2.49
N LEU E 270 30.36 24.32 1.85
CA LEU E 270 29.05 24.14 2.45
C LEU E 270 28.16 23.23 1.61
N HIS E 271 27.23 22.57 2.28
CA HIS E 271 26.27 21.68 1.62
C HIS E 271 25.11 21.61 2.59
N CYS E 272 23.93 22.01 2.13
CA CYS E 272 22.74 22.01 2.98
C CYS E 272 22.30 20.65 3.51
N LEU E 273 22.79 19.57 2.88
CA LEU E 273 22.46 18.19 3.26
C LEU E 273 21.04 17.78 2.87
N PRO E 274 20.80 16.47 2.68
CA PRO E 274 21.76 15.35 2.76
C PRO E 274 22.71 15.32 1.56
N ALA E 275 23.84 14.63 1.71
CA ALA E 275 24.81 14.57 0.63
C ALA E 275 24.92 13.21 -0.04
N HIS E 276 25.29 13.24 -1.31
CA HIS E 276 25.48 12.02 -2.11
C HIS E 276 26.95 11.98 -2.52
N ARG E 277 27.79 11.41 -1.69
CA ARG E 277 29.21 11.32 -2.01
C ARG E 277 29.37 10.72 -3.39
N GLY E 278 30.29 11.26 -4.18
CA GLY E 278 30.49 10.74 -5.51
C GLY E 278 29.70 11.49 -6.55
N GLU E 279 28.65 12.21 -6.13
CA GLU E 279 27.86 12.97 -7.08
C GLU E 279 28.19 14.46 -6.99
N GLU E 280 27.38 15.24 -6.28
CA GLU E 280 27.62 16.68 -6.17
C GLU E 280 28.88 17.03 -5.38
N ILE E 281 29.39 16.06 -4.63
CA ILE E 281 30.61 16.27 -3.83
C ILE E 281 31.26 14.92 -3.54
N THR E 282 32.56 14.99 -3.23
CA THR E 282 33.32 13.79 -2.90
C THR E 282 33.52 13.69 -1.38
N ASP E 283 33.68 12.47 -0.91
CA ASP E 283 33.89 12.21 0.51
C ASP E 283 35.12 12.99 0.96
N GLU E 284 36.13 13.05 0.09
CA GLU E 284 37.37 13.75 0.38
C GLU E 284 37.18 15.20 0.84
N VAL E 285 36.45 15.97 0.05
CA VAL E 285 36.19 17.36 0.38
C VAL E 285 35.23 17.43 1.58
N MET E 286 34.14 16.68 1.49
CA MET E 286 33.14 16.66 2.55
C MET E 286 33.74 16.40 3.93
N GLU E 287 34.68 15.46 4.01
CA GLU E 287 35.32 15.11 5.28
C GLU E 287 36.65 15.85 5.47
N GLY E 288 37.06 16.62 4.46
CA GLY E 288 38.31 17.34 4.52
C GLY E 288 38.29 18.57 5.42
N PRO E 289 39.43 19.23 5.63
CA PRO E 289 39.60 20.43 6.47
C PRO E 289 38.92 21.71 6.02
N ARG E 290 38.41 21.74 4.79
CA ARG E 290 37.75 22.94 4.28
C ARG E 290 36.24 22.90 4.49
N SER E 291 35.74 21.73 4.87
CA SER E 291 34.32 21.53 5.12
C SER E 291 33.83 22.22 6.40
N ARG E 292 32.66 22.85 6.31
CA ARG E 292 32.03 23.51 7.47
C ARG E 292 30.57 23.02 7.49
N ILE E 293 30.34 21.88 6.84
CA ILE E 293 29.03 21.26 6.72
C ILE E 293 28.33 21.00 8.04
N TRP E 294 29.06 20.45 9.02
CA TRP E 294 28.46 20.17 10.32
C TRP E 294 28.16 21.45 11.12
N ASP E 295 29.02 22.47 11.04
CA ASP E 295 28.73 23.70 11.77
C ASP E 295 27.49 24.29 11.12
N GLU E 296 27.46 24.19 9.79
CA GLU E 296 26.33 24.70 9.00
C GLU E 296 25.01 24.07 9.46
N ALA E 297 25.00 22.75 9.63
CA ALA E 297 23.79 22.07 10.07
C ALA E 297 23.40 22.54 11.48
N GLU E 298 24.37 22.63 12.37
CA GLU E 298 24.07 23.08 13.73
C GLU E 298 23.45 24.48 13.68
N ASN E 299 23.96 25.33 12.78
CA ASN E 299 23.45 26.69 12.70
C ASN E 299 21.98 26.80 12.28
N ARG E 300 21.41 25.71 11.79
CA ARG E 300 19.99 25.73 11.42
C ARG E 300 19.25 25.99 12.73
N LEU E 301 19.76 25.42 13.81
CA LEU E 301 19.19 25.58 15.13
C LEU E 301 19.25 27.04 15.60
N HIS E 302 20.45 27.60 15.60
CA HIS E 302 20.63 28.99 16.03
C HIS E 302 19.94 29.96 15.08
N ALA E 303 19.93 29.65 13.79
CA ALA E 303 19.27 30.53 12.84
C ALA E 303 17.76 30.53 13.11
N GLN E 304 17.19 29.33 13.25
CA GLN E 304 15.75 29.25 13.49
C GLN E 304 15.33 29.83 14.83
N LYS E 305 16.22 29.81 15.83
CA LYS E 305 15.87 30.39 17.13
C LYS E 305 15.67 31.88 16.93
N ALA E 306 16.49 32.46 16.05
CA ALA E 306 16.44 33.88 15.74
C ALA E 306 15.12 34.26 15.06
N VAL E 307 14.67 33.48 14.09
CA VAL E 307 13.41 33.79 13.41
C VAL E 307 12.22 33.59 14.37
N LEU E 308 12.22 32.50 15.13
CA LEU E 308 11.12 32.24 16.06
C LEU E 308 10.97 33.40 17.05
N ALA E 309 12.09 33.86 17.60
CA ALA E 309 12.09 34.96 18.56
C ALA E 309 11.65 36.27 17.91
N ALA E 310 12.12 36.50 16.69
CA ALA E 310 11.80 37.72 15.95
C ALA E 310 10.34 37.82 15.50
N LEU E 311 9.73 36.69 15.12
CA LEU E 311 8.35 36.73 14.66
C LEU E 311 7.32 36.42 15.75
N MET E 312 7.72 35.65 16.75
CA MET E 312 6.82 35.27 17.82
C MET E 312 7.11 36.02 19.12
N GLY E 313 8.29 36.64 19.19
CA GLY E 313 8.69 37.37 20.38
C GLY E 313 7.68 38.40 20.86
N THR F 10 -18.35 19.47 43.99
CA THR F 10 -18.73 18.69 42.77
C THR F 10 -17.68 17.63 42.42
N ARG F 11 -18.05 16.37 42.63
CA ARG F 11 -17.17 15.25 42.34
C ARG F 11 -17.49 14.71 40.95
N PHE F 12 -16.45 14.37 40.20
CA PHE F 12 -16.63 13.85 38.84
C PHE F 12 -16.35 12.36 38.77
N ARG F 13 -17.06 11.69 37.87
CA ARG F 13 -16.83 10.28 37.64
C ARG F 13 -15.40 10.23 37.09
N PRO F 14 -14.74 9.07 37.19
CA PRO F 14 -13.37 8.91 36.70
C PRO F 14 -13.15 9.24 35.22
N ASP F 15 -14.10 8.88 34.37
CA ASP F 15 -13.98 9.11 32.94
C ASP F 15 -15.06 9.98 32.32
N LEU F 16 -14.88 10.25 31.04
CA LEU F 16 -15.81 11.02 30.23
C LEU F 16 -15.90 10.27 28.90
N LEU F 17 -16.60 9.15 28.93
CA LEU F 17 -16.77 8.30 27.74
C LEU F 17 -17.98 8.76 26.94
N SER F 18 -18.99 9.24 27.65
CA SER F 18 -20.23 9.75 27.08
C SER F 18 -20.58 11.02 27.84
N LEU F 19 -21.31 11.92 27.23
CA LEU F 19 -21.68 13.14 27.95
C LEU F 19 -22.58 12.78 29.13
N ASP F 20 -23.22 11.61 29.05
CA ASP F 20 -24.11 11.17 30.12
C ASP F 20 -23.32 10.77 31.38
N ASP F 21 -21.99 10.81 31.28
CA ASP F 21 -21.17 10.49 32.45
C ASP F 21 -21.18 11.73 33.37
N LEU F 22 -21.82 12.79 32.90
CA LEU F 22 -21.96 14.03 33.65
C LEU F 22 -23.45 14.28 33.92
N ASP F 23 -23.81 14.56 35.17
CA ASP F 23 -25.21 14.88 35.43
C ASP F 23 -25.29 16.39 35.27
N GLU F 24 -26.45 16.96 35.51
CA GLU F 24 -26.62 18.41 35.33
C GLU F 24 -25.61 19.21 36.14
N ALA F 25 -25.37 18.78 37.38
CA ALA F 25 -24.43 19.46 38.26
C ALA F 25 -23.01 19.42 37.72
N GLN F 26 -22.57 18.24 37.31
CA GLN F 26 -21.22 18.09 36.79
C GLN F 26 -21.01 18.86 35.50
N LEU F 27 -21.99 18.83 34.59
CA LEU F 27 -21.84 19.57 33.33
C LEU F 27 -21.72 21.06 33.60
N HIS F 28 -22.51 21.57 34.53
CA HIS F 28 -22.43 23.00 34.86
C HIS F 28 -21.12 23.37 35.53
N ALA F 29 -20.63 22.52 36.43
CA ALA F 29 -19.37 22.82 37.10
C ALA F 29 -18.27 22.84 36.04
N LEU F 30 -18.36 21.93 35.08
CA LEU F 30 -17.35 21.86 34.03
C LEU F 30 -17.35 23.12 33.14
N LEU F 31 -18.54 23.56 32.74
CA LEU F 31 -18.64 24.76 31.90
C LEU F 31 -18.17 25.98 32.68
N THR F 32 -18.46 26.01 33.97
CA THR F 32 -18.05 27.12 34.80
C THR F 32 -16.53 27.15 34.86
N LEU F 33 -15.93 25.99 35.12
CA LEU F 33 -14.46 25.90 35.18
C LEU F 33 -13.85 26.28 33.83
N ALA F 34 -14.51 25.88 32.74
CA ALA F 34 -14.02 26.20 31.40
C ALA F 34 -13.99 27.71 31.22
N HIS F 35 -15.07 28.37 31.62
CA HIS F 35 -15.17 29.82 31.52
C HIS F 35 -14.12 30.51 32.40
N GLN F 36 -14.01 30.08 33.65
CA GLN F 36 -13.04 30.65 34.58
C GLN F 36 -11.61 30.56 34.08
N LEU F 37 -11.26 29.40 33.55
CA LEU F 37 -9.91 29.18 33.03
C LEU F 37 -9.69 30.05 31.79
N LYS F 38 -10.69 30.13 30.93
CA LYS F 38 -10.59 30.91 29.70
C LYS F 38 -10.35 32.40 29.97
N ARG F 39 -11.03 32.93 30.97
CA ARG F 39 -10.90 34.34 31.30
C ARG F 39 -9.78 34.61 32.30
N GLY F 40 -9.03 33.57 32.64
CA GLY F 40 -7.96 33.73 33.60
C GLY F 40 -8.48 34.10 34.98
N GLU F 41 -9.78 33.96 35.18
CA GLU F 41 -10.39 34.25 36.48
C GLU F 41 -9.93 33.19 37.47
N ARG F 42 -9.47 32.07 36.95
CA ARG F 42 -9.00 30.97 37.78
C ARG F 42 -7.87 30.26 37.04
N VAL F 43 -6.97 29.65 37.79
CA VAL F 43 -5.87 28.91 37.19
C VAL F 43 -5.80 27.50 37.74
N ALA F 44 -5.30 26.59 36.90
CA ALA F 44 -5.17 25.19 37.26
C ALA F 44 -3.84 24.72 36.72
N ASN F 45 -3.36 23.61 37.26
CA ASN F 45 -2.07 23.08 36.83
C ASN F 45 -2.01 21.57 37.00
N LEU F 46 -1.44 20.91 36.01
CA LEU F 46 -1.28 19.46 36.03
C LEU F 46 0.20 19.18 35.83
N HIS F 47 1.03 20.02 36.43
CA HIS F 47 2.47 19.87 36.30
C HIS F 47 2.88 18.49 36.79
N GLY F 48 3.76 17.85 36.04
CA GLY F 48 4.21 16.53 36.42
C GLY F 48 3.36 15.41 35.85
N LYS F 49 2.21 15.75 35.26
CA LYS F 49 1.32 14.73 34.69
C LYS F 49 1.49 14.61 33.17
N VAL F 50 1.23 13.43 32.65
CA VAL F 50 1.36 13.19 31.21
C VAL F 50 0.05 12.68 30.62
N LEU F 51 -0.36 13.31 29.53
CA LEU F 51 -1.59 12.96 28.84
C LEU F 51 -1.22 12.05 27.67
N GLY F 52 -1.77 10.85 27.64
CA GLY F 52 -1.49 9.96 26.53
C GLY F 52 -2.60 10.10 25.50
N LEU F 53 -2.23 10.18 24.21
CA LEU F 53 -3.20 10.31 23.13
C LEU F 53 -3.15 9.05 22.28
N VAL F 54 -4.25 8.31 22.22
CA VAL F 54 -4.27 7.12 21.39
C VAL F 54 -5.42 7.25 20.42
N PHE F 55 -5.10 7.69 19.21
CA PHE F 55 -6.09 7.89 18.15
C PHE F 55 -6.01 6.81 17.07
N LEU F 56 -6.91 5.83 17.11
CA LEU F 56 -6.92 4.76 16.11
C LEU F 56 -7.21 5.35 14.75
N LYS F 57 -7.73 6.57 14.77
CA LYS F 57 -8.05 7.29 13.54
C LYS F 57 -7.46 8.69 13.68
N ALA F 58 -6.62 9.07 12.73
CA ALA F 58 -5.98 10.38 12.75
C ALA F 58 -7.03 11.47 12.90
N SER F 59 -6.66 12.56 13.55
CA SER F 59 -7.55 13.70 13.76
C SER F 59 -6.71 14.86 14.28
N THR F 60 -6.10 15.60 13.36
CA THR F 60 -5.24 16.73 13.70
C THR F 60 -5.93 17.77 14.58
N ARG F 61 -7.10 18.22 14.15
CA ARG F 61 -7.88 19.20 14.90
C ARG F 61 -8.02 18.73 16.35
N THR F 62 -8.30 17.44 16.50
CA THR F 62 -8.47 16.84 17.81
C THR F 62 -7.15 16.71 18.56
N ARG F 63 -6.10 16.33 17.85
CA ARG F 63 -4.80 16.17 18.50
C ARG F 63 -4.23 17.51 18.95
N VAL F 64 -4.35 18.53 18.11
CA VAL F 64 -3.85 19.85 18.47
C VAL F 64 -4.63 20.47 19.64
N SER F 65 -5.95 20.41 19.60
CA SER F 65 -6.73 20.99 20.71
C SER F 65 -6.47 20.32 22.04
N PHE F 66 -6.26 19.00 22.04
CA PHE F 66 -5.97 18.28 23.29
C PHE F 66 -4.54 18.55 23.77
N THR F 67 -3.60 18.64 22.85
CA THR F 67 -2.21 18.87 23.24
C THR F 67 -1.97 20.26 23.79
N VAL F 68 -2.52 21.28 23.13
CA VAL F 68 -2.36 22.65 23.62
C VAL F 68 -3.07 22.78 24.97
N ALA F 69 -4.18 22.05 25.14
CA ALA F 69 -4.92 22.12 26.40
C ALA F 69 -4.06 21.64 27.58
N MET F 70 -3.36 20.53 27.38
CA MET F 70 -2.51 20.01 28.45
C MET F 70 -1.33 20.94 28.68
N TYR F 71 -0.71 21.38 27.59
CA TYR F 71 0.45 22.28 27.69
C TYR F 71 0.10 23.53 28.53
N GLN F 72 -1.05 24.13 28.24
CA GLN F 72 -1.43 25.33 28.98
C GLN F 72 -1.73 25.01 30.44
N LEU F 73 -1.86 23.72 30.76
CA LEU F 73 -2.11 23.31 32.14
C LEU F 73 -0.78 22.94 32.82
N GLY F 74 0.33 23.03 32.09
CA GLY F 74 1.62 22.70 32.66
C GLY F 74 2.01 21.23 32.59
N GLY F 75 1.22 20.44 31.86
CA GLY F 75 1.52 19.02 31.74
C GLY F 75 2.18 18.67 30.42
N GLN F 76 2.53 17.39 30.26
CA GLN F 76 3.16 16.92 29.02
C GLN F 76 2.23 15.94 28.29
N VAL F 77 2.47 15.76 27.00
CA VAL F 77 1.63 14.84 26.26
C VAL F 77 2.46 13.96 25.34
N ILE F 78 1.97 12.77 25.08
CA ILE F 78 2.64 11.81 24.22
C ILE F 78 1.61 11.21 23.29
N ASP F 79 1.95 11.09 22.02
CA ASP F 79 1.05 10.50 21.03
C ASP F 79 1.37 9.02 20.94
N LEU F 80 0.35 8.17 21.10
CA LEU F 80 0.51 6.72 21.04
C LEU F 80 -0.26 6.13 19.87
N GLU F 91 -2.40 -7.00 19.94
CA GLU F 91 -2.31 -7.06 21.40
C GLU F 91 -3.61 -6.64 22.07
N PRO F 92 -4.08 -7.44 23.04
CA PRO F 92 -5.33 -7.13 23.75
C PRO F 92 -5.26 -5.75 24.43
N VAL F 93 -6.31 -4.95 24.25
CA VAL F 93 -6.35 -3.62 24.84
C VAL F 93 -6.16 -3.64 26.35
N ARG F 94 -6.65 -4.69 27.02
CA ARG F 94 -6.51 -4.78 28.46
C ARG F 94 -5.03 -4.78 28.85
N ASP F 95 -4.17 -5.27 27.96
CA ASP F 95 -2.74 -5.29 28.25
C ASP F 95 -2.21 -3.89 28.00
N THR F 96 -2.53 -3.37 26.81
CA THR F 96 -2.11 -2.03 26.41
C THR F 96 -2.52 -1.01 27.48
N ALA F 97 -3.79 -1.07 27.87
CA ALA F 97 -4.34 -0.15 28.87
C ALA F 97 -3.67 -0.25 30.22
N ARG F 98 -3.44 -1.47 30.70
CA ARG F 98 -2.80 -1.66 31.99
C ARG F 98 -1.37 -1.14 32.04
N VAL F 99 -0.61 -1.35 30.96
CA VAL F 99 0.76 -0.86 30.94
C VAL F 99 0.75 0.67 30.79
N LEU F 100 -0.11 1.16 29.89
CA LEU F 100 -0.22 2.61 29.70
C LEU F 100 -0.57 3.26 31.04
N GLY F 101 -1.45 2.62 31.80
CA GLY F 101 -1.83 3.15 33.11
C GLY F 101 -0.67 3.26 34.10
N ARG F 102 0.44 2.59 33.79
CA ARG F 102 1.63 2.62 34.65
C ARG F 102 2.62 3.71 34.24
N TYR F 103 2.43 4.28 33.05
CA TYR F 103 3.35 5.33 32.57
C TYR F 103 2.75 6.72 32.55
N VAL F 104 1.53 6.85 32.04
CA VAL F 104 0.88 8.15 31.96
C VAL F 104 -0.22 8.37 32.98
N ASP F 105 -0.74 9.59 33.00
CA ASP F 105 -1.75 9.97 33.97
C ASP F 105 -3.17 10.12 33.44
N GLY F 106 -3.32 10.10 32.12
CA GLY F 106 -4.65 10.23 31.53
C GLY F 106 -4.59 9.85 30.07
N LEU F 107 -5.71 9.43 29.51
CA LEU F 107 -5.75 9.04 28.12
C LEU F 107 -6.93 9.66 27.40
N ALA F 108 -6.66 10.23 26.24
CA ALA F 108 -7.69 10.80 25.38
C ALA F 108 -7.64 9.86 24.18
N ILE F 109 -8.71 9.12 23.95
CA ILE F 109 -8.70 8.20 22.85
C ILE F 109 -9.85 8.35 21.86
N ARG F 110 -9.50 8.11 20.60
CA ARG F 110 -10.44 8.19 19.49
C ARG F 110 -10.50 6.80 18.85
N THR F 111 -11.66 6.17 18.94
CA THR F 111 -11.86 4.85 18.35
C THR F 111 -13.19 4.89 17.62
N PHE F 112 -13.59 3.76 17.05
CA PHE F 112 -14.84 3.68 16.34
C PHE F 112 -15.91 3.14 17.27
N ALA F 113 -15.61 2.01 17.89
CA ALA F 113 -16.52 1.38 18.82
C ALA F 113 -16.42 1.93 20.23
N GLN F 114 -17.58 2.20 20.82
CA GLN F 114 -17.68 2.71 22.19
C GLN F 114 -17.20 1.65 23.18
N THR F 115 -17.51 0.39 22.89
CA THR F 115 -17.10 -0.71 23.77
C THR F 115 -15.59 -0.74 23.93
N GLU F 116 -14.88 -0.52 22.82
CA GLU F 116 -13.43 -0.52 22.89
C GLU F 116 -12.98 0.57 23.86
N LEU F 117 -13.63 1.73 23.77
CA LEU F 117 -13.29 2.85 24.63
C LEU F 117 -13.51 2.42 26.09
N GLU F 118 -14.61 1.72 26.34
CA GLU F 118 -14.91 1.24 27.68
C GLU F 118 -13.88 0.20 28.15
N GLU F 119 -13.39 -0.61 27.22
CA GLU F 119 -12.36 -1.61 27.54
C GLU F 119 -11.17 -0.87 28.18
N TYR F 120 -10.73 0.21 27.53
CA TYR F 120 -9.62 1.00 28.02
C TYR F 120 -9.92 1.58 29.40
N ALA F 121 -11.08 2.22 29.52
CA ALA F 121 -11.48 2.83 30.78
C ALA F 121 -11.55 1.77 31.88
N HIS F 122 -11.94 0.56 31.51
CA HIS F 122 -12.03 -0.53 32.47
C HIS F 122 -10.64 -0.94 32.98
N TYR F 123 -9.67 -1.06 32.08
CA TYR F 123 -8.33 -1.50 32.48
C TYR F 123 -7.23 -0.48 32.71
N ALA F 124 -7.41 0.75 32.23
CA ALA F 124 -6.36 1.75 32.39
C ALA F 124 -5.99 2.12 33.83
N GLY F 125 -6.99 2.24 34.70
CA GLY F 125 -6.69 2.64 36.07
C GLY F 125 -6.40 4.13 36.11
N ILE F 126 -6.64 4.80 34.99
CA ILE F 126 -6.45 6.24 34.89
C ILE F 126 -7.60 6.81 34.08
N PRO F 127 -7.86 8.12 34.21
CA PRO F 127 -8.95 8.77 33.47
C PRO F 127 -8.87 8.58 31.95
N VAL F 128 -9.99 8.21 31.35
CA VAL F 128 -10.07 8.04 29.91
C VAL F 128 -11.11 9.05 29.44
N ILE F 129 -10.77 9.77 28.38
CA ILE F 129 -11.66 10.78 27.82
C ILE F 129 -11.94 10.39 26.37
N ASN F 130 -13.20 10.49 25.97
CA ASN F 130 -13.59 10.15 24.61
C ASN F 130 -13.20 11.30 23.68
N ALA F 131 -12.15 11.08 22.88
CA ALA F 131 -11.72 12.10 21.94
C ALA F 131 -12.67 12.10 20.75
N LEU F 132 -13.37 10.97 20.57
CA LEU F 132 -14.33 10.80 19.47
C LEU F 132 -14.57 9.32 19.15
N THR F 133 -15.83 8.91 19.03
CA THR F 133 -16.16 7.53 18.66
C THR F 133 -17.32 7.59 17.68
N ASP F 134 -17.75 6.44 17.18
CA ASP F 134 -18.85 6.39 16.24
C ASP F 134 -20.14 6.77 16.95
N HIS F 135 -20.19 6.54 18.25
CA HIS F 135 -21.38 6.80 19.05
C HIS F 135 -21.55 8.20 19.62
N GLU F 136 -20.45 8.83 20.04
CA GLU F 136 -20.55 10.16 20.63
C GLU F 136 -19.32 11.04 20.49
N HIS F 137 -19.49 12.33 20.75
CA HIS F 137 -18.40 13.30 20.69
C HIS F 137 -18.68 14.35 21.78
N PRO F 138 -18.53 13.94 23.06
CA PRO F 138 -18.77 14.83 24.20
C PRO F 138 -17.97 16.13 24.32
N CYS F 139 -16.64 16.05 24.14
CA CYS F 139 -15.80 17.24 24.23
C CYS F 139 -16.24 18.31 23.20
N GLN F 140 -16.67 17.87 22.01
CA GLN F 140 -17.13 18.83 21.00
C GLN F 140 -18.37 19.58 21.52
N VAL F 141 -19.27 18.86 22.17
CA VAL F 141 -20.49 19.46 22.68
C VAL F 141 -20.26 20.37 23.90
N VAL F 142 -19.24 20.09 24.71
CA VAL F 142 -18.98 20.97 25.85
C VAL F 142 -18.45 22.26 25.24
N ALA F 143 -17.68 22.16 24.16
CA ALA F 143 -17.16 23.34 23.47
C ALA F 143 -18.34 24.11 22.88
N ASP F 144 -19.30 23.39 22.30
CA ASP F 144 -20.47 24.03 21.73
C ASP F 144 -21.31 24.77 22.79
N LEU F 145 -21.55 24.09 23.91
CA LEU F 145 -22.34 24.67 25.01
C LEU F 145 -21.67 25.95 25.51
N LEU F 146 -20.34 25.91 25.56
CA LEU F 146 -19.53 27.05 26.00
C LEU F 146 -19.72 28.21 25.02
N THR F 147 -19.72 27.89 23.73
CA THR F 147 -19.87 28.90 22.69
C THR F 147 -21.26 29.55 22.74
N ILE F 148 -22.28 28.72 22.89
CA ILE F 148 -23.65 29.21 22.95
C ILE F 148 -23.82 30.11 24.18
N ARG F 149 -23.25 29.70 25.30
CA ARG F 149 -23.35 30.48 26.54
C ARG F 149 -22.74 31.87 26.35
N GLU F 150 -21.59 31.94 25.68
CA GLU F 150 -20.93 33.22 25.44
C GLU F 150 -21.72 34.11 24.48
N ASN F 151 -22.49 33.51 23.58
CA ASN F 151 -23.28 34.31 22.65
C ASN F 151 -24.61 34.84 23.22
N PHE F 152 -25.37 33.99 23.90
CA PHE F 152 -26.67 34.42 24.42
C PHE F 152 -26.74 34.74 25.92
N GLY F 153 -25.62 34.58 26.63
CA GLY F 153 -25.61 34.88 28.06
C GLY F 153 -26.36 33.88 28.92
N ARG F 154 -26.76 32.77 28.33
CA ARG F 154 -27.50 31.75 29.07
C ARG F 154 -27.52 30.46 28.24
N LEU F 155 -28.22 29.44 28.75
CA LEU F 155 -28.35 28.17 28.05
C LEU F 155 -29.78 27.67 28.09
N ALA F 156 -30.35 27.62 29.30
CA ALA F 156 -31.71 27.15 29.50
C ALA F 156 -32.73 27.99 28.76
N GLY F 157 -33.77 27.35 28.25
CA GLY F 157 -34.79 28.08 27.52
C GLY F 157 -34.48 28.29 26.06
N LEU F 158 -33.21 28.21 25.69
CA LEU F 158 -32.80 28.39 24.30
C LEU F 158 -33.27 27.20 23.49
N LYS F 159 -33.23 27.31 22.16
CA LYS F 159 -33.63 26.20 21.31
C LYS F 159 -32.55 25.94 20.26
N LEU F 160 -32.12 24.68 20.17
CA LEU F 160 -31.08 24.29 19.21
C LEU F 160 -31.66 23.37 18.13
N ALA F 161 -31.39 23.69 16.87
CA ALA F 161 -31.88 22.85 15.78
C ALA F 161 -30.69 22.20 15.09
N TYR F 162 -30.69 20.88 15.05
CA TYR F 162 -29.63 20.15 14.39
C TYR F 162 -30.22 19.49 13.14
N VAL F 163 -29.62 19.78 12.00
CA VAL F 163 -30.06 19.24 10.72
C VAL F 163 -28.95 18.41 10.09
N GLY F 164 -29.32 17.21 9.64
CA GLY F 164 -28.35 16.34 9.01
C GLY F 164 -28.49 14.89 9.43
N ASP F 165 -27.35 14.22 9.57
CA ASP F 165 -27.30 12.81 9.96
C ASP F 165 -27.28 12.66 11.48
N GLY F 166 -28.14 11.80 12.00
CA GLY F 166 -28.19 11.58 13.44
C GLY F 166 -26.97 10.78 13.83
N ASN F 167 -25.85 11.48 14.01
CA ASN F 167 -24.57 10.87 14.34
C ASN F 167 -24.09 11.09 15.77
N ASN F 168 -22.80 10.83 15.98
CA ASN F 168 -22.17 10.98 17.29
C ASN F 168 -22.36 12.36 17.92
N VAL F 169 -22.15 13.43 17.16
CA VAL F 169 -22.31 14.77 17.71
C VAL F 169 -23.79 15.03 18.02
N ALA F 170 -24.67 14.48 17.20
CA ALA F 170 -26.11 14.64 17.40
C ALA F 170 -26.47 13.99 18.74
N HIS F 171 -25.89 12.84 19.02
CA HIS F 171 -26.16 12.15 20.28
C HIS F 171 -25.68 12.96 21.49
N SER F 172 -24.47 13.47 21.40
CA SER F 172 -23.94 14.25 22.51
C SER F 172 -24.72 15.56 22.69
N LEU F 173 -25.23 16.12 21.58
CA LEU F 173 -26.01 17.36 21.64
C LEU F 173 -27.34 17.10 22.32
N LEU F 174 -28.00 15.99 21.98
CA LEU F 174 -29.27 15.62 22.58
C LEU F 174 -29.08 15.55 24.10
N LEU F 175 -27.99 14.93 24.53
CA LEU F 175 -27.70 14.81 25.95
C LEU F 175 -27.29 16.15 26.57
N GLY F 176 -26.39 16.86 25.91
CA GLY F 176 -25.90 18.13 26.41
C GLY F 176 -26.98 19.17 26.57
N CYS F 177 -27.75 19.41 25.51
CA CYS F 177 -28.83 20.39 25.54
C CYS F 177 -29.83 20.06 26.64
N ALA F 178 -30.27 18.81 26.67
CA ALA F 178 -31.23 18.39 27.69
C ALA F 178 -30.71 18.72 29.09
N LYS F 179 -29.47 18.32 29.37
CA LYS F 179 -28.87 18.56 30.67
C LYS F 179 -28.85 20.01 31.10
N VAL F 180 -28.74 20.95 30.15
CA VAL F 180 -28.73 22.35 30.53
C VAL F 180 -30.07 23.02 30.31
N GLY F 181 -31.10 22.21 30.05
CA GLY F 181 -32.42 22.76 29.84
C GLY F 181 -32.63 23.48 28.52
N MET F 182 -31.77 23.21 27.54
CA MET F 182 -31.90 23.82 26.22
C MET F 182 -32.77 22.88 25.41
N SER F 183 -33.79 23.43 24.74
CA SER F 183 -34.67 22.61 23.93
C SER F 183 -33.90 22.26 22.66
N ILE F 184 -34.18 21.09 22.09
CA ILE F 184 -33.46 20.70 20.89
C ILE F 184 -34.32 19.92 19.91
N ALA F 185 -34.20 20.29 18.63
CA ALA F 185 -34.94 19.63 17.56
C ALA F 185 -33.93 19.13 16.53
N VAL F 186 -33.89 17.81 16.34
CA VAL F 186 -32.97 17.22 15.38
C VAL F 186 -33.76 16.65 14.20
N ALA F 187 -33.57 17.25 13.03
CA ALA F 187 -34.24 16.81 11.81
C ALA F 187 -33.25 16.01 10.96
N THR F 188 -33.62 14.79 10.62
CA THR F 188 -32.78 13.92 9.81
C THR F 188 -33.61 13.16 8.78
N PRO F 189 -32.95 12.57 7.78
CA PRO F 189 -33.69 11.81 6.77
C PRO F 189 -34.25 10.59 7.50
N GLU F 190 -35.34 10.02 7.00
CA GLU F 190 -35.96 8.87 7.64
C GLU F 190 -35.04 7.81 8.25
N GLY F 191 -34.22 7.15 7.45
CA GLY F 191 -33.36 6.13 8.01
C GLY F 191 -32.10 6.58 8.74
N PHE F 192 -31.95 7.90 8.94
CA PHE F 192 -30.75 8.40 9.62
C PHE F 192 -31.04 9.15 10.91
N THR F 193 -32.02 8.67 11.67
CA THR F 193 -32.39 9.29 12.93
C THR F 193 -31.37 8.89 13.99
N PRO F 194 -31.26 9.68 15.07
CA PRO F 194 -30.28 9.27 16.06
C PRO F 194 -30.74 8.03 16.83
N ASP F 195 -29.82 7.44 17.58
CA ASP F 195 -30.10 6.26 18.38
C ASP F 195 -31.31 6.52 19.29
N PRO F 196 -32.37 5.72 19.14
CA PRO F 196 -33.59 5.89 19.97
C PRO F 196 -33.25 5.94 21.45
N ALA F 197 -32.30 5.11 21.87
CA ALA F 197 -31.92 5.07 23.27
C ALA F 197 -31.40 6.42 23.78
N VAL F 198 -30.58 7.09 22.99
CA VAL F 198 -30.05 8.38 23.45
C VAL F 198 -31.17 9.42 23.46
N SER F 199 -32.06 9.37 22.47
CA SER F 199 -33.18 10.29 22.40
C SER F 199 -34.04 10.09 23.64
N ALA F 200 -34.40 8.83 23.90
CA ALA F 200 -35.21 8.47 25.06
C ALA F 200 -34.55 8.99 26.33
N ARG F 201 -33.24 8.82 26.41
CA ARG F 201 -32.48 9.26 27.56
C ARG F 201 -32.49 10.79 27.66
N ALA F 202 -32.40 11.46 26.52
CA ALA F 202 -32.41 12.92 26.48
C ALA F 202 -33.78 13.46 26.89
N SER F 203 -34.85 12.80 26.43
CA SER F 203 -36.20 13.22 26.77
C SER F 203 -36.42 13.10 28.28
N GLU F 204 -35.88 12.02 28.85
CA GLU F 204 -36.00 11.77 30.28
C GLU F 204 -35.34 12.90 31.06
N ILE F 205 -34.15 13.30 30.62
CA ILE F 205 -33.42 14.38 31.26
C ILE F 205 -34.18 15.70 31.11
N ALA F 206 -34.65 15.94 29.89
CA ALA F 206 -35.37 17.16 29.56
C ALA F 206 -36.62 17.37 30.41
N GLY F 207 -37.23 16.28 30.85
CA GLY F 207 -38.42 16.37 31.68
C GLY F 207 -38.09 17.09 32.97
N ARG F 208 -36.90 16.82 33.50
CA ARG F 208 -36.48 17.44 34.73
C ARG F 208 -35.98 18.86 34.55
N THR F 209 -35.43 19.17 33.37
CA THR F 209 -34.90 20.51 33.12
C THR F 209 -35.87 21.44 32.42
N GLY F 210 -37.05 20.96 32.09
CA GLY F 210 -38.05 21.78 31.43
C GLY F 210 -37.75 22.05 29.96
N ALA F 211 -36.92 21.20 29.36
CA ALA F 211 -36.55 21.34 27.95
C ALA F 211 -37.36 20.36 27.10
N GLU F 212 -37.54 20.68 25.83
CA GLU F 212 -38.30 19.76 24.98
C GLU F 212 -37.40 19.16 23.90
N VAL F 213 -37.45 17.84 23.77
CA VAL F 213 -36.65 17.13 22.78
C VAL F 213 -37.53 16.67 21.61
N GLN F 214 -37.16 17.05 20.39
CA GLN F 214 -37.90 16.65 19.20
C GLN F 214 -37.04 16.02 18.13
N ILE F 215 -37.37 14.80 17.73
CA ILE F 215 -36.63 14.14 16.66
C ILE F 215 -37.60 14.20 15.47
N LEU F 216 -37.23 15.01 14.48
CA LEU F 216 -38.08 15.24 13.31
C LEU F 216 -37.47 14.90 11.96
N ARG F 217 -38.25 15.18 10.93
CA ARG F 217 -37.88 14.94 9.55
C ARG F 217 -37.66 16.26 8.83
N ASP F 218 -38.63 17.18 8.93
CA ASP F 218 -38.53 18.48 8.28
C ASP F 218 -37.59 19.46 8.98
N PRO F 219 -36.49 19.85 8.31
CA PRO F 219 -35.51 20.78 8.87
C PRO F 219 -36.05 22.19 9.12
N PHE F 220 -37.03 22.61 8.33
CA PHE F 220 -37.62 23.94 8.50
C PHE F 220 -38.47 23.97 9.75
N GLU F 221 -39.10 22.84 10.06
CA GLU F 221 -39.90 22.72 11.27
C GLU F 221 -38.96 22.81 12.47
N ALA F 222 -37.83 22.11 12.35
CA ALA F 222 -36.82 22.10 13.39
C ALA F 222 -36.19 23.48 13.61
N ALA F 223 -35.93 24.18 12.52
CA ALA F 223 -35.31 25.51 12.58
C ALA F 223 -36.23 26.62 13.03
N ARG F 224 -37.54 26.38 12.96
CA ARG F 224 -38.50 27.40 13.36
C ARG F 224 -38.21 27.91 14.77
N GLY F 225 -37.93 29.21 14.88
CA GLY F 225 -37.65 29.83 16.16
C GLY F 225 -36.45 29.31 16.92
N ALA F 226 -35.48 28.75 16.21
CA ALA F 226 -34.28 28.23 16.86
C ALA F 226 -33.27 29.37 17.04
N HIS F 227 -32.49 29.28 18.12
CA HIS F 227 -31.48 30.28 18.41
C HIS F 227 -30.15 29.82 17.83
N ILE F 228 -30.04 28.52 17.60
CA ILE F 228 -28.84 27.95 17.05
C ILE F 228 -29.17 26.92 15.98
N LEU F 229 -28.54 27.05 14.82
CA LEU F 229 -28.71 26.10 13.73
C LEU F 229 -27.38 25.37 13.74
N TYR F 230 -27.42 24.04 13.85
CA TYR F 230 -26.22 23.22 13.92
C TYR F 230 -26.24 22.15 12.85
N THR F 231 -25.08 21.90 12.25
CA THR F 231 -25.00 20.84 11.26
C THR F 231 -23.61 20.21 11.23
N ASP F 232 -23.52 19.09 10.55
CA ASP F 232 -22.28 18.35 10.46
C ASP F 232 -22.27 17.74 9.07
N VAL F 233 -21.18 17.05 8.72
CA VAL F 233 -21.07 16.41 7.42
C VAL F 233 -22.06 15.26 7.28
N TRP F 234 -22.63 15.12 6.08
CA TRP F 234 -23.58 14.05 5.80
C TRP F 234 -22.85 12.72 5.88
N THR F 235 -23.55 11.63 5.64
CA THR F 235 -22.91 10.32 5.66
C THR F 235 -22.19 10.10 4.33
N HIS F 245 -28.82 9.50 -4.85
CA HIS F 245 -29.21 8.87 -3.59
C HIS F 245 -28.78 9.72 -2.40
N ARG F 246 -27.49 9.64 -2.06
CA ARG F 246 -26.93 10.40 -0.94
C ARG F 246 -27.28 11.88 -1.02
N LEU F 247 -27.26 12.45 -2.22
CA LEU F 247 -27.57 13.86 -2.39
C LEU F 247 -29.05 14.13 -2.18
N GLN F 248 -29.88 13.50 -3.00
CA GLN F 248 -31.33 13.69 -2.90
C GLN F 248 -31.83 13.41 -1.49
N LEU F 249 -31.09 12.56 -0.79
CA LEU F 249 -31.41 12.16 0.57
C LEU F 249 -31.15 13.25 1.63
N PHE F 250 -29.99 13.89 1.55
CA PHE F 250 -29.60 14.92 2.50
C PHE F 250 -29.69 16.36 2.00
N GLU F 251 -29.84 16.50 0.69
CA GLU F 251 -29.91 17.82 0.06
C GLU F 251 -30.72 18.88 0.81
N GLN F 252 -31.92 18.53 1.26
CA GLN F 252 -32.81 19.45 1.98
C GLN F 252 -32.28 19.84 3.36
N TYR F 253 -31.44 19.00 3.93
CA TYR F 253 -30.87 19.22 5.24
C TYR F 253 -29.61 20.06 5.11
N GLN F 254 -29.78 21.28 4.63
CA GLN F 254 -28.67 22.19 4.45
C GLN F 254 -28.98 23.52 5.11
N ILE F 255 -28.03 24.03 5.87
CA ILE F 255 -28.27 25.32 6.50
C ILE F 255 -27.79 26.37 5.51
N ASN F 256 -28.76 27.09 4.95
CA ASN F 256 -28.51 28.13 3.97
C ASN F 256 -29.34 29.34 4.37
N ALA F 257 -29.29 30.39 3.57
CA ALA F 257 -30.03 31.61 3.86
C ALA F 257 -31.50 31.33 4.15
N ALA F 258 -32.11 30.47 3.33
CA ALA F 258 -33.52 30.14 3.50
C ALA F 258 -33.81 29.50 4.86
N LEU F 259 -32.99 28.54 5.26
CA LEU F 259 -33.20 27.88 6.54
C LEU F 259 -32.98 28.87 7.68
N LEU F 260 -31.95 29.70 7.54
CA LEU F 260 -31.63 30.69 8.55
C LEU F 260 -32.79 31.68 8.72
N ASN F 261 -33.58 31.87 7.68
CA ASN F 261 -34.70 32.80 7.71
C ASN F 261 -35.87 32.33 8.57
N CYS F 262 -35.95 31.02 8.80
CA CYS F 262 -37.03 30.47 9.62
C CYS F 262 -36.69 30.42 11.10
N ALA F 263 -35.41 30.65 11.42
CA ALA F 263 -34.95 30.61 12.80
C ALA F 263 -35.06 31.97 13.48
N ALA F 264 -34.72 32.00 14.76
CA ALA F 264 -34.78 33.23 15.55
C ALA F 264 -33.95 34.33 14.90
N ALA F 265 -34.30 35.57 15.24
CA ALA F 265 -33.62 36.74 14.70
C ALA F 265 -32.14 36.79 15.05
N GLU F 266 -31.81 36.38 16.28
CA GLU F 266 -30.42 36.39 16.75
C GLU F 266 -29.79 35.00 16.64
N ALA F 267 -30.30 34.19 15.71
CA ALA F 267 -29.80 32.84 15.51
C ALA F 267 -28.34 32.82 15.11
N ILE F 268 -27.63 31.81 15.59
CA ILE F 268 -26.22 31.61 15.30
C ILE F 268 -26.09 30.25 14.61
N VAL F 269 -25.02 30.09 13.84
CA VAL F 269 -24.77 28.83 13.15
C VAL F 269 -23.50 28.16 13.66
N LEU F 270 -23.61 26.88 14.00
CA LEU F 270 -22.44 26.14 14.46
C LEU F 270 -22.20 24.97 13.53
N HIS F 271 -20.95 24.54 13.46
CA HIS F 271 -20.57 23.39 12.65
C HIS F 271 -19.28 22.85 13.29
N CYS F 272 -19.29 21.59 13.68
CA CYS F 272 -18.13 21.00 14.33
C CYS F 272 -16.91 20.83 13.45
N LEU F 273 -17.09 20.96 12.15
CA LEU F 273 -16.00 20.84 11.18
C LEU F 273 -15.55 19.40 11.07
N PRO F 274 -14.94 19.01 9.94
CA PRO F 274 -14.67 19.89 8.80
C PRO F 274 -15.98 20.07 8.04
N ALA F 275 -16.04 21.06 7.15
CA ALA F 275 -17.27 21.32 6.41
C ALA F 275 -17.15 21.06 4.92
N HIS F 276 -18.26 20.67 4.32
CA HIS F 276 -18.31 20.44 2.88
C HIS F 276 -19.20 21.51 2.27
N ARG F 277 -18.64 22.67 1.95
CA ARG F 277 -19.42 23.76 1.37
C ARG F 277 -20.24 23.23 0.20
N GLY F 278 -21.49 23.67 0.12
CA GLY F 278 -22.35 23.20 -0.96
C GLY F 278 -23.22 22.02 -0.57
N GLU F 279 -22.88 21.36 0.53
CA GLU F 279 -23.68 20.22 0.99
C GLU F 279 -24.50 20.60 2.22
N GLU F 280 -23.95 20.31 3.42
CA GLU F 280 -24.67 20.63 4.65
C GLU F 280 -24.77 22.12 4.94
N ILE F 281 -23.82 22.90 4.40
CA ILE F 281 -23.83 24.36 4.60
C ILE F 281 -23.29 25.07 3.36
N THR F 282 -23.77 26.30 3.14
CA THR F 282 -23.31 27.09 2.01
C THR F 282 -22.15 27.98 2.48
N ASP F 283 -21.32 28.41 1.54
CA ASP F 283 -20.19 29.26 1.88
C ASP F 283 -20.67 30.57 2.49
N GLU F 284 -21.75 31.10 1.93
CA GLU F 284 -22.34 32.36 2.38
C GLU F 284 -22.68 32.35 3.87
N VAL F 285 -23.27 31.27 4.34
CA VAL F 285 -23.62 31.18 5.75
C VAL F 285 -22.36 30.94 6.57
N MET F 286 -21.61 29.93 6.18
CA MET F 286 -20.37 29.57 6.86
C MET F 286 -19.44 30.76 7.05
N GLU F 287 -19.38 31.64 6.06
CA GLU F 287 -18.51 32.81 6.14
C GLU F 287 -19.32 34.02 6.54
N GLY F 288 -20.65 33.87 6.59
CA GLY F 288 -21.53 34.96 6.95
C GLY F 288 -21.34 35.48 8.36
N PRO F 289 -22.12 36.48 8.78
CA PRO F 289 -22.06 37.09 10.12
C PRO F 289 -22.76 36.33 11.24
N ARG F 290 -23.53 35.31 10.90
CA ARG F 290 -24.24 34.53 11.91
C ARG F 290 -23.38 33.33 12.37
N SER F 291 -22.29 33.10 11.67
CA SER F 291 -21.40 31.99 11.98
C SER F 291 -20.51 32.19 13.20
N ARG F 292 -20.42 31.16 14.03
CA ARG F 292 -19.56 31.21 15.21
C ARG F 292 -18.70 29.96 15.22
N ILE F 293 -18.49 29.42 14.02
CA ILE F 293 -17.70 28.21 13.78
C ILE F 293 -16.26 28.26 14.26
N TRP F 294 -15.59 29.40 14.06
CA TRP F 294 -14.19 29.54 14.48
C TRP F 294 -14.09 29.68 15.99
N ASP F 295 -15.04 30.40 16.60
CA ASP F 295 -15.04 30.58 18.05
C ASP F 295 -15.32 29.19 18.63
N GLU F 296 -16.30 28.50 18.04
CA GLU F 296 -16.70 27.16 18.44
C GLU F 296 -15.48 26.23 18.40
N ALA F 297 -14.69 26.36 17.33
CA ALA F 297 -13.49 25.54 17.15
C ALA F 297 -12.44 25.83 18.22
N GLU F 298 -12.29 27.11 18.55
CA GLU F 298 -11.33 27.49 19.58
C GLU F 298 -11.75 27.00 20.96
N ASN F 299 -13.06 26.92 21.21
CA ASN F 299 -13.53 26.48 22.51
C ASN F 299 -13.26 25.02 22.82
N ARG F 300 -12.84 24.26 21.80
CA ARG F 300 -12.48 22.87 22.00
C ARG F 300 -11.32 22.85 22.99
N LEU F 301 -10.38 23.78 22.80
CA LEU F 301 -9.22 23.91 23.68
C LEU F 301 -9.64 24.27 25.10
N HIS F 302 -10.47 25.31 25.24
CA HIS F 302 -10.91 25.74 26.56
C HIS F 302 -11.78 24.69 27.25
N ALA F 303 -12.64 24.02 26.48
CA ALA F 303 -13.49 22.99 27.05
C ALA F 303 -12.62 21.83 27.51
N GLN F 304 -11.72 21.39 26.64
CA GLN F 304 -10.83 20.27 26.94
C GLN F 304 -9.90 20.54 28.12
N LYS F 305 -9.50 21.80 28.30
CA LYS F 305 -8.67 22.15 29.44
C LYS F 305 -9.48 21.87 30.72
N ALA F 306 -10.74 22.25 30.70
CA ALA F 306 -11.57 22.02 31.87
C ALA F 306 -11.77 20.53 32.11
N VAL F 307 -11.92 19.74 31.04
CA VAL F 307 -12.11 18.30 31.26
C VAL F 307 -10.85 17.68 31.86
N LEU F 308 -9.69 18.05 31.33
CA LEU F 308 -8.41 17.55 31.83
C LEU F 308 -8.23 17.88 33.32
N ALA F 309 -8.36 19.17 33.63
CA ALA F 309 -8.21 19.65 35.00
C ALA F 309 -9.20 18.95 35.94
N ALA F 310 -10.44 18.81 35.49
CA ALA F 310 -11.48 18.18 36.31
C ALA F 310 -11.22 16.70 36.58
N LEU F 311 -10.81 15.94 35.57
CA LEU F 311 -10.57 14.50 35.77
C LEU F 311 -9.16 14.12 36.23
N MET F 312 -8.18 14.96 35.94
CA MET F 312 -6.78 14.69 36.31
C MET F 312 -6.28 15.63 37.41
N GLY F 313 -7.01 16.72 37.65
CA GLY F 313 -6.63 17.69 38.65
C GLY F 313 -6.16 17.13 39.98
#